data_1FDJ
#
_entry.id   1FDJ
#
_cell.length_a   377.250
_cell.length_b   130.540
_cell.length_c   80.030
_cell.angle_alpha   90.00
_cell.angle_beta   90.00
_cell.angle_gamma   90.00
#
_symmetry.space_group_name_H-M   'C 2 2 21'
#
loop_
_entity.id
_entity.type
_entity.pdbx_description
1 polymer 'FRUCTOSE 1,6-BISPHOSPHATE ALDOLASE'
2 non-polymer 'SULFATE ION'
3 non-polymer '1,6-FRUCTOSE DIPHOSPHATE (LINEAR FORM)'
4 non-polymer 1,3-DIHYDROXYACETONEPHOSPHATE
5 non-polymer SN-GLYCEROL-3-PHOSPHATE
6 water water
#
_entity_poly.entity_id   1
_entity_poly.type   'polypeptide(L)'
_entity_poly.pdbx_seq_one_letter_code
;AHRFPALTPEQKKELSDIAQRIVANGKGILAADESVGTMGNRLQRIKVENSEENRRQFREILFTVDNSINQSIGGVILFH
ETLYQKDSQGKLFRNILKEKGIVVGIKLDQGGAPLAGTNKETTIQGLDGLSERCAQYKKDGVDFGKWRAVLRIADQCPSS
LAIQENANTLARYASICQQNGLVPIVEPEVIPDGDHDLEHCQYVTEKVLAAVYKALNDHHVYLEGTLLKPNMVTAGHACT
KKYTPEQVAMATVTALHRTVPAAVPGICFLSGGMSEEDATLNLNAINLCPLPKPWKLSFSYGRALQASALAAWGGKAENK
KATQEAFMKRAVVNCQAAKGQYVHTGSSGAASTQSLFTASYTY
;
_entity_poly.pdbx_strand_id   A,B,C,D
#
loop_
_chem_comp.id
_chem_comp.type
_chem_comp.name
_chem_comp.formula
13P non-polymer 1,3-DIHYDROXYACETONEPHOSPHATE 'C3 H7 O6 P'
2FP saccharide '1,6-FRUCTOSE DIPHOSPHATE (LINEAR FORM)' 'C6 H14 O12 P2'
G3P non-polymer SN-GLYCEROL-3-PHOSPHATE 'C3 H9 O6 P'
SO4 non-polymer 'SULFATE ION' 'O4 S -2'
#
# COMPACT_ATOMS: atom_id res chain seq x y z
N ALA A 1 10.12 25.01 43.84
CA ALA A 1 10.32 24.12 45.02
C ALA A 1 11.80 23.87 45.23
N HIS A 2 12.53 23.71 44.13
CA HIS A 2 13.97 23.45 44.22
C HIS A 2 14.77 24.65 44.74
N ARG A 3 14.11 25.79 44.92
CA ARG A 3 14.78 27.00 45.39
C ARG A 3 14.83 27.09 46.90
N PHE A 4 14.26 26.11 47.59
CA PHE A 4 14.24 26.09 49.05
C PHE A 4 14.86 24.78 49.54
N PRO A 5 16.17 24.58 49.32
CA PRO A 5 16.83 23.36 49.76
C PRO A 5 16.76 23.14 51.27
N ALA A 6 16.53 21.89 51.66
CA ALA A 6 16.44 21.55 53.06
C ALA A 6 17.79 21.66 53.78
N LEU A 7 18.86 21.33 53.08
CA LEU A 7 20.20 21.36 53.67
C LEU A 7 21.19 22.05 52.76
N THR A 8 22.31 22.49 53.34
CA THR A 8 23.37 23.12 52.57
C THR A 8 24.41 22.03 52.30
N PRO A 9 25.29 22.25 51.31
CA PRO A 9 26.31 21.26 50.97
C PRO A 9 27.10 20.82 52.21
N GLU A 10 27.40 21.77 53.11
CA GLU A 10 28.14 21.48 54.33
C GLU A 10 27.35 20.57 55.26
N GLN A 11 26.05 20.79 55.35
CA GLN A 11 25.20 19.97 56.19
C GLN A 11 25.14 18.55 55.61
N LYS A 12 25.06 18.45 54.29
CA LYS A 12 25.00 17.17 53.58
C LYS A 12 26.32 16.42 53.76
N LYS A 13 27.41 17.16 53.61
CA LYS A 13 28.75 16.62 53.76
C LYS A 13 28.96 15.94 55.13
N GLU A 14 28.62 16.64 56.21
CA GLU A 14 28.79 16.07 57.55
C GLU A 14 27.91 14.85 57.79
N LEU A 15 26.69 14.89 57.27
CA LEU A 15 25.78 13.77 57.42
C LEU A 15 26.31 12.50 56.76
N SER A 16 26.77 12.62 55.52
CA SER A 16 27.30 11.46 54.81
C SER A 16 28.60 10.95 55.45
N ASP A 17 29.43 11.87 55.95
CA ASP A 17 30.69 11.49 56.59
C ASP A 17 30.41 10.58 57.79
N ILE A 18 29.38 10.92 58.57
CA ILE A 18 29.01 10.15 59.76
C ILE A 18 28.37 8.80 59.41
N ALA A 19 27.40 8.82 58.50
CA ALA A 19 26.68 7.62 58.08
C ALA A 19 27.62 6.54 57.56
N GLN A 20 28.59 6.97 56.77
CA GLN A 20 29.58 6.06 56.21
C GLN A 20 30.57 5.56 57.26
N ARG A 21 30.97 6.46 58.15
CA ARG A 21 31.93 6.09 59.19
C ARG A 21 31.39 5.00 60.09
N ILE A 22 30.09 5.04 60.38
CA ILE A 22 29.48 4.04 61.23
C ILE A 22 29.52 2.62 60.63
N VAL A 23 29.33 2.52 59.31
CA VAL A 23 29.30 1.20 58.67
C VAL A 23 30.53 0.84 57.86
N ALA A 24 31.59 1.63 58.00
CA ALA A 24 32.82 1.38 57.28
C ALA A 24 33.44 0.04 57.66
N ASN A 25 34.20 -0.54 56.74
CA ASN A 25 34.93 -1.79 56.95
C ASN A 25 34.15 -3.02 57.42
N GLY A 26 32.83 -2.92 57.49
CA GLY A 26 32.05 -4.05 57.95
C GLY A 26 31.66 -3.92 59.41
N LYS A 27 31.88 -2.74 59.97
CA LYS A 27 31.54 -2.47 61.36
C LYS A 27 30.03 -2.41 61.56
N GLY A 28 29.59 -2.69 62.78
CA GLY A 28 28.18 -2.65 63.10
C GLY A 28 27.88 -1.70 64.23
N ILE A 29 26.69 -1.81 64.80
CA ILE A 29 26.26 -0.95 65.89
C ILE A 29 25.81 -1.74 67.11
N LEU A 30 26.21 -1.29 68.29
CA LEU A 30 25.81 -1.92 69.53
C LEU A 30 24.63 -1.09 69.99
N ALA A 31 23.45 -1.71 70.00
CA ALA A 31 22.25 -1.01 70.45
C ALA A 31 22.12 -1.21 71.95
N ALA A 32 22.80 -0.35 72.72
CA ALA A 32 22.76 -0.42 74.18
C ALA A 32 21.83 0.66 74.73
N ASP A 33 20.66 0.81 74.12
CA ASP A 33 19.71 1.85 74.51
C ASP A 33 18.50 1.40 75.33
N GLU A 34 18.60 0.21 75.93
CA GLU A 34 17.53 -0.32 76.76
C GLU A 34 17.20 0.68 77.86
N SER A 35 15.93 1.07 77.95
CA SER A 35 15.51 2.02 78.98
C SER A 35 15.63 1.40 80.37
N VAL A 36 15.34 2.18 81.41
CA VAL A 36 15.43 1.66 82.77
C VAL A 36 14.60 0.38 82.88
N GLY A 37 13.33 0.47 82.49
CA GLY A 37 12.45 -0.69 82.57
C GLY A 37 13.00 -1.90 81.85
N THR A 38 13.28 -1.76 80.56
CA THR A 38 13.82 -2.84 79.74
C THR A 38 15.09 -3.43 80.35
N MET A 39 15.98 -2.56 80.83
CA MET A 39 17.22 -3.00 81.44
C MET A 39 16.92 -3.77 82.72
N GLY A 40 15.79 -3.43 83.34
CA GLY A 40 15.36 -4.12 84.54
C GLY A 40 15.04 -5.57 84.24
N ASN A 41 14.42 -5.81 83.10
N ASN A 41 14.42 -5.80 83.09
CA ASN A 41 14.07 -7.17 82.68
CA ASN A 41 14.07 -7.15 82.66
C ASN A 41 15.34 -7.98 82.44
C ASN A 41 15.34 -7.96 82.43
N ARG A 42 16.34 -7.34 81.85
N ARG A 42 16.35 -7.31 81.85
CA ARG A 42 17.62 -7.98 81.56
CA ARG A 42 17.63 -7.96 81.57
C ARG A 42 18.27 -8.40 82.87
C ARG A 42 18.30 -8.38 82.88
N LEU A 43 18.49 -7.42 83.74
N LEU A 43 18.48 -7.41 83.76
CA LEU A 43 19.11 -7.65 85.04
CA LEU A 43 19.11 -7.65 85.06
C LEU A 43 18.35 -8.67 85.88
C LEU A 43 18.35 -8.67 85.89
N GLN A 44 17.03 -8.70 85.75
CA GLN A 44 16.21 -9.63 86.50
C GLN A 44 16.56 -11.08 86.17
N ARG A 45 16.88 -11.35 84.91
CA ARG A 45 17.22 -12.70 84.48
C ARG A 45 18.51 -13.26 85.11
N ILE A 46 19.37 -12.37 85.59
CA ILE A 46 20.62 -12.79 86.23
C ILE A 46 20.59 -12.54 87.74
N LYS A 47 19.39 -12.34 88.28
CA LYS A 47 19.16 -12.10 89.70
C LYS A 47 19.84 -10.84 90.24
N VAL A 48 19.91 -9.81 89.42
CA VAL A 48 20.53 -8.54 89.80
C VAL A 48 19.43 -7.48 89.91
N GLU A 49 19.61 -6.57 90.85
CA GLU A 49 18.64 -5.50 91.07
C GLU A 49 18.75 -4.42 90.00
N ASN A 50 17.61 -3.87 89.60
CA ASN A 50 17.56 -2.81 88.60
C ASN A 50 17.75 -1.44 89.25
N SER A 51 19.00 -1.01 89.33
CA SER A 51 19.32 0.29 89.92
C SER A 51 20.29 0.98 88.97
N GLU A 52 20.25 2.31 88.95
CA GLU A 52 21.13 3.09 88.08
C GLU A 52 22.59 2.66 88.21
N GLU A 53 22.99 2.25 89.41
CA GLU A 53 24.36 1.82 89.66
C GLU A 53 24.72 0.51 88.97
N ASN A 54 23.80 -0.47 89.00
CA ASN A 54 24.04 -1.76 88.37
C ASN A 54 24.01 -1.63 86.84
N ARG A 55 23.14 -0.76 86.34
CA ARG A 55 23.04 -0.53 84.90
C ARG A 55 24.36 0.06 84.48
N ARG A 56 24.76 1.13 85.14
CA ARG A 56 26.01 1.81 84.86
C ARG A 56 27.20 0.85 84.90
N GLN A 57 27.21 -0.02 85.91
CA GLN A 57 28.30 -0.98 86.08
C GLN A 57 28.45 -1.90 84.87
N PHE A 58 27.33 -2.36 84.31
CA PHE A 58 27.40 -3.24 83.16
C PHE A 58 27.86 -2.49 81.91
N ARG A 59 27.23 -1.35 81.64
CA ARG A 59 27.59 -0.55 80.47
C ARG A 59 29.06 -0.16 80.52
N GLU A 60 29.57 0.07 81.74
CA GLU A 60 30.95 0.44 81.95
C GLU A 60 31.89 -0.62 81.43
N ILE A 61 31.59 -1.88 81.77
CA ILE A 61 32.40 -3.01 81.34
C ILE A 61 32.43 -3.15 79.81
N LEU A 62 31.31 -2.86 79.15
CA LEU A 62 31.26 -2.98 77.69
C LEU A 62 32.07 -1.90 77.00
N PHE A 63 31.93 -0.66 77.47
CA PHE A 63 32.61 0.49 76.88
C PHE A 63 34.11 0.58 77.14
N THR A 64 34.58 -0.10 78.19
CA THR A 64 36.00 -0.04 78.53
C THR A 64 36.82 -1.24 78.04
N VAL A 65 36.20 -2.08 77.22
CA VAL A 65 36.87 -3.25 76.68
C VAL A 65 38.06 -2.80 75.81
N ASP A 66 38.92 -3.73 75.45
CA ASP A 66 40.09 -3.45 74.61
C ASP A 66 39.74 -2.56 73.41
N ASN A 67 40.58 -1.56 73.15
CA ASN A 67 40.37 -0.62 72.04
C ASN A 67 40.20 -1.32 70.70
N SER A 68 40.49 -2.61 70.67
CA SER A 68 40.36 -3.40 69.46
C SER A 68 38.92 -3.40 68.91
N ILE A 69 37.92 -3.19 69.78
CA ILE A 69 36.54 -3.18 69.32
C ILE A 69 36.24 -2.14 68.26
N ASN A 70 37.12 -1.15 68.08
CA ASN A 70 36.87 -0.15 67.04
C ASN A 70 37.02 -0.74 65.64
N GLN A 71 37.33 -2.03 65.57
CA GLN A 71 37.47 -2.74 64.31
C GLN A 71 36.17 -3.44 63.95
N SER A 72 35.30 -3.61 64.94
CA SER A 72 34.02 -4.28 64.75
C SER A 72 32.81 -3.39 65.00
N ILE A 73 32.93 -2.47 65.94
CA ILE A 73 31.82 -1.58 66.29
C ILE A 73 32.16 -0.15 65.84
N GLY A 74 31.29 0.43 65.01
CA GLY A 74 31.51 1.79 64.53
C GLY A 74 30.59 2.81 65.18
N GLY A 75 29.60 2.31 65.92
CA GLY A 75 28.68 3.19 66.60
C GLY A 75 27.99 2.48 67.74
N VAL A 76 27.47 3.24 68.68
CA VAL A 76 26.76 2.68 69.84
C VAL A 76 25.58 3.57 70.19
N ILE A 77 24.40 2.97 70.33
CA ILE A 77 23.20 3.73 70.66
C ILE A 77 23.04 3.70 72.18
N LEU A 78 22.92 4.87 72.77
CA LEU A 78 22.77 5.00 74.22
C LEU A 78 21.41 5.51 74.65
N PHE A 79 21.03 5.15 75.87
CA PHE A 79 19.80 5.62 76.47
C PHE A 79 20.26 6.93 77.14
N HIS A 80 19.40 7.95 77.16
CA HIS A 80 19.72 9.25 77.74
C HIS A 80 20.58 9.23 79.02
N GLU A 81 20.13 8.46 80.00
CA GLU A 81 20.81 8.30 81.29
C GLU A 81 22.31 8.05 81.15
N THR A 82 22.66 7.08 80.31
CA THR A 82 24.05 6.67 80.08
C THR A 82 24.94 7.69 79.39
N LEU A 83 24.34 8.61 78.64
CA LEU A 83 25.09 9.63 77.91
C LEU A 83 25.82 10.58 78.88
N TYR A 84 25.35 10.65 80.12
CA TYR A 84 25.95 11.53 81.12
C TYR A 84 26.65 10.81 82.27
N GLN A 85 26.73 9.48 82.20
CA GLN A 85 27.39 8.71 83.25
C GLN A 85 28.91 8.67 83.05
N LYS A 86 29.61 8.07 84.00
CA LYS A 86 31.06 7.98 83.96
C LYS A 86 31.52 6.61 84.41
N ASP A 87 32.76 6.26 84.09
CA ASP A 87 33.33 4.99 84.52
C ASP A 87 33.83 5.18 85.96
N SER A 88 34.47 4.17 86.51
CA SER A 88 34.97 4.24 87.88
C SER A 88 36.17 5.18 88.08
N GLN A 89 36.54 5.93 87.04
CA GLN A 89 37.67 6.86 87.12
C GLN A 89 37.25 8.29 86.75
N GLY A 90 35.95 8.55 86.72
CA GLY A 90 35.47 9.88 86.40
C GLY A 90 35.45 10.24 84.92
N LYS A 91 35.81 9.29 84.06
CA LYS A 91 35.80 9.51 82.61
C LYS A 91 34.39 9.33 82.10
N LEU A 92 33.89 10.29 81.33
CA LEU A 92 32.55 10.19 80.75
C LEU A 92 32.57 9.09 79.70
N PHE A 93 31.58 8.21 79.74
CA PHE A 93 31.45 7.12 78.78
C PHE A 93 31.54 7.58 77.32
N ARG A 94 30.82 8.65 76.99
CA ARG A 94 30.82 9.19 75.65
C ARG A 94 32.21 9.58 75.17
N ASN A 95 33.05 10.03 76.09
CA ASN A 95 34.40 10.41 75.73
C ASN A 95 35.30 9.18 75.61
N ILE A 96 34.97 8.13 76.35
CA ILE A 96 35.73 6.88 76.28
C ILE A 96 35.50 6.32 74.88
N LEU A 97 34.23 6.22 74.50
CA LEU A 97 33.83 5.72 73.19
C LEU A 97 34.50 6.50 72.06
N LYS A 98 34.46 7.82 72.14
CA LYS A 98 35.05 8.68 71.15
C LYS A 98 36.56 8.58 70.99
N GLU A 99 37.28 8.38 72.09
CA GLU A 99 38.73 8.26 72.03
C GLU A 99 39.13 7.05 71.19
N LYS A 100 38.28 6.03 71.16
CA LYS A 100 38.52 4.82 70.38
C LYS A 100 38.06 4.97 68.95
N GLY A 101 37.34 6.06 68.66
CA GLY A 101 36.87 6.30 67.32
C GLY A 101 35.52 5.67 67.06
N ILE A 102 34.69 5.62 68.09
CA ILE A 102 33.36 5.04 67.98
C ILE A 102 32.33 6.16 68.03
N VAL A 103 31.40 6.13 67.08
CA VAL A 103 30.37 7.15 67.00
C VAL A 103 29.24 6.85 68.00
N VAL A 104 28.86 7.88 68.75
CA VAL A 104 27.82 7.81 69.78
C VAL A 104 26.47 8.28 69.25
N GLY A 105 25.44 7.48 69.52
CA GLY A 105 24.08 7.79 69.10
C GLY A 105 23.15 7.82 70.28
N ILE A 106 21.94 8.32 70.08
CA ILE A 106 20.97 8.43 71.15
C ILE A 106 19.55 8.08 70.69
N LYS A 107 18.82 7.33 71.53
CA LYS A 107 17.43 6.95 71.23
C LYS A 107 16.60 8.21 71.35
N LEU A 108 15.82 8.51 70.32
CA LEU A 108 15.03 9.74 70.32
C LEU A 108 13.52 9.61 70.47
N ASP A 109 12.97 8.43 70.28
CA ASP A 109 11.53 8.30 70.39
C ASP A 109 11.10 8.11 71.84
N GLN A 110 9.83 8.39 72.11
CA GLN A 110 9.29 8.26 73.45
C GLN A 110 8.15 7.25 73.53
N GLY A 111 8.32 6.13 72.85
CA GLY A 111 7.32 5.09 72.88
C GLY A 111 6.13 5.30 71.97
N GLY A 112 5.21 4.34 72.00
CA GLY A 112 4.02 4.40 71.16
C GLY A 112 2.76 4.92 71.80
N ALA A 113 1.84 5.37 70.96
CA ALA A 113 0.55 5.90 71.39
C ALA A 113 -0.50 5.20 70.53
N PRO A 114 -1.63 4.80 71.14
CA PRO A 114 -2.73 4.11 70.47
C PRO A 114 -3.40 4.89 69.35
N LEU A 115 -3.73 4.18 68.27
CA LEU A 115 -4.43 4.75 67.14
C LEU A 115 -5.85 4.26 67.29
N ALA A 116 -6.78 5.17 67.53
CA ALA A 116 -8.18 4.81 67.71
C ALA A 116 -8.78 4.27 66.43
N GLY A 117 -9.67 3.29 66.58
CA GLY A 117 -10.33 2.71 65.43
C GLY A 117 -9.51 1.74 64.63
N THR A 118 -8.56 1.09 65.28
CA THR A 118 -7.72 0.10 64.59
C THR A 118 -7.70 -1.10 65.52
N ASN A 119 -7.03 -2.15 65.10
CA ASN A 119 -6.93 -3.34 65.92
C ASN A 119 -5.61 -3.27 66.70
N LYS A 120 -5.64 -2.54 67.81
CA LYS A 120 -4.47 -2.38 68.67
C LYS A 120 -3.18 -1.92 67.97
N GLU A 121 -3.30 -0.95 67.07
CA GLU A 121 -2.14 -0.43 66.36
C GLU A 121 -1.72 0.90 66.95
N THR A 122 -0.43 1.20 66.85
CA THR A 122 0.12 2.43 67.42
C THR A 122 0.89 3.33 66.45
N THR A 123 1.28 4.48 66.98
CA THR A 123 2.08 5.45 66.26
C THR A 123 3.13 5.78 67.32
N ILE A 124 4.10 6.63 67.03
CA ILE A 124 5.14 6.95 68.02
C ILE A 124 5.20 8.42 68.40
N GLN A 125 5.45 8.70 69.68
CA GLN A 125 5.56 10.07 70.19
C GLN A 125 7.02 10.50 70.29
N GLY A 126 7.27 11.80 70.41
CA GLY A 126 8.62 12.29 70.53
C GLY A 126 9.01 13.50 69.69
N LEU A 127 8.13 13.97 68.82
CA LEU A 127 8.44 15.11 67.97
C LEU A 127 8.53 16.45 68.68
N ASP A 128 7.71 16.64 69.71
CA ASP A 128 7.69 17.89 70.46
C ASP A 128 9.02 18.20 71.10
N GLY A 129 9.64 19.28 70.67
CA GLY A 129 10.92 19.69 71.21
C GLY A 129 12.07 18.83 70.74
N LEU A 130 11.85 18.05 69.68
CA LEU A 130 12.90 17.18 69.17
C LEU A 130 14.08 18.01 68.65
N SER A 131 13.80 19.17 68.09
CA SER A 131 14.87 20.02 67.55
C SER A 131 15.84 20.51 68.63
N GLU A 132 15.30 21.09 69.69
CA GLU A 132 16.11 21.59 70.80
C GLU A 132 16.92 20.47 71.42
N ARG A 133 16.28 19.32 71.59
CA ARG A 133 16.93 18.15 72.16
C ARG A 133 18.07 17.67 71.26
N CYS A 134 17.86 17.65 69.95
CA CYS A 134 18.88 17.23 69.00
C CYS A 134 20.07 18.19 69.00
N ALA A 135 19.79 19.48 69.05
CA ALA A 135 20.87 20.48 69.07
C ALA A 135 21.71 20.27 70.32
N GLN A 136 21.03 20.05 71.45
CA GLN A 136 21.68 19.83 72.72
C GLN A 136 22.52 18.57 72.69
N TYR A 137 21.93 17.46 72.23
CA TYR A 137 22.63 16.19 72.12
C TYR A 137 23.86 16.37 71.26
N LYS A 138 23.72 17.18 70.21
CA LYS A 138 24.81 17.46 69.30
C LYS A 138 25.98 18.09 70.04
N LYS A 139 25.70 19.03 70.95
CA LYS A 139 26.74 19.67 71.74
C LYS A 139 27.40 18.65 72.68
N ASP A 140 26.60 17.72 73.19
CA ASP A 140 27.06 16.68 74.10
C ASP A 140 27.70 15.46 73.46
N GLY A 141 28.14 15.60 72.21
CA GLY A 141 28.82 14.51 71.52
C GLY A 141 28.04 13.45 70.77
N VAL A 142 26.74 13.62 70.58
CA VAL A 142 25.98 12.62 69.84
C VAL A 142 26.00 12.98 68.35
N ASP A 143 26.16 11.97 67.49
CA ASP A 143 26.20 12.21 66.06
C ASP A 143 25.06 11.56 65.26
N PHE A 144 24.28 10.70 65.91
CA PHE A 144 23.18 10.05 65.24
C PHE A 144 22.04 9.67 66.17
N GLY A 145 20.81 9.66 65.65
CA GLY A 145 19.65 9.33 66.44
C GLY A 145 19.03 8.02 66.01
N LYS A 146 18.03 7.55 66.74
CA LYS A 146 17.35 6.30 66.44
C LYS A 146 15.89 6.39 66.87
N TRP A 147 14.98 6.15 65.92
CA TRP A 147 13.54 6.20 66.18
C TRP A 147 12.95 4.88 65.75
N ARG A 148 12.23 4.23 66.64
CA ARG A 148 11.63 2.94 66.36
C ARG A 148 10.11 2.97 66.19
N ALA A 149 9.65 2.55 65.01
CA ALA A 149 8.23 2.49 64.70
C ALA A 149 7.88 1.01 64.72
N VAL A 150 6.68 0.71 65.18
CA VAL A 150 6.22 -0.66 65.28
C VAL A 150 4.99 -0.91 64.43
N LEU A 151 5.08 -1.93 63.58
CA LEU A 151 3.99 -2.34 62.71
C LEU A 151 3.76 -3.81 63.07
N ARG A 152 2.50 -4.19 63.20
CA ARG A 152 2.18 -5.57 63.55
C ARG A 152 1.45 -6.24 62.40
N ILE A 153 1.55 -7.57 62.36
CA ILE A 153 0.89 -8.38 61.35
C ILE A 153 -0.19 -9.15 62.09
N ALA A 154 -1.45 -8.87 61.77
CA ALA A 154 -2.59 -9.51 62.41
C ALA A 154 -3.87 -9.22 61.63
N ASP A 155 -5.02 -9.51 62.25
CA ASP A 155 -6.30 -9.26 61.62
C ASP A 155 -6.44 -7.75 61.41
N GLN A 156 -6.45 -7.32 60.14
CA GLN A 156 -6.57 -5.92 59.77
C GLN A 156 -5.30 -5.13 60.05
N CYS A 157 -4.20 -5.84 60.25
CA CYS A 157 -2.92 -5.22 60.53
C CYS A 157 -1.84 -5.77 59.60
N PRO A 158 -0.97 -4.89 59.09
CA PRO A 158 -1.00 -3.45 59.37
C PRO A 158 -2.01 -2.72 58.48
N SER A 159 -2.69 -1.74 59.05
CA SER A 159 -3.68 -0.96 58.32
C SER A 159 -2.94 0.16 57.58
N SER A 160 -3.59 0.73 56.59
CA SER A 160 -2.96 1.81 55.85
C SER A 160 -2.78 3.04 56.73
N LEU A 161 -3.65 3.20 57.72
CA LEU A 161 -3.57 4.32 58.65
C LEU A 161 -2.28 4.16 59.43
N ALA A 162 -2.09 2.97 59.99
CA ALA A 162 -0.89 2.66 60.77
C ALA A 162 0.36 2.86 59.94
N ILE A 163 0.35 2.37 58.71
CA ILE A 163 1.49 2.50 57.81
C ILE A 163 1.80 3.94 57.44
N GLN A 164 0.79 4.71 57.07
CA GLN A 164 1.02 6.10 56.68
C GLN A 164 1.46 6.99 57.84
N GLU A 165 0.92 6.77 59.04
CA GLU A 165 1.28 7.55 60.22
C GLU A 165 2.72 7.32 60.65
N ASN A 166 3.09 6.05 60.82
CA ASN A 166 4.44 5.67 61.23
C ASN A 166 5.50 6.05 60.22
N ALA A 167 5.15 6.03 58.92
CA ALA A 167 6.10 6.40 57.87
C ALA A 167 6.39 7.89 57.90
N ASN A 168 5.34 8.70 58.02
CA ASN A 168 5.47 10.15 58.04
C ASN A 168 6.06 10.71 59.33
N THR A 169 5.82 10.01 60.44
CA THR A 169 6.39 10.41 61.72
C THR A 169 7.89 10.12 61.61
N LEU A 170 8.22 8.95 61.06
CA LEU A 170 9.62 8.56 60.85
C LEU A 170 10.32 9.58 59.96
N ALA A 171 9.60 10.06 58.95
CA ALA A 171 10.13 11.06 58.03
C ALA A 171 10.31 12.41 58.72
N ARG A 172 9.41 12.73 59.64
CA ARG A 172 9.49 14.00 60.40
C ARG A 172 10.75 13.98 61.24
N TYR A 173 10.87 12.94 62.06
CA TYR A 173 12.02 12.77 62.95
C TYR A 173 13.34 12.85 62.17
N ALA A 174 13.35 12.23 60.99
CA ALA A 174 14.53 12.21 60.13
C ALA A 174 14.96 13.60 59.69
N SER A 175 13.98 14.38 59.24
CA SER A 175 14.20 15.74 58.78
C SER A 175 14.77 16.58 59.91
N ILE A 176 14.14 16.50 61.08
CA ILE A 176 14.56 17.26 62.25
C ILE A 176 16.00 16.95 62.68
N CYS A 177 16.37 15.68 62.64
CA CYS A 177 17.73 15.27 63.00
C CYS A 177 18.74 15.91 62.06
N GLN A 178 18.52 15.73 60.76
CA GLN A 178 19.41 16.27 59.75
C GLN A 178 19.60 17.77 59.86
N GLN A 179 18.57 18.48 60.32
CA GLN A 179 18.64 19.92 60.50
C GLN A 179 19.56 20.29 61.66
N ASN A 180 19.81 19.32 62.53
CA ASN A 180 20.65 19.53 63.70
C ASN A 180 21.95 18.73 63.67
N GLY A 181 22.31 18.21 62.49
CA GLY A 181 23.56 17.49 62.35
C GLY A 181 23.63 16.04 62.81
N LEU A 182 22.49 15.44 63.08
CA LEU A 182 22.46 14.03 63.50
C LEU A 182 22.00 13.14 62.37
N VAL A 183 22.68 12.01 62.19
CA VAL A 183 22.34 11.03 61.15
C VAL A 183 21.19 10.18 61.69
N PRO A 184 20.01 10.27 61.06
CA PRO A 184 18.89 9.46 61.55
C PRO A 184 18.89 7.99 61.13
N ILE A 185 18.68 7.12 62.12
CA ILE A 185 18.57 5.70 61.89
C ILE A 185 17.06 5.49 61.87
N VAL A 186 16.55 5.13 60.70
CA VAL A 186 15.12 4.91 60.48
C VAL A 186 14.82 3.45 60.77
N GLU A 187 14.08 3.19 61.83
CA GLU A 187 13.75 1.84 62.21
C GLU A 187 12.27 1.47 62.09
N PRO A 188 11.86 0.99 60.90
CA PRO A 188 10.46 0.61 60.70
C PRO A 188 10.40 -0.89 61.00
N GLU A 189 10.15 -1.26 62.25
CA GLU A 189 10.10 -2.68 62.57
C GLU A 189 8.74 -3.34 62.45
N VAL A 190 8.70 -4.43 61.70
CA VAL A 190 7.50 -5.22 61.55
C VAL A 190 7.78 -6.32 62.59
N ILE A 191 7.04 -6.32 63.71
CA ILE A 191 7.27 -7.30 64.77
C ILE A 191 7.02 -8.78 64.39
N PRO A 192 7.78 -9.71 64.99
CA PRO A 192 7.70 -11.14 64.74
C PRO A 192 6.51 -11.85 65.39
N ASP A 193 5.84 -11.14 66.29
CA ASP A 193 4.70 -11.69 67.02
C ASP A 193 3.63 -12.20 66.04
N GLY A 194 3.19 -13.43 66.23
CA GLY A 194 2.19 -14.01 65.35
C GLY A 194 2.56 -15.40 64.84
N ASP A 195 1.64 -16.02 64.11
CA ASP A 195 1.84 -17.35 63.55
C ASP A 195 2.01 -17.33 62.03
N HIS A 196 2.13 -16.13 61.47
CA HIS A 196 2.28 -15.93 60.03
C HIS A 196 3.57 -16.51 59.50
N ASP A 197 3.58 -16.91 58.22
CA ASP A 197 4.77 -17.48 57.60
C ASP A 197 5.70 -16.45 56.94
N LEU A 198 6.86 -16.93 56.51
CA LEU A 198 7.90 -16.12 55.87
C LEU A 198 7.37 -15.20 54.77
N GLU A 199 6.64 -15.81 53.85
CA GLU A 199 6.05 -15.15 52.70
C GLU A 199 5.11 -13.99 53.07
N HIS A 200 4.33 -14.18 54.14
CA HIS A 200 3.41 -13.12 54.58
C HIS A 200 4.20 -11.95 55.14
N CYS A 201 5.33 -12.24 55.78
CA CYS A 201 6.19 -11.20 56.36
C CYS A 201 6.89 -10.39 55.26
N GLN A 202 7.42 -11.08 54.25
CA GLN A 202 8.12 -10.43 53.14
C GLN A 202 7.22 -9.45 52.39
N TYR A 203 5.96 -9.81 52.22
CA TYR A 203 4.98 -8.98 51.54
C TYR A 203 4.77 -7.68 52.33
N VAL A 204 4.48 -7.83 53.62
CA VAL A 204 4.26 -6.68 54.50
C VAL A 204 5.50 -5.79 54.63
N THR A 205 6.67 -6.39 54.72
CA THR A 205 7.92 -5.62 54.84
C THR A 205 8.13 -4.70 53.63
N GLU A 206 7.85 -5.20 52.43
CA GLU A 206 8.00 -4.41 51.20
C GLU A 206 7.03 -3.24 51.21
N LYS A 207 5.77 -3.54 51.52
CA LYS A 207 4.75 -2.51 51.57
C LYS A 207 5.16 -1.39 52.53
N VAL A 208 5.60 -1.75 53.74
CA VAL A 208 6.01 -0.75 54.72
C VAL A 208 7.22 0.04 54.27
N LEU A 209 8.22 -0.66 53.74
CA LEU A 209 9.44 -0.01 53.26
C LEU A 209 9.19 0.93 52.07
N ALA A 210 8.22 0.60 51.22
CA ALA A 210 7.92 1.45 50.08
C ALA A 210 7.26 2.73 50.57
N ALA A 211 6.38 2.61 51.56
CA ALA A 211 5.69 3.76 52.16
C ALA A 211 6.70 4.64 52.89
N VAL A 212 7.66 4.00 53.55
CA VAL A 212 8.71 4.72 54.28
C VAL A 212 9.54 5.61 53.37
N TYR A 213 10.07 5.06 52.29
CA TYR A 213 10.90 5.83 51.37
C TYR A 213 10.17 6.89 50.56
N LYS A 214 8.87 6.68 50.35
CA LYS A 214 8.08 7.66 49.65
C LYS A 214 7.93 8.85 50.60
N ALA A 215 7.57 8.58 51.87
CA ALA A 215 7.42 9.62 52.88
C ALA A 215 8.70 10.43 53.05
N LEU A 216 9.84 9.74 53.07
CA LEU A 216 11.12 10.42 53.20
C LEU A 216 11.39 11.35 52.01
N ASN A 217 10.92 10.97 50.83
CA ASN A 217 11.10 11.81 49.66
C ASN A 217 10.21 13.06 49.78
N ASP A 218 8.97 12.85 50.20
CA ASP A 218 8.01 13.95 50.36
C ASP A 218 8.54 14.96 51.37
N HIS A 219 9.15 14.46 52.44
CA HIS A 219 9.69 15.29 53.50
C HIS A 219 11.07 15.85 53.23
N HIS A 220 11.59 15.60 52.01
CA HIS A 220 12.90 16.10 51.57
C HIS A 220 14.08 15.58 52.37
N VAL A 221 14.00 14.34 52.84
CA VAL A 221 15.10 13.76 53.63
C VAL A 221 16.28 13.31 52.76
N TYR A 222 17.47 13.68 53.19
CA TYR A 222 18.71 13.37 52.48
C TYR A 222 19.16 11.93 52.76
N LEU A 223 18.77 11.03 51.86
CA LEU A 223 19.09 9.60 51.94
C LEU A 223 20.55 9.22 52.22
N GLU A 224 21.48 9.94 51.60
CA GLU A 224 22.91 9.67 51.78
C GLU A 224 23.38 9.87 53.22
N GLY A 225 22.58 10.60 54.01
CA GLY A 225 22.93 10.84 55.39
C GLY A 225 21.93 10.17 56.33
N THR A 226 21.59 8.93 56.03
CA THR A 226 20.66 8.19 56.86
C THR A 226 21.12 6.75 56.91
N LEU A 227 20.45 5.97 57.76
CA LEU A 227 20.73 4.56 57.90
C LEU A 227 19.38 3.91 58.12
N LEU A 228 19.21 2.70 57.60
CA LEU A 228 17.96 1.97 57.75
C LEU A 228 18.23 0.85 58.73
N LYS A 229 17.26 0.58 59.59
CA LYS A 229 17.37 -0.48 60.59
C LYS A 229 16.07 -1.26 60.54
N PRO A 230 15.92 -2.15 59.55
CA PRO A 230 14.70 -2.95 59.41
C PRO A 230 14.85 -4.34 59.98
N ASN A 231 13.73 -5.06 60.02
CA ASN A 231 13.71 -6.42 60.49
C ASN A 231 14.15 -7.28 59.32
N MET A 232 14.67 -8.46 59.63
CA MET A 232 15.05 -9.41 58.61
C MET A 232 13.72 -10.05 58.29
N VAL A 233 13.54 -10.60 57.10
CA VAL A 233 12.27 -11.24 56.81
C VAL A 233 12.33 -12.65 57.37
N THR A 234 11.41 -12.97 58.27
CA THR A 234 11.35 -14.28 58.90
C THR A 234 9.89 -14.56 59.23
N ALA A 235 9.57 -15.83 59.45
CA ALA A 235 8.21 -16.19 59.81
C ALA A 235 7.99 -15.70 61.24
N GLY A 236 6.73 -15.73 61.69
CA GLY A 236 6.41 -15.30 63.04
C GLY A 236 6.90 -16.29 64.06
N HIS A 237 6.94 -15.86 65.31
CA HIS A 237 7.41 -16.72 66.40
C HIS A 237 6.57 -17.99 66.60
N ALA A 238 5.25 -17.86 66.47
CA ALA A 238 4.36 -18.99 66.66
C ALA A 238 4.15 -19.83 65.40
N CYS A 239 4.98 -19.62 64.39
CA CYS A 239 4.86 -20.37 63.14
C CYS A 239 5.53 -21.73 63.25
N THR A 240 4.83 -22.77 62.79
CA THR A 240 5.35 -24.14 62.82
C THR A 240 6.40 -24.37 61.74
N LYS A 241 6.21 -23.73 60.58
CA LYS A 241 7.14 -23.87 59.47
C LYS A 241 8.50 -23.27 59.84
N LYS A 242 9.53 -24.11 59.82
CA LYS A 242 10.89 -23.69 60.15
C LYS A 242 11.66 -23.39 58.88
N TYR A 243 12.41 -22.29 58.87
CA TYR A 243 13.19 -21.89 57.70
C TYR A 243 14.68 -21.80 58.02
N THR A 244 15.50 -21.96 56.98
CA THR A 244 16.96 -21.91 57.13
C THR A 244 17.50 -20.49 56.91
N PRO A 245 18.76 -20.25 57.26
CA PRO A 245 19.35 -18.92 57.09
C PRO A 245 19.34 -18.45 55.63
N GLU A 246 19.48 -19.41 54.72
CA GLU A 246 19.49 -19.13 53.28
C GLU A 246 18.11 -18.66 52.79
N GLN A 247 17.06 -19.29 53.28
CA GLN A 247 15.69 -18.93 52.90
C GLN A 247 15.36 -17.52 53.42
N VAL A 248 15.70 -17.27 54.68
CA VAL A 248 15.50 -15.98 55.33
C VAL A 248 16.30 -14.89 54.60
N ALA A 249 17.54 -15.22 54.23
CA ALA A 249 18.41 -14.28 53.52
C ALA A 249 17.82 -13.86 52.19
N MET A 250 17.30 -14.83 51.44
CA MET A 250 16.71 -14.58 50.13
C MET A 250 15.51 -13.66 50.26
N ALA A 251 14.58 -14.00 51.14
CA ALA A 251 13.38 -13.20 51.36
C ALA A 251 13.75 -11.76 51.73
N THR A 252 14.75 -11.62 52.60
CA THR A 252 15.21 -10.33 53.06
C THR A 252 15.76 -9.43 51.96
N VAL A 253 16.81 -9.91 51.28
CA VAL A 253 17.43 -9.13 50.22
C VAL A 253 16.42 -8.85 49.10
N THR A 254 15.53 -9.81 48.85
CA THR A 254 14.50 -9.63 47.84
C THR A 254 13.62 -8.43 48.23
N ALA A 255 13.15 -8.40 49.48
CA ALA A 255 12.29 -7.31 49.92
C ALA A 255 13.04 -5.98 49.92
N LEU A 256 14.29 -6.00 50.38
CA LEU A 256 15.13 -4.81 50.45
C LEU A 256 15.55 -4.22 49.09
N HIS A 257 15.94 -5.08 48.15
CA HIS A 257 16.38 -4.59 46.85
C HIS A 257 15.26 -4.05 45.96
N ARG A 258 14.01 -4.29 46.38
CA ARG A 258 12.85 -3.82 45.64
C ARG A 258 12.28 -2.54 46.24
N THR A 259 12.87 -2.06 47.34
CA THR A 259 12.36 -0.86 48.00
C THR A 259 13.37 0.18 48.48
N VAL A 260 14.50 -0.25 49.01
CA VAL A 260 15.49 0.70 49.55
C VAL A 260 16.45 1.25 48.51
N PRO A 261 16.42 2.57 48.27
CA PRO A 261 17.31 3.19 47.28
C PRO A 261 18.80 2.96 47.58
N ALA A 262 19.61 2.95 46.53
CA ALA A 262 21.05 2.73 46.65
C ALA A 262 21.77 3.92 47.27
N ALA A 263 21.06 5.05 47.37
CA ALA A 263 21.62 6.27 47.95
C ALA A 263 21.85 6.07 49.46
N VAL A 264 21.13 5.12 50.04
CA VAL A 264 21.24 4.79 51.45
C VAL A 264 22.56 4.02 51.65
N PRO A 265 23.48 4.58 52.47
CA PRO A 265 24.79 3.95 52.73
C PRO A 265 24.83 2.65 53.50
N GLY A 266 23.90 2.43 54.41
CA GLY A 266 23.96 1.19 55.17
C GLY A 266 22.66 0.76 55.79
N ILE A 267 22.47 -0.55 55.83
CA ILE A 267 21.29 -1.18 56.40
C ILE A 267 21.80 -2.04 57.54
N CYS A 268 21.35 -1.76 58.75
CA CYS A 268 21.76 -2.51 59.93
C CYS A 268 20.54 -3.19 60.52
N PHE A 269 20.54 -4.51 60.47
CA PHE A 269 19.42 -5.28 60.98
C PHE A 269 19.33 -5.30 62.50
N LEU A 270 18.09 -5.27 62.99
CA LEU A 270 17.81 -5.35 64.41
C LEU A 270 17.76 -6.84 64.69
N SER A 271 18.13 -7.22 65.91
CA SER A 271 18.15 -8.63 66.29
C SER A 271 16.76 -9.20 66.59
N GLY A 272 15.81 -8.31 66.86
CA GLY A 272 14.43 -8.71 67.14
C GLY A 272 14.17 -9.91 68.03
N GLY A 273 14.91 -10.05 69.12
CA GLY A 273 14.71 -11.16 70.03
C GLY A 273 15.23 -12.49 69.49
N MET A 274 16.25 -12.41 68.64
CA MET A 274 16.87 -13.58 68.03
C MET A 274 18.01 -14.06 68.92
N SER A 275 18.32 -15.34 68.84
CA SER A 275 19.42 -15.91 69.61
C SER A 275 20.71 -15.40 68.97
N GLU A 276 21.77 -15.31 69.74
CA GLU A 276 23.06 -14.83 69.25
C GLU A 276 23.56 -15.56 68.01
N GLU A 277 23.32 -16.86 67.95
CA GLU A 277 23.74 -17.69 66.82
C GLU A 277 22.96 -17.35 65.54
N ASP A 278 21.64 -17.28 65.63
CA ASP A 278 20.79 -16.98 64.47
C ASP A 278 21.09 -15.61 63.89
N ALA A 279 21.22 -14.62 64.75
CA ALA A 279 21.51 -13.26 64.32
C ALA A 279 22.79 -13.19 63.48
N THR A 280 23.72 -14.08 63.77
CA THR A 280 25.00 -14.12 63.05
C THR A 280 24.89 -14.89 61.73
N LEU A 281 24.28 -16.09 61.78
CA LEU A 281 24.12 -16.93 60.60
C LEU A 281 23.27 -16.28 59.52
N ASN A 282 22.16 -15.67 59.92
CA ASN A 282 21.27 -15.00 58.98
C ASN A 282 21.97 -13.84 58.31
N LEU A 283 22.65 -13.00 59.08
CA LEU A 283 23.35 -11.84 58.52
C LEU A 283 24.43 -12.29 57.56
N ASN A 284 25.08 -13.40 57.89
CA ASN A 284 26.13 -13.96 57.04
C ASN A 284 25.49 -14.38 55.72
N ALA A 285 24.40 -15.12 55.82
CA ALA A 285 23.67 -15.60 54.65
C ALA A 285 23.18 -14.42 53.81
N ILE A 286 22.78 -13.33 54.49
CA ILE A 286 22.31 -12.12 53.83
C ILE A 286 23.41 -11.51 52.96
N ASN A 287 24.66 -11.66 53.37
CA ASN A 287 25.78 -11.12 52.62
C ASN A 287 26.31 -12.09 51.56
N LEU A 288 25.79 -13.31 51.57
CA LEU A 288 26.17 -14.34 50.59
C LEU A 288 25.14 -14.46 49.48
N CYS A 289 23.96 -13.88 49.70
CA CYS A 289 22.86 -13.88 48.74
C CYS A 289 23.35 -13.22 47.45
N PRO A 290 23.19 -13.88 46.30
CA PRO A 290 23.60 -13.40 44.98
C PRO A 290 22.91 -12.14 44.41
N LEU A 291 21.79 -11.74 44.99
CA LEU A 291 21.03 -10.58 44.53
C LEU A 291 21.77 -9.25 44.63
N PRO A 292 21.29 -8.22 43.92
CA PRO A 292 21.93 -6.90 43.98
C PRO A 292 21.87 -6.32 45.38
N LYS A 293 23.03 -5.88 45.88
CA LYS A 293 23.17 -5.31 47.21
C LYS A 293 24.07 -4.07 47.13
N PRO A 294 23.51 -2.94 46.68
CA PRO A 294 24.26 -1.68 46.55
C PRO A 294 24.66 -0.99 47.86
N TRP A 295 24.21 -1.51 48.99
CA TRP A 295 24.51 -0.93 50.29
C TRP A 295 25.05 -1.96 51.27
N LYS A 296 25.72 -1.46 52.31
CA LYS A 296 26.27 -2.31 53.35
C LYS A 296 25.12 -3.00 54.09
N LEU A 297 25.33 -4.27 54.41
CA LEU A 297 24.34 -5.06 55.13
C LEU A 297 25.02 -5.44 56.44
N SER A 298 24.77 -4.63 57.45
CA SER A 298 25.39 -4.82 58.75
C SER A 298 24.38 -5.12 59.84
N PHE A 299 24.80 -4.94 61.09
CA PHE A 299 23.97 -5.22 62.26
C PHE A 299 23.88 -4.05 63.23
N SER A 300 22.81 -4.02 64.01
CA SER A 300 22.58 -3.01 65.03
C SER A 300 21.89 -3.82 66.10
N TYR A 301 22.67 -4.69 66.71
CA TYR A 301 22.18 -5.63 67.72
C TYR A 301 22.22 -5.21 69.19
N GLY A 302 21.24 -5.70 69.94
N GLY A 302 21.22 -5.67 69.92
CA GLY A 302 21.16 -5.40 71.35
CA GLY A 302 21.11 -5.39 71.34
C GLY A 302 21.47 -6.62 72.19
C GLY A 302 21.34 -6.67 72.11
N ARG A 303 20.53 -7.58 72.20
N ARG A 303 20.32 -7.53 72.15
CA ARG A 303 20.69 -8.80 72.99
CA ARG A 303 20.40 -8.80 72.87
C ARG A 303 21.46 -9.89 72.25
C ARG A 303 21.36 -9.80 72.22
N ALA A 304 21.62 -9.71 70.95
N ALA A 304 21.48 -9.74 70.90
CA ALA A 304 22.39 -10.66 70.16
CA ALA A 304 22.36 -10.64 70.17
C ALA A 304 23.86 -10.34 70.39
C ALA A 304 23.84 -10.34 70.40
N LEU A 305 24.12 -9.19 71.02
CA LEU A 305 25.48 -8.77 71.32
C LEU A 305 25.77 -8.79 72.81
N GLN A 306 24.72 -8.84 73.63
CA GLN A 306 24.89 -8.81 75.07
C GLN A 306 24.44 -10.03 75.86
N ALA A 307 23.55 -10.84 75.29
CA ALA A 307 23.01 -12.02 75.98
C ALA A 307 24.01 -12.80 76.82
N SER A 308 25.07 -13.28 76.19
CA SER A 308 26.09 -14.06 76.89
C SER A 308 26.97 -13.22 77.82
N ALA A 309 27.14 -11.94 77.49
CA ALA A 309 27.95 -11.05 78.32
C ALA A 309 27.26 -10.81 79.65
N LEU A 310 25.95 -10.65 79.61
CA LEU A 310 25.14 -10.41 80.80
C LEU A 310 25.21 -11.66 81.69
N ALA A 311 25.26 -12.81 81.04
CA ALA A 311 25.31 -14.10 81.72
C ALA A 311 26.66 -14.35 82.40
N ALA A 312 27.73 -13.80 81.83
CA ALA A 312 29.06 -13.97 82.39
C ALA A 312 29.33 -12.98 83.51
N TRP A 313 28.51 -11.94 83.59
CA TRP A 313 28.65 -10.90 84.60
C TRP A 313 28.12 -11.35 85.95
N GLY A 314 26.80 -11.54 86.04
CA GLY A 314 26.19 -11.96 87.29
C GLY A 314 26.19 -10.87 88.35
N GLY A 315 26.58 -9.66 87.98
CA GLY A 315 26.59 -8.56 88.91
C GLY A 315 27.89 -8.44 89.69
N LYS A 316 28.89 -9.23 89.30
CA LYS A 316 30.18 -9.22 89.97
C LYS A 316 31.29 -8.61 89.13
N ALA A 317 31.94 -7.58 89.65
CA ALA A 317 33.06 -6.95 88.94
C ALA A 317 34.13 -8.02 88.84
N GLU A 318 34.01 -9.01 89.70
CA GLU A 318 34.91 -10.14 89.77
C GLU A 318 34.91 -10.93 88.44
N ASN A 319 33.83 -10.80 87.68
CA ASN A 319 33.71 -11.48 86.39
C ASN A 319 33.83 -10.53 85.20
N LYS A 320 34.48 -9.39 85.40
CA LYS A 320 34.63 -8.39 84.34
C LYS A 320 35.20 -8.96 83.05
N LYS A 321 36.40 -9.53 83.12
CA LYS A 321 37.08 -10.11 81.96
C LYS A 321 36.21 -11.01 81.09
N ALA A 322 35.48 -11.93 81.72
CA ALA A 322 34.60 -12.85 81.00
C ALA A 322 33.51 -12.11 80.24
N THR A 323 32.99 -11.05 80.86
CA THR A 323 31.94 -10.24 80.26
C THR A 323 32.50 -9.56 79.01
N GLN A 324 33.68 -8.96 79.16
CA GLN A 324 34.35 -8.28 78.05
C GLN A 324 34.65 -9.24 76.91
N GLU A 325 35.06 -10.46 77.25
CA GLU A 325 35.38 -11.47 76.24
C GLU A 325 34.15 -11.96 75.47
N ALA A 326 33.04 -12.17 76.17
CA ALA A 326 31.81 -12.62 75.55
C ALA A 326 31.32 -11.59 74.55
N PHE A 327 31.43 -10.32 74.92
CA PHE A 327 31.03 -9.20 74.06
C PHE A 327 31.96 -9.14 72.85
N MET A 328 33.27 -9.19 73.11
CA MET A 328 34.26 -9.15 72.04
C MET A 328 34.06 -10.23 70.98
N LYS A 329 33.79 -11.45 71.43
CA LYS A 329 33.58 -12.58 70.52
C LYS A 329 32.37 -12.30 69.62
N ARG A 330 31.27 -11.89 70.22
CA ARG A 330 30.05 -11.59 69.46
C ARG A 330 30.25 -10.46 68.46
N ALA A 331 31.03 -9.45 68.82
CA ALA A 331 31.29 -8.33 67.93
C ALA A 331 32.15 -8.72 66.74
N VAL A 332 33.17 -9.54 66.99
CA VAL A 332 34.10 -10.01 65.95
C VAL A 332 33.34 -10.93 64.97
N VAL A 333 32.57 -11.84 65.54
CA VAL A 333 31.78 -12.80 64.80
C VAL A 333 30.77 -12.11 63.87
N ASN A 334 30.01 -11.15 64.39
CA ASN A 334 29.05 -10.43 63.59
C ASN A 334 29.69 -9.55 62.52
N CYS A 335 30.89 -9.02 62.79
CA CYS A 335 31.62 -8.20 61.82
C CYS A 335 32.02 -9.12 60.65
N GLN A 336 32.28 -10.39 60.94
CA GLN A 336 32.64 -11.36 59.91
C GLN A 336 31.39 -11.67 59.09
N ALA A 337 30.26 -11.83 59.78
CA ALA A 337 28.98 -12.10 59.14
C ALA A 337 28.58 -10.96 58.21
N ALA A 338 28.92 -9.72 58.57
CA ALA A 338 28.61 -8.55 57.77
C ALA A 338 29.51 -8.46 56.53
N LYS A 339 30.44 -9.40 56.43
CA LYS A 339 31.37 -9.46 55.31
C LYS A 339 31.16 -10.79 54.60
N GLY A 340 30.22 -11.59 55.08
CA GLY A 340 29.95 -12.89 54.52
C GLY A 340 31.13 -13.84 54.68
N GLN A 341 31.95 -13.56 55.68
CA GLN A 341 33.14 -14.36 55.95
C GLN A 341 33.04 -15.19 57.21
N TYR A 342 31.84 -15.29 57.77
CA TYR A 342 31.64 -16.07 58.98
C TYR A 342 31.56 -17.57 58.71
N VAL A 343 32.65 -18.28 58.94
CA VAL A 343 32.64 -19.73 58.77
C VAL A 343 32.11 -20.20 60.12
N HIS A 344 31.06 -21.02 60.11
CA HIS A 344 30.46 -21.46 61.36
C HIS A 344 31.32 -22.31 62.28
N THR A 345 31.17 -23.63 62.21
CA THR A 345 31.93 -24.51 63.07
C THR A 345 33.37 -24.66 62.58
N GLY A 346 34.24 -23.81 63.10
CA GLY A 346 35.64 -23.83 62.75
C GLY A 346 35.89 -23.54 61.28
N SER A 347 37.02 -24.03 60.79
CA SER A 347 37.36 -23.85 59.40
C SER A 347 38.24 -24.98 58.87
N SER A 348 37.69 -26.18 58.89
CA SER A 348 38.43 -27.30 58.33
C SER A 348 37.56 -28.30 57.63
N GLY A 349 38.00 -28.60 56.42
CA GLY A 349 37.30 -29.54 55.58
C GLY A 349 37.53 -30.93 56.12
N ALA A 350 36.94 -31.88 55.40
CA ALA A 350 37.02 -33.29 55.75
C ALA A 350 38.48 -33.68 55.82
N ALA A 351 38.78 -34.58 56.73
CA ALA A 351 40.14 -35.00 56.88
C ALA A 351 40.26 -36.26 57.74
N SER A 352 41.22 -36.22 58.65
CA SER A 352 41.58 -37.29 59.56
C SER A 352 42.61 -38.06 58.76
N THR A 353 43.78 -37.43 58.84
CA THR A 353 45.06 -37.72 58.21
C THR A 353 45.33 -36.56 57.24
N GLN A 354 45.05 -35.38 57.76
CA GLN A 354 45.25 -34.12 57.05
C GLN A 354 46.74 -33.75 57.17
N SER A 355 47.24 -33.64 58.41
CA SER A 355 48.67 -33.33 58.66
C SER A 355 49.11 -33.57 60.12
N LEU A 356 48.98 -32.54 60.96
CA LEU A 356 49.33 -32.58 62.39
C LEU A 356 48.22 -31.77 63.03
N PHE A 357 47.30 -32.48 63.66
CA PHE A 357 46.07 -31.94 64.24
C PHE A 357 45.92 -31.52 65.72
N THR A 358 45.27 -32.41 66.49
CA THR A 358 44.93 -32.28 67.91
C THR A 358 43.40 -32.28 68.08
N ALA A 359 42.69 -31.88 67.04
CA ALA A 359 41.22 -31.84 67.07
C ALA A 359 40.64 -33.22 66.75
N SER A 360 40.20 -33.92 67.78
CA SER A 360 39.64 -35.27 67.61
C SER A 360 38.76 -35.61 68.82
N TYR A 361 38.59 -36.91 69.09
CA TYR A 361 37.79 -37.47 70.20
C TYR A 361 36.95 -36.41 70.94
N THR A 362 37.39 -36.04 72.14
CA THR A 362 36.69 -35.03 72.92
C THR A 362 37.69 -34.41 73.91
N TYR A 363 37.75 -34.97 75.11
CA TYR A 363 38.65 -34.49 76.17
C TYR A 363 38.91 -35.56 77.24
N ALA B 1 -3.59 -9.64 52.18
CA ALA B 1 -3.23 -9.25 50.79
C ALA B 1 -2.24 -10.18 50.09
N HIS B 2 -1.43 -10.92 50.85
CA HIS B 2 -0.44 -11.82 50.26
C HIS B 2 -0.97 -13.09 49.59
N ARG B 3 -2.26 -13.38 49.75
CA ARG B 3 -2.84 -14.59 49.19
C ARG B 3 -3.41 -14.41 47.78
N PHE B 4 -3.20 -13.22 47.20
CA PHE B 4 -3.71 -12.93 45.86
C PHE B 4 -2.56 -12.44 45.00
N PRO B 5 -1.63 -13.34 44.65
CA PRO B 5 -0.48 -12.99 43.82
C PRO B 5 -0.91 -12.57 42.41
N ALA B 6 -0.29 -11.51 41.91
CA ALA B 6 -0.60 -11.02 40.57
C ALA B 6 -0.07 -12.00 39.53
N LEU B 7 1.18 -12.42 39.71
CA LEU B 7 1.85 -13.33 38.79
C LEU B 7 2.25 -14.64 39.48
N THR B 8 2.46 -15.69 38.68
CA THR B 8 2.87 -16.99 39.18
C THR B 8 4.38 -17.09 39.02
N PRO B 9 5.04 -18.05 39.69
CA PRO B 9 6.50 -18.19 39.57
C PRO B 9 6.96 -18.32 38.11
N GLU B 10 6.13 -18.98 37.32
CA GLU B 10 6.40 -19.18 35.89
C GLU B 10 6.38 -17.87 35.12
N GLN B 11 5.30 -17.09 35.29
CA GLN B 11 5.14 -15.81 34.63
C GLN B 11 6.26 -14.86 34.98
N LYS B 12 6.63 -14.84 36.26
CA LYS B 12 7.72 -13.98 36.75
C LYS B 12 9.03 -14.29 36.02
N LYS B 13 9.37 -15.58 35.96
CA LYS B 13 10.58 -16.07 35.31
C LYS B 13 10.74 -15.49 33.91
N GLU B 14 9.72 -15.68 33.08
CA GLU B 14 9.73 -15.20 31.71
C GLU B 14 9.94 -13.69 31.64
N LEU B 15 9.23 -12.94 32.49
CA LEU B 15 9.39 -11.49 32.52
C LEU B 15 10.82 -11.13 32.89
N SER B 16 11.41 -11.89 33.81
CA SER B 16 12.78 -11.65 34.23
C SER B 16 13.77 -11.91 33.10
N ASP B 17 13.54 -13.00 32.37
CA ASP B 17 14.40 -13.38 31.25
C ASP B 17 14.41 -12.39 30.09
N ILE B 18 13.23 -11.93 29.70
CA ILE B 18 13.10 -10.98 28.60
C ILE B 18 13.82 -9.66 28.92
N ALA B 19 13.53 -9.08 30.08
CA ALA B 19 14.13 -7.82 30.52
C ALA B 19 15.66 -7.88 30.54
N GLN B 20 16.20 -8.92 31.18
CA GLN B 20 17.65 -9.09 31.27
C GLN B 20 18.29 -9.33 29.90
N ARG B 21 17.57 -10.06 29.05
CA ARG B 21 18.03 -10.39 27.71
C ARG B 21 18.28 -9.16 26.85
N ILE B 22 17.37 -8.19 26.94
CA ILE B 22 17.46 -6.96 26.17
C ILE B 22 18.66 -6.06 26.48
N VAL B 23 18.96 -5.86 27.77
CA VAL B 23 20.07 -5.00 28.17
C VAL B 23 21.39 -5.72 28.46
N ALA B 24 21.39 -7.03 28.29
CA ALA B 24 22.59 -7.83 28.54
C ALA B 24 23.75 -7.38 27.69
N ASN B 25 24.96 -7.57 28.22
CA ASN B 25 26.21 -7.25 27.52
C ASN B 25 26.41 -5.84 26.95
N GLY B 26 25.67 -4.85 27.44
CA GLY B 26 25.84 -3.49 26.95
C GLY B 26 24.91 -3.12 25.81
N LYS B 27 24.08 -4.08 25.39
CA LYS B 27 23.14 -3.85 24.31
C LYS B 27 22.03 -2.87 24.66
N GLY B 28 21.56 -2.14 23.65
CA GLY B 28 20.50 -1.17 23.85
C GLY B 28 19.28 -1.43 23.03
N ILE B 29 18.41 -0.44 22.91
CA ILE B 29 17.17 -0.53 22.17
C ILE B 29 17.08 0.50 21.06
N LEU B 30 16.49 0.08 19.93
CA LEU B 30 16.28 0.98 18.81
C LEU B 30 14.83 1.44 18.93
N ALA B 31 14.64 2.74 19.06
CA ALA B 31 13.30 3.30 19.18
C ALA B 31 12.88 3.75 17.78
N ALA B 32 12.22 2.86 17.06
N ALA B 32 12.19 2.86 17.06
CA ALA B 32 11.76 3.16 15.70
CA ALA B 32 11.73 3.16 15.71
C ALA B 32 10.24 3.21 15.67
C ALA B 32 10.20 3.22 15.67
N ASP B 33 9.64 3.52 16.81
N ASP B 33 9.59 3.50 16.82
CA ASP B 33 8.19 3.58 16.92
CA ASP B 33 8.14 3.57 16.93
C ASP B 33 7.57 4.94 16.63
C ASP B 33 7.51 4.91 16.56
N GLU B 34 8.12 5.63 15.62
N GLU B 34 8.13 5.63 15.63
CA GLU B 34 7.60 6.93 15.23
CA GLU B 34 7.60 6.92 15.21
C GLU B 34 6.23 6.73 14.57
C GLU B 34 6.22 6.72 14.58
N SER B 35 5.25 7.55 14.94
CA SER B 35 3.92 7.46 14.37
C SER B 35 4.02 8.05 12.96
N VAL B 36 3.04 7.77 12.11
CA VAL B 36 3.07 8.29 10.75
C VAL B 36 3.22 9.82 10.71
N GLY B 37 2.62 10.47 11.69
CA GLY B 37 2.64 11.94 11.81
C GLY B 37 4.02 12.43 12.24
N THR B 38 4.65 11.63 13.07
CA THR B 38 5.98 11.96 13.57
C THR B 38 7.03 11.55 12.51
N MET B 39 6.74 10.47 11.78
CA MET B 39 7.66 9.97 10.73
C MET B 39 7.71 10.92 9.53
N GLY B 40 6.55 11.50 9.26
CA GLY B 40 6.34 12.43 8.13
C GLY B 40 7.20 13.69 8.28
N ASN B 41 7.54 13.98 9.53
CA ASN B 41 8.37 15.15 9.85
C ASN B 41 9.81 14.87 9.50
N ARG B 42 10.24 13.63 9.72
CA ARG B 42 11.60 13.19 9.44
C ARG B 42 11.84 13.14 7.93
N LEU B 43 10.93 12.47 7.21
CA LEU B 43 11.01 12.33 5.76
C LEU B 43 10.89 13.65 5.00
N GLN B 44 10.09 14.56 5.55
CA GLN B 44 9.87 15.86 4.93
C GLN B 44 11.20 16.61 4.76
N ARG B 45 12.01 16.59 5.81
CA ARG B 45 13.31 17.25 5.81
C ARG B 45 14.27 16.73 4.75
N ILE B 46 14.11 15.45 4.38
CA ILE B 46 14.99 14.87 3.35
C ILE B 46 14.28 14.84 2.02
N LYS B 47 13.19 15.60 1.91
CA LYS B 47 12.42 15.73 0.69
C LYS B 47 11.78 14.43 0.15
N VAL B 48 11.33 13.58 1.06
CA VAL B 48 10.69 12.33 0.70
C VAL B 48 9.24 12.37 1.20
N GLU B 49 8.32 11.95 0.33
CA GLU B 49 6.89 11.92 0.64
C GLU B 49 6.61 10.95 1.78
N ASN B 50 5.74 11.33 2.70
CA ASN B 50 5.41 10.47 3.81
C ASN B 50 4.35 9.44 3.42
N SER B 51 4.80 8.37 2.76
CA SER B 51 3.89 7.32 2.33
C SER B 51 4.23 6.04 3.10
N GLU B 52 3.28 5.12 3.17
CA GLU B 52 3.52 3.88 3.89
C GLU B 52 4.73 3.12 3.33
N GLU B 53 4.99 3.28 2.03
CA GLU B 53 6.10 2.61 1.38
C GLU B 53 7.46 3.16 1.77
N ASN B 54 7.58 4.48 1.76
CA ASN B 54 8.83 5.13 2.13
C ASN B 54 9.20 4.80 3.58
N ARG B 55 8.20 4.80 4.46
CA ARG B 55 8.42 4.46 5.85
C ARG B 55 8.91 3.02 5.93
N ARG B 56 8.27 2.12 5.17
CA ARG B 56 8.63 0.71 5.14
C ARG B 56 10.03 0.49 4.59
N GLN B 57 10.34 1.20 3.50
CA GLN B 57 11.64 1.09 2.83
C GLN B 57 12.79 1.39 3.77
N PHE B 58 12.74 2.55 4.41
CA PHE B 58 13.77 2.96 5.34
C PHE B 58 13.90 1.94 6.45
N ARG B 59 12.79 1.59 7.08
CA ARG B 59 12.81 0.63 8.18
C ARG B 59 13.25 -0.75 7.73
N GLU B 60 13.23 -0.97 6.42
CA GLU B 60 13.67 -2.25 5.87
C GLU B 60 15.18 -2.23 5.84
N ILE B 61 15.74 -1.12 5.38
CA ILE B 61 17.18 -0.93 5.30
C ILE B 61 17.83 -1.15 6.66
N LEU B 62 17.24 -0.59 7.70
CA LEU B 62 17.76 -0.73 9.06
C LEU B 62 17.67 -2.16 9.59
N PHE B 63 16.53 -2.81 9.39
CA PHE B 63 16.32 -4.18 9.88
C PHE B 63 17.07 -5.27 9.12
N THR B 64 17.58 -4.95 7.93
CA THR B 64 18.26 -5.97 7.13
C THR B 64 19.79 -5.91 7.19
N VAL B 65 20.33 -5.20 8.16
CA VAL B 65 21.78 -5.08 8.31
C VAL B 65 22.41 -6.41 8.70
N ASP B 66 23.74 -6.44 8.73
CA ASP B 66 24.50 -7.64 9.09
C ASP B 66 24.11 -8.16 10.46
N ASN B 67 24.17 -9.47 10.63
CA ASN B 67 23.82 -10.11 11.89
C ASN B 67 24.55 -9.55 13.09
N SER B 68 25.69 -8.89 12.86
CA SER B 68 26.48 -8.32 13.95
C SER B 68 25.73 -7.33 14.86
N ILE B 69 24.77 -6.57 14.34
CA ILE B 69 24.04 -5.63 15.20
C ILE B 69 23.48 -6.25 16.46
N ASN B 70 23.37 -7.58 16.48
CA ASN B 70 22.84 -8.27 17.66
C ASN B 70 23.82 -8.18 18.83
N GLN B 71 24.98 -7.58 18.59
CA GLN B 71 26.00 -7.38 19.60
C GLN B 71 25.87 -5.98 20.18
N SER B 72 25.04 -5.16 19.54
CA SER B 72 24.81 -3.78 19.97
C SER B 72 23.36 -3.53 20.38
N ILE B 73 22.41 -4.04 19.59
CA ILE B 73 20.99 -3.85 19.86
C ILE B 73 20.38 -5.16 20.38
N GLY B 74 19.70 -5.08 21.52
CA GLY B 74 19.05 -6.25 22.08
C GLY B 74 17.55 -6.22 21.87
N GLY B 75 17.03 -5.04 21.51
CA GLY B 75 15.61 -4.89 21.27
C GLY B 75 15.26 -3.74 20.35
N VAL B 76 14.12 -3.86 19.67
CA VAL B 76 13.63 -2.82 18.77
C VAL B 76 12.16 -2.56 19.11
N ILE B 77 11.80 -1.29 19.32
CA ILE B 77 10.41 -0.93 19.61
C ILE B 77 9.75 -0.55 18.29
N LEU B 78 8.67 -1.24 17.95
CA LEU B 78 7.96 -0.99 16.69
C LEU B 78 6.65 -0.23 16.87
N PHE B 79 6.21 0.37 15.77
CA PHE B 79 4.97 1.09 15.71
C PHE B 79 4.07 0.03 15.08
N HIS B 80 2.79 -0.01 15.48
CA HIS B 80 1.83 -1.01 14.97
C HIS B 80 1.96 -1.36 13.49
N GLU B 81 1.96 -0.34 12.66
CA GLU B 81 2.08 -0.46 11.21
C GLU B 81 3.20 -1.41 10.80
N THR B 82 4.39 -1.11 11.28
CA THR B 82 5.60 -1.87 10.99
C THR B 82 5.63 -3.31 11.51
N LEU B 83 4.81 -3.62 12.50
CA LEU B 83 4.78 -4.95 13.07
C LEU B 83 4.18 -5.98 12.11
N TYR B 84 3.54 -5.52 11.04
CA TYR B 84 2.92 -6.43 10.07
C TYR B 84 3.42 -6.20 8.65
N GLN B 85 4.50 -5.44 8.48
CA GLN B 85 5.07 -5.18 7.17
C GLN B 85 6.10 -6.23 6.80
N LYS B 86 6.44 -6.28 5.51
CA LYS B 86 7.39 -7.26 4.98
C LYS B 86 8.45 -6.57 4.14
N ASP B 87 9.61 -7.21 3.99
CA ASP B 87 10.69 -6.63 3.18
C ASP B 87 10.38 -6.86 1.71
N SER B 88 11.34 -6.51 0.85
CA SER B 88 11.15 -6.66 -0.60
C SER B 88 10.96 -8.10 -1.10
N GLN B 89 11.04 -9.07 -0.18
CA GLN B 89 10.88 -10.48 -0.54
C GLN B 89 9.77 -11.21 0.22
N GLY B 90 8.75 -10.48 0.64
CA GLY B 90 7.63 -11.08 1.35
C GLY B 90 7.89 -11.66 2.73
N LYS B 91 9.03 -11.33 3.33
CA LYS B 91 9.36 -11.83 4.67
C LYS B 91 9.00 -10.78 5.72
N LEU B 92 8.31 -11.22 6.77
CA LEU B 92 7.90 -10.32 7.86
C LEU B 92 9.07 -9.68 8.61
N PHE B 93 9.02 -8.36 8.78
CA PHE B 93 10.06 -7.62 9.48
C PHE B 93 10.36 -8.20 10.86
N ARG B 94 9.32 -8.50 11.63
CA ARG B 94 9.48 -9.06 12.97
C ARG B 94 10.24 -10.38 12.96
N ASN B 95 10.06 -11.15 11.89
CA ASN B 95 10.72 -12.45 11.75
C ASN B 95 12.20 -12.28 11.43
N ILE B 96 12.51 -11.24 10.67
CA ILE B 96 13.90 -10.94 10.34
C ILE B 96 14.59 -10.60 11.66
N LEU B 97 14.01 -9.66 12.38
CA LEU B 97 14.52 -9.22 13.68
C LEU B 97 14.72 -10.39 14.64
N LYS B 98 13.73 -11.29 14.70
CA LYS B 98 13.80 -12.46 15.55
C LYS B 98 14.92 -13.43 15.23
N GLU B 99 15.16 -13.62 13.94
CA GLU B 99 16.21 -14.53 13.49
C GLU B 99 17.60 -13.99 13.81
N LYS B 100 17.67 -12.67 13.95
CA LYS B 100 18.93 -12.03 14.32
C LYS B 100 19.05 -12.10 15.84
N GLY B 101 18.04 -12.65 16.50
CA GLY B 101 18.06 -12.76 17.94
C GLY B 101 17.69 -11.48 18.68
N ILE B 102 17.01 -10.57 17.98
CA ILE B 102 16.59 -9.31 18.57
C ILE B 102 15.16 -9.44 19.08
N VAL B 103 14.90 -8.90 20.27
CA VAL B 103 13.56 -8.95 20.85
C VAL B 103 12.73 -7.78 20.30
N VAL B 104 11.51 -8.09 19.88
CA VAL B 104 10.58 -7.12 19.30
C VAL B 104 9.67 -6.49 20.36
N GLY B 105 9.48 -5.17 20.27
CA GLY B 105 8.64 -4.47 21.21
C GLY B 105 7.62 -3.63 20.46
N ILE B 106 6.60 -3.15 21.18
CA ILE B 106 5.55 -2.35 20.55
C ILE B 106 5.12 -1.17 21.41
N LYS B 107 4.83 -0.04 20.77
CA LYS B 107 4.38 1.17 21.41
C LYS B 107 2.89 1.00 21.74
N LEU B 108 2.53 1.09 23.02
CA LEU B 108 1.14 0.90 23.43
C LEU B 108 0.28 2.10 23.80
N ASP B 109 0.90 3.26 24.02
CA ASP B 109 0.09 4.41 24.39
C ASP B 109 -0.54 5.06 23.18
N GLN B 110 -1.67 5.73 23.41
CA GLN B 110 -2.40 6.38 22.34
C GLN B 110 -2.46 7.90 22.42
N GLY B 111 -1.37 8.51 22.87
CA GLY B 111 -1.32 9.96 22.94
C GLY B 111 -1.85 10.59 24.21
N GLY B 112 -1.64 11.90 24.34
CA GLY B 112 -2.07 12.62 25.51
C GLY B 112 -3.50 13.14 25.47
N ALA B 113 -4.00 13.49 26.66
CA ALA B 113 -5.34 14.03 26.85
C ALA B 113 -5.15 15.10 27.92
N PRO B 114 -5.69 16.31 27.68
CA PRO B 114 -5.57 17.42 28.63
C PRO B 114 -6.27 17.23 29.96
N LEU B 115 -5.65 17.75 31.01
CA LEU B 115 -6.18 17.70 32.37
C LEU B 115 -6.65 19.12 32.65
N ALA B 116 -7.96 19.29 32.79
CA ALA B 116 -8.55 20.59 33.05
C ALA B 116 -8.17 21.16 34.42
N GLY B 117 -7.92 22.46 34.47
CA GLY B 117 -7.57 23.08 35.73
C GLY B 117 -6.07 23.02 35.99
N THR B 118 -5.31 22.77 34.93
CA THR B 118 -3.86 22.70 35.04
C THR B 118 -3.32 23.66 33.99
N ASN B 119 -2.01 23.85 33.99
CA ASN B 119 -1.38 24.71 33.00
C ASN B 119 -0.88 23.83 31.87
N LYS B 120 -1.78 23.52 30.92
CA LYS B 120 -1.45 22.71 29.76
C LYS B 120 -0.78 21.39 30.08
N GLU B 121 -1.26 20.73 31.13
CA GLU B 121 -0.70 19.45 31.50
C GLU B 121 -1.61 18.37 30.93
N THR B 122 -1.08 17.17 30.72
CA THR B 122 -1.85 16.08 30.13
C THR B 122 -1.62 14.76 30.86
N THR B 123 -2.42 13.77 30.49
CA THR B 123 -2.33 12.41 30.99
C THR B 123 -2.36 11.59 29.69
N ILE B 124 -2.07 10.29 29.76
CA ILE B 124 -2.03 9.48 28.55
C ILE B 124 -3.18 8.48 28.41
N GLN B 125 -3.59 8.25 27.17
CA GLN B 125 -4.68 7.33 26.85
C GLN B 125 -4.11 6.02 26.33
N GLY B 126 -4.90 4.95 26.41
CA GLY B 126 -4.44 3.66 25.90
C GLY B 126 -4.76 2.45 26.76
N LEU B 127 -5.44 2.67 27.88
CA LEU B 127 -5.80 1.58 28.76
C LEU B 127 -6.95 0.69 28.25
N ASP B 128 -7.91 1.29 27.55
CA ASP B 128 -9.05 0.55 27.03
C ASP B 128 -8.73 -0.59 26.09
N GLY B 129 -9.11 -1.80 26.50
CA GLY B 129 -8.84 -2.99 25.71
C GLY B 129 -7.37 -3.35 25.59
N LEU B 130 -6.52 -2.71 26.36
CA LEU B 130 -5.08 -2.96 26.30
C LEU B 130 -4.70 -4.42 26.56
N SER B 131 -5.46 -5.09 27.42
CA SER B 131 -5.18 -6.49 27.74
C SER B 131 -5.30 -7.39 26.50
N GLU B 132 -6.39 -7.25 25.76
CA GLU B 132 -6.63 -8.03 24.54
C GLU B 132 -5.55 -7.73 23.52
N ARG B 133 -5.23 -6.44 23.41
CA ARG B 133 -4.21 -5.96 22.50
C ARG B 133 -2.86 -6.59 22.84
N CYS B 134 -2.55 -6.68 24.13
CA CYS B 134 -1.29 -7.26 24.58
C CYS B 134 -1.25 -8.75 24.30
N ALA B 135 -2.37 -9.43 24.46
CA ALA B 135 -2.44 -10.87 24.23
C ALA B 135 -2.19 -11.17 22.76
N GLN B 136 -2.76 -10.35 21.89
CA GLN B 136 -2.59 -10.53 20.46
C GLN B 136 -1.16 -10.24 20.06
N TYR B 137 -0.61 -9.15 20.58
CA TYR B 137 0.77 -8.78 20.26
C TYR B 137 1.74 -9.89 20.64
N LYS B 138 1.49 -10.51 21.78
CA LYS B 138 2.31 -11.61 22.28
C LYS B 138 2.24 -12.81 21.31
N LYS B 139 1.06 -13.04 20.74
CA LYS B 139 0.90 -14.13 19.80
C LYS B 139 1.63 -13.82 18.50
N ASP B 140 1.76 -12.54 18.19
CA ASP B 140 2.44 -12.12 16.97
C ASP B 140 3.95 -11.94 17.15
N GLY B 141 4.48 -12.43 18.27
CA GLY B 141 5.91 -12.34 18.51
C GLY B 141 6.50 -11.15 19.25
N VAL B 142 5.66 -10.28 19.81
CA VAL B 142 6.16 -9.11 20.55
C VAL B 142 6.36 -9.50 22.01
N ASP B 143 7.51 -9.15 22.57
CA ASP B 143 7.81 -9.49 23.95
C ASP B 143 7.80 -8.33 24.96
N PHE B 144 7.84 -7.09 24.49
CA PHE B 144 7.79 -5.93 25.39
C PHE B 144 7.02 -4.74 24.82
N GLY B 145 6.57 -3.86 25.70
N GLY B 145 6.63 -3.81 25.69
CA GLY B 145 5.83 -2.69 25.28
CA GLY B 145 5.89 -2.63 25.27
C GLY B 145 6.49 -1.41 25.75
C GLY B 145 6.51 -1.31 25.69
N LYS B 146 5.91 -0.27 25.37
N LYS B 146 5.93 -0.19 25.24
CA LYS B 146 6.43 1.03 25.78
CA LYS B 146 6.41 1.15 25.58
C LYS B 146 5.27 2.01 25.93
C LYS B 146 5.24 2.10 25.82
N TRP B 147 5.29 2.76 27.01
N TRP B 147 5.26 2.79 26.96
CA TRP B 147 4.26 3.76 27.31
CA TRP B 147 4.23 3.76 27.31
C TRP B 147 4.98 5.03 27.72
C TRP B 147 4.96 5.03 27.73
N ARG B 148 4.73 6.12 27.00
CA ARG B 148 5.37 7.39 27.29
C ARG B 148 4.40 8.34 28.01
N ALA B 149 4.86 8.91 29.12
CA ALA B 149 4.08 9.85 29.90
C ALA B 149 4.90 11.12 29.84
N VAL B 150 4.25 12.25 29.70
CA VAL B 150 4.95 13.51 29.58
C VAL B 150 4.65 14.43 30.76
N LEU B 151 5.71 14.92 31.37
CA LEU B 151 5.61 15.86 32.49
C LEU B 151 6.44 17.05 32.04
N ARG B 152 5.93 18.25 32.25
CA ARG B 152 6.65 19.46 31.86
C ARG B 152 6.98 20.33 33.07
N ILE B 153 8.02 21.13 32.90
CA ILE B 153 8.45 22.04 33.95
C ILE B 153 8.05 23.42 33.46
N ALA B 154 7.21 24.10 34.23
CA ALA B 154 6.72 25.42 33.87
C ALA B 154 6.02 26.03 35.08
N ASP B 155 5.29 27.10 34.84
CA ASP B 155 4.53 27.77 35.88
C ASP B 155 3.46 26.79 36.37
N GLN B 156 3.60 26.35 37.62
CA GLN B 156 2.68 25.40 38.26
C GLN B 156 2.84 23.96 37.74
N CYS B 157 3.98 23.67 37.12
CA CYS B 157 4.22 22.34 36.57
C CYS B 157 5.55 21.75 36.98
N PRO B 158 5.59 20.43 37.25
CA PRO B 158 4.42 19.54 37.16
C PRO B 158 3.65 19.50 38.48
N SER B 159 2.34 19.67 38.40
CA SER B 159 1.50 19.63 39.59
C SER B 159 1.41 18.22 40.14
N SER B 160 0.81 18.07 41.32
CA SER B 160 0.69 16.76 41.93
C SER B 160 -0.37 15.91 41.24
N LEU B 161 -1.37 16.58 40.66
CA LEU B 161 -2.43 15.87 39.93
C LEU B 161 -1.74 15.23 38.72
N ALA B 162 -0.94 16.02 38.01
CA ALA B 162 -0.22 15.54 36.85
C ALA B 162 0.71 14.37 37.22
N ILE B 163 1.39 14.49 38.35
CA ILE B 163 2.30 13.44 38.79
C ILE B 163 1.60 12.16 39.22
N GLN B 164 0.50 12.30 39.96
CA GLN B 164 -0.28 11.15 40.44
C GLN B 164 -0.97 10.43 39.27
N GLU B 165 -1.52 11.21 38.36
CA GLU B 165 -2.19 10.66 37.20
C GLU B 165 -1.26 9.86 36.30
N ASN B 166 -0.18 10.48 35.85
CA ASN B 166 0.74 9.78 34.97
C ASN B 166 1.39 8.58 35.62
N ALA B 167 1.78 8.72 36.88
CA ALA B 167 2.40 7.62 37.63
C ALA B 167 1.46 6.42 37.72
N ASN B 168 0.21 6.67 38.12
CA ASN B 168 -0.78 5.62 38.26
C ASN B 168 -1.26 5.02 36.95
N THR B 169 -1.34 5.83 35.90
CA THR B 169 -1.75 5.35 34.58
C THR B 169 -0.61 4.44 34.09
N LEU B 170 0.62 4.91 34.31
CA LEU B 170 1.82 4.18 33.94
C LEU B 170 1.84 2.83 34.67
N ALA B 171 1.39 2.80 35.93
CA ALA B 171 1.35 1.55 36.70
C ALA B 171 0.27 0.56 36.23
N ARG B 172 -0.89 1.06 35.78
CA ARG B 172 -1.96 0.19 35.29
C ARG B 172 -1.46 -0.54 34.05
N TYR B 173 -0.93 0.23 33.11
CA TYR B 173 -0.37 -0.29 31.88
C TYR B 173 0.63 -1.42 32.18
N ALA B 174 1.53 -1.15 33.12
CA ALA B 174 2.56 -2.10 33.52
C ALA B 174 2.00 -3.42 34.06
N SER B 175 0.97 -3.32 34.91
CA SER B 175 0.35 -4.50 35.48
C SER B 175 -0.29 -5.32 34.36
N ILE B 176 -0.97 -4.62 33.45
CA ILE B 176 -1.64 -5.27 32.32
C ILE B 176 -0.64 -5.96 31.39
N CYS B 177 0.46 -5.29 31.07
CA CYS B 177 1.49 -5.89 30.20
C CYS B 177 1.98 -7.21 30.78
N GLN B 178 2.33 -7.16 32.06
CA GLN B 178 2.84 -8.34 32.76
C GLN B 178 1.87 -9.49 32.84
N GLN B 179 0.58 -9.19 32.92
CA GLN B 179 -0.45 -10.22 32.98
C GLN B 179 -0.58 -10.95 31.64
N ASN B 180 -0.03 -10.34 30.59
CA ASN B 180 -0.08 -10.93 29.25
C ASN B 180 1.28 -11.40 28.77
N GLY B 181 2.27 -11.38 29.65
CA GLY B 181 3.59 -11.84 29.28
C GLY B 181 4.57 -10.86 28.66
N LEU B 182 4.21 -9.58 28.58
CA LEU B 182 5.12 -8.60 28.00
C LEU B 182 5.79 -7.77 29.09
N VAL B 183 7.06 -7.45 28.87
CA VAL B 183 7.86 -6.62 29.78
C VAL B 183 7.56 -5.16 29.46
N PRO B 184 6.93 -4.43 30.41
CA PRO B 184 6.62 -3.02 30.19
C PRO B 184 7.79 -2.07 30.40
N ILE B 185 8.04 -1.23 29.41
CA ILE B 185 9.07 -0.23 29.55
C ILE B 185 8.31 0.98 30.04
N VAL B 186 8.65 1.42 31.25
N VAL B 186 8.66 1.42 31.24
CA VAL B 186 8.03 2.56 31.87
CA VAL B 186 8.03 2.57 31.88
C VAL B 186 8.83 3.79 31.48
C VAL B 186 8.84 3.80 31.47
N GLU B 187 8.18 4.75 30.82
N GLU B 187 8.18 4.74 30.82
CA GLU B 187 8.85 5.96 30.38
CA GLU B 187 8.86 5.97 30.37
C GLU B 187 8.22 7.25 30.88
C GLU B 187 8.22 7.26 30.89
N PRO B 188 8.68 7.76 32.04
N PRO B 188 8.69 7.76 32.04
CA PRO B 188 8.15 8.99 32.60
CA PRO B 188 8.15 8.99 32.60
C PRO B 188 9.06 10.10 32.12
C PRO B 188 9.08 10.10 32.11
N GLU B 189 8.70 10.77 31.03
CA GLU B 189 9.55 11.81 30.50
C GLU B 189 9.30 13.24 30.93
N VAL B 190 10.33 13.85 31.49
CA VAL B 190 10.29 15.25 31.88
C VAL B 190 10.86 15.91 30.63
N ILE B 191 10.02 16.57 29.84
CA ILE B 191 10.49 17.18 28.60
C ILE B 191 11.49 18.28 28.84
N PRO B 192 12.43 18.48 27.90
CA PRO B 192 13.48 19.51 28.00
C PRO B 192 13.02 20.93 27.65
N ASP B 193 11.77 21.08 27.27
CA ASP B 193 11.24 22.39 26.89
C ASP B 193 11.26 23.38 28.06
N GLY B 194 11.69 24.61 27.80
CA GLY B 194 11.75 25.61 28.85
C GLY B 194 13.15 26.14 29.05
N ASP B 195 13.28 27.09 29.97
CA ASP B 195 14.57 27.71 30.29
C ASP B 195 15.09 27.37 31.68
N HIS B 196 14.68 26.22 32.19
CA HIS B 196 15.10 25.77 33.52
C HIS B 196 16.53 25.23 33.49
N ASP B 197 17.23 25.31 34.62
CA ASP B 197 18.61 24.80 34.69
C ASP B 197 18.68 23.33 35.13
N LEU B 198 19.90 22.82 35.22
CA LEU B 198 20.14 21.43 35.60
C LEU B 198 19.53 21.03 36.94
N GLU B 199 19.72 21.86 37.96
CA GLU B 199 19.20 21.55 39.28
C GLU B 199 17.67 21.51 39.34
N HIS B 200 16.99 22.31 38.52
CA HIS B 200 15.53 22.30 38.53
C HIS B 200 15.06 20.99 37.94
N CYS B 201 15.75 20.54 36.90
CA CYS B 201 15.41 19.29 36.25
C CYS B 201 15.64 18.12 37.20
N GLN B 202 16.78 18.12 37.86
CA GLN B 202 17.13 17.07 38.81
C GLN B 202 16.08 16.94 39.91
N TYR B 203 15.64 18.08 40.42
CA TYR B 203 14.64 18.10 41.48
C TYR B 203 13.33 17.45 41.03
N VAL B 204 12.84 17.89 39.87
CA VAL B 204 11.60 17.37 39.32
C VAL B 204 11.69 15.88 38.96
N THR B 205 12.80 15.45 38.38
CA THR B 205 13.00 14.07 38.00
C THR B 205 12.98 13.12 39.21
N GLU B 206 13.61 13.52 40.31
CA GLU B 206 13.64 12.69 41.52
C GLU B 206 12.21 12.59 42.05
N LYS B 207 11.50 13.71 42.00
CA LYS B 207 10.11 13.76 42.46
C LYS B 207 9.20 12.84 41.65
N VAL B 208 9.31 12.94 40.33
CA VAL B 208 8.51 12.12 39.41
C VAL B 208 8.79 10.62 39.57
N LEU B 209 10.06 10.26 39.60
CA LEU B 209 10.46 8.87 39.74
C LEU B 209 10.04 8.23 41.08
N ALA B 210 10.05 9.01 42.15
CA ALA B 210 9.64 8.53 43.47
C ALA B 210 8.16 8.16 43.43
N ALA B 211 7.35 9.01 42.78
CA ALA B 211 5.92 8.77 42.64
C ALA B 211 5.67 7.55 41.76
N VAL B 212 6.45 7.44 40.68
CA VAL B 212 6.34 6.33 39.75
C VAL B 212 6.54 4.99 40.45
N TYR B 213 7.63 4.86 41.19
CA TYR B 213 7.92 3.60 41.88
C TYR B 213 7.04 3.26 43.06
N LYS B 214 6.43 4.28 43.66
CA LYS B 214 5.52 4.05 44.76
C LYS B 214 4.24 3.52 44.10
N ALA B 215 3.89 4.11 42.95
CA ALA B 215 2.71 3.70 42.21
C ALA B 215 2.82 2.25 41.74
N LEU B 216 3.99 1.88 41.23
CA LEU B 216 4.22 0.52 40.76
C LEU B 216 4.09 -0.49 41.88
N ASN B 217 4.44 -0.07 43.09
CA ASN B 217 4.34 -0.93 44.28
C ASN B 217 2.88 -1.12 44.66
N ASP B 218 2.12 -0.04 44.65
CA ASP B 218 0.70 -0.10 44.97
C ASP B 218 -0.03 -1.02 44.01
N HIS B 219 0.34 -0.95 42.74
CA HIS B 219 -0.30 -1.79 41.72
C HIS B 219 0.25 -3.20 41.59
N HIS B 220 1.20 -3.55 42.46
CA HIS B 220 1.80 -4.88 42.51
C HIS B 220 2.61 -5.29 41.29
N VAL B 221 3.28 -4.31 40.69
CA VAL B 221 4.10 -4.55 39.53
C VAL B 221 5.42 -5.23 39.91
N TYR B 222 5.77 -6.27 39.16
CA TYR B 222 7.00 -7.03 39.38
C TYR B 222 8.16 -6.27 38.74
N LEU B 223 8.89 -5.51 39.55
CA LEU B 223 10.02 -4.70 39.10
C LEU B 223 11.13 -5.45 38.37
N GLU B 224 11.37 -6.68 38.78
CA GLU B 224 12.40 -7.49 38.13
C GLU B 224 12.09 -7.73 36.65
N GLY B 225 10.81 -7.68 36.29
CA GLY B 225 10.42 -7.87 34.90
C GLY B 225 9.92 -6.60 34.26
N THR B 226 10.66 -5.51 34.46
CA THR B 226 10.32 -4.21 33.89
C THR B 226 11.63 -3.55 33.45
N LEU B 227 11.50 -2.41 32.80
CA LEU B 227 12.65 -1.66 32.33
C LEU B 227 12.21 -0.21 32.44
N LEU B 228 13.19 0.67 32.67
N LEU B 228 13.18 0.67 32.67
CA LEU B 228 12.90 2.09 32.81
CA LEU B 228 12.89 2.09 32.82
C LEU B 228 13.54 2.90 31.69
C LEU B 228 13.54 2.90 31.70
N LYS B 229 12.80 3.87 31.16
N LYS B 229 12.81 3.86 31.15
CA LYS B 229 13.29 4.73 30.08
CA LYS B 229 13.32 4.72 30.09
C LYS B 229 13.04 6.17 30.50
C LYS B 229 13.05 6.17 30.49
N PRO B 230 13.89 6.70 31.39
N PRO B 230 13.89 6.71 31.37
CA PRO B 230 13.73 8.08 31.85
CA PRO B 230 13.73 8.09 31.84
C PRO B 230 14.58 9.06 31.05
C PRO B 230 14.56 9.06 31.04
N ASN B 231 14.30 10.35 31.24
CA ASN B 231 15.06 11.40 30.56
C ASN B 231 16.39 11.52 31.31
N MET B 232 17.38 12.15 30.70
CA MET B 232 18.66 12.37 31.37
C MET B 232 18.44 13.71 32.06
N VAL B 233 19.23 14.04 33.07
CA VAL B 233 19.04 15.32 33.72
C VAL B 233 19.90 16.33 32.97
N THR B 234 19.21 17.23 32.28
CA THR B 234 19.88 18.26 31.52
C THR B 234 19.12 19.57 31.73
N ALA B 235 19.73 20.68 31.35
CA ALA B 235 19.10 21.99 31.46
C ALA B 235 18.06 22.02 30.33
N GLY B 236 17.14 22.97 30.41
CA GLY B 236 16.12 23.09 29.40
C GLY B 236 16.75 23.55 28.10
N HIS B 237 16.05 23.32 26.99
CA HIS B 237 16.54 23.71 25.66
C HIS B 237 16.86 25.20 25.58
N ALA B 238 16.06 26.01 26.26
CA ALA B 238 16.25 27.45 26.25
C ALA B 238 17.15 27.94 27.38
N CYS B 239 17.94 27.03 27.95
CA CYS B 239 18.86 27.39 29.02
C CYS B 239 20.20 27.77 28.43
N THR B 240 20.72 28.93 28.83
CA THR B 240 22.01 29.42 28.33
C THR B 240 23.23 28.80 29.00
N LYS B 241 23.08 28.39 30.25
CA LYS B 241 24.15 27.77 31.01
C LYS B 241 24.62 26.49 30.33
N LYS B 242 25.93 26.35 30.18
CA LYS B 242 26.52 25.18 29.54
C LYS B 242 26.89 24.13 30.57
N TYR B 243 26.64 22.87 30.23
CA TYR B 243 26.96 21.75 31.11
C TYR B 243 27.69 20.69 30.32
N THR B 244 28.70 20.08 30.96
CA THR B 244 29.51 19.03 30.33
C THR B 244 28.85 17.67 30.58
N PRO B 245 29.34 16.62 29.90
CA PRO B 245 28.79 15.28 30.08
C PRO B 245 28.95 14.82 31.54
N GLU B 246 30.08 15.18 32.15
CA GLU B 246 30.36 14.82 33.55
C GLU B 246 29.29 15.36 34.50
N GLN B 247 28.93 16.62 34.33
CA GLN B 247 27.89 17.25 35.15
C GLN B 247 26.54 16.63 34.90
N VAL B 248 26.18 16.47 33.63
CA VAL B 248 24.91 15.86 33.25
C VAL B 248 24.83 14.45 33.81
N ALA B 249 25.98 13.76 33.83
CA ALA B 249 26.06 12.39 34.34
C ALA B 249 25.86 12.33 35.85
N MET B 250 26.48 13.27 36.55
CA MET B 250 26.40 13.36 38.00
C MET B 250 24.98 13.61 38.43
N ALA B 251 24.35 14.63 37.84
CA ALA B 251 22.97 14.96 38.17
C ALA B 251 22.01 13.80 37.91
N THR B 252 22.24 13.11 36.81
CA THR B 252 21.42 11.96 36.41
C THR B 252 21.55 10.77 37.36
N VAL B 253 22.77 10.26 37.53
CA VAL B 253 22.99 9.12 38.40
C VAL B 253 22.56 9.42 39.84
N THR B 254 22.67 10.70 40.22
CA THR B 254 22.26 11.11 41.56
C THR B 254 20.74 10.96 41.69
N ALA B 255 19.99 11.44 40.71
CA ALA B 255 18.54 11.33 40.73
C ALA B 255 18.10 9.87 40.73
N LEU B 256 18.76 9.07 39.89
CA LEU B 256 18.44 7.65 39.77
C LEU B 256 18.71 6.80 41.03
N HIS B 257 19.90 6.91 41.60
CA HIS B 257 20.22 6.09 42.77
C HIS B 257 19.44 6.43 44.05
N ARG B 258 18.73 7.55 44.03
CA ARG B 258 17.92 7.95 45.18
C ARG B 258 16.49 7.44 45.02
N THR B 259 16.09 7.18 43.78
CA THR B 259 14.72 6.73 43.50
C THR B 259 14.47 5.34 42.90
N VAL B 260 15.30 4.92 41.95
CA VAL B 260 15.11 3.62 41.27
C VAL B 260 15.68 2.40 41.99
N PRO B 261 14.82 1.47 42.41
CA PRO B 261 15.23 0.25 43.12
C PRO B 261 16.21 -0.62 42.31
N ALA B 262 17.06 -1.34 43.03
CA ALA B 262 18.04 -2.23 42.41
C ALA B 262 17.37 -3.43 41.77
N ALA B 263 16.07 -3.58 42.00
CA ALA B 263 15.29 -4.69 41.44
C ALA B 263 15.09 -4.51 39.94
N VAL B 264 15.13 -3.26 39.48
CA VAL B 264 14.97 -2.93 38.06
C VAL B 264 16.25 -3.28 37.31
N PRO B 265 16.16 -4.22 36.36
CA PRO B 265 17.27 -4.70 35.53
C PRO B 265 18.04 -3.62 34.76
N GLY B 266 17.33 -2.70 34.13
CA GLY B 266 18.02 -1.69 33.37
C GLY B 266 17.27 -0.40 33.15
N ILE B 267 18.06 0.63 32.89
CA ILE B 267 17.59 1.98 32.64
C ILE B 267 18.13 2.37 31.26
N CYS B 268 17.22 2.45 30.29
CA CYS B 268 17.55 2.79 28.91
C CYS B 268 17.14 4.23 28.63
N PHE B 269 18.11 5.12 28.62
CA PHE B 269 17.86 6.53 28.41
C PHE B 269 17.31 6.87 27.04
N LEU B 270 16.36 7.79 27.04
CA LEU B 270 15.76 8.31 25.82
C LEU B 270 16.65 9.48 25.42
N SER B 271 16.81 9.71 24.13
CA SER B 271 17.67 10.77 23.62
C SER B 271 17.10 12.19 23.65
N GLY B 272 15.78 12.29 23.64
CA GLY B 272 15.13 13.59 23.70
C GLY B 272 15.54 14.68 22.73
N GLY B 273 15.70 14.35 21.47
CA GLY B 273 16.09 15.35 20.48
C GLY B 273 17.47 15.98 20.63
N MET B 274 18.36 15.31 21.35
CA MET B 274 19.72 15.82 21.51
C MET B 274 20.56 15.13 20.43
N SER B 275 21.63 15.80 20.02
CA SER B 275 22.52 15.28 18.98
C SER B 275 23.04 13.86 19.21
N GLU B 276 23.31 13.14 18.12
CA GLU B 276 23.83 11.78 18.19
C GLU B 276 25.07 11.78 19.06
N GLU B 277 25.92 12.78 18.85
CA GLU B 277 27.16 12.91 19.61
C GLU B 277 26.87 13.00 21.12
N ASP B 278 26.03 13.96 21.51
CA ASP B 278 25.67 14.16 22.91
C ASP B 278 25.07 12.94 23.57
N ALA B 279 24.22 12.23 22.85
CA ALA B 279 23.58 11.04 23.39
C ALA B 279 24.64 10.00 23.75
N THR B 280 25.69 9.93 22.94
CA THR B 280 26.78 8.98 23.15
C THR B 280 27.67 9.40 24.30
N LEU B 281 28.10 10.66 24.27
CA LEU B 281 28.98 11.25 25.28
C LEU B 281 28.38 11.21 26.68
N ASN B 282 27.15 11.68 26.80
CA ASN B 282 26.43 11.70 28.07
C ASN B 282 26.26 10.28 28.60
N LEU B 283 25.99 9.35 27.70
CA LEU B 283 25.81 7.95 28.06
C LEU B 283 27.12 7.36 28.60
N ASN B 284 28.22 7.62 27.91
CA ASN B 284 29.53 7.12 28.32
C ASN B 284 29.85 7.62 29.72
N ALA B 285 29.67 8.92 29.90
CA ALA B 285 29.92 9.58 31.18
C ALA B 285 29.09 8.98 32.33
N ILE B 286 27.82 8.70 32.06
CA ILE B 286 26.92 8.13 33.06
C ILE B 286 27.41 6.80 33.58
N ASN B 287 28.02 6.01 32.71
CA ASN B 287 28.55 4.71 33.11
C ASN B 287 29.90 4.83 33.78
N LEU B 288 30.51 6.01 33.66
CA LEU B 288 31.80 6.28 34.28
C LEU B 288 31.60 7.02 35.60
N CYS B 289 30.34 7.32 35.94
CA CYS B 289 30.01 8.04 37.16
C CYS B 289 30.31 7.14 38.36
N PRO B 290 31.11 7.65 39.31
CA PRO B 290 31.52 6.92 40.53
C PRO B 290 30.44 6.65 41.59
N LEU B 291 29.18 6.85 41.27
CA LEU B 291 28.10 6.61 42.23
C LEU B 291 27.64 5.16 42.12
N PRO B 292 26.85 4.69 43.10
CA PRO B 292 26.38 3.30 43.05
C PRO B 292 25.41 3.12 41.87
N LYS B 293 25.65 2.09 41.05
CA LYS B 293 24.80 1.81 39.90
C LYS B 293 24.46 0.31 39.82
N PRO B 294 23.46 -0.15 40.59
CA PRO B 294 23.08 -1.55 40.58
C PRO B 294 22.32 -2.02 39.33
N TRP B 295 22.04 -1.10 38.41
CA TRP B 295 21.32 -1.43 37.19
C TRP B 295 22.16 -1.12 35.97
N LYS B 296 21.83 -1.76 34.85
CA LYS B 296 22.51 -1.50 33.59
C LYS B 296 22.04 -0.13 33.14
N LEU B 297 22.97 0.68 32.62
CA LEU B 297 22.64 2.02 32.15
C LEU B 297 22.87 2.01 30.65
N SER B 298 21.78 1.82 29.91
CA SER B 298 21.86 1.72 28.47
C SER B 298 21.07 2.80 27.74
N PHE B 299 20.75 2.53 26.48
N PHE B 299 20.74 2.54 26.48
CA PHE B 299 20.03 3.49 25.66
CA PHE B 299 20.02 3.50 25.66
C PHE B 299 18.83 2.89 24.96
C PHE B 299 18.83 2.88 24.96
N SER B 300 17.90 3.77 24.60
N SER B 300 17.90 3.74 24.59
CA SER B 300 16.69 3.44 23.85
CA SER B 300 16.68 3.38 23.86
C SER B 300 16.56 4.70 23.01
C SER B 300 16.55 4.65 23.03
N TYR B 301 17.38 4.78 21.97
N TYR B 301 17.35 4.74 21.97
CA TYR B 301 17.42 5.95 21.11
CA TYR B 301 17.39 5.92 21.14
C TYR B 301 16.68 5.82 19.79
C TYR B 301 16.59 5.89 19.84
N GLY B 302 16.15 6.94 19.34
N GLY B 302 16.04 7.05 19.49
CA GLY B 302 15.44 7.00 18.08
CA GLY B 302 15.29 7.21 18.26
C GLY B 302 16.27 7.83 17.13
C GLY B 302 16.15 7.97 17.27
N ARG B 303 16.09 9.15 17.19
N ARG B 303 15.99 9.30 17.24
CA ARG B 303 16.81 10.10 16.35
CA ARG B 303 16.76 10.15 16.35
C ARG B 303 18.32 9.99 16.52
C ARG B 303 18.27 9.96 16.50
N ALA B 304 18.77 9.82 17.76
N ALA B 304 18.74 9.87 17.74
CA ALA B 304 20.20 9.70 18.03
CA ALA B 304 20.16 9.72 18.02
C ALA B 304 20.80 8.42 17.46
C ALA B 304 20.78 8.44 17.45
N LEU B 305 19.95 7.53 16.96
CA LEU B 305 20.44 6.29 16.39
C LEU B 305 20.15 6.21 14.88
N GLN B 306 19.30 7.12 14.41
CA GLN B 306 18.86 7.12 13.02
C GLN B 306 19.14 8.37 12.17
N ALA B 307 19.52 9.48 12.80
CA ALA B 307 19.77 10.74 12.10
C ALA B 307 20.67 10.65 10.86
N SER B 308 21.86 10.06 11.01
CA SER B 308 22.80 9.91 9.92
C SER B 308 22.30 8.95 8.84
N ALA B 309 21.75 7.81 9.26
CA ALA B 309 21.23 6.82 8.32
C ALA B 309 20.18 7.45 7.42
N LEU B 310 19.30 8.24 8.03
CA LEU B 310 18.25 8.93 7.30
C LEU B 310 18.85 9.90 6.29
N ALA B 311 19.75 10.76 6.77
CA ALA B 311 20.39 11.75 5.92
C ALA B 311 21.18 11.14 4.76
N ALA B 312 21.77 9.96 5.01
CA ALA B 312 22.56 9.28 4.00
C ALA B 312 21.66 8.59 2.97
N TRP B 313 20.47 8.19 3.41
CA TRP B 313 19.50 7.52 2.54
C TRP B 313 18.97 8.48 1.48
N GLY B 314 18.36 9.57 1.93
CA GLY B 314 17.83 10.57 1.02
C GLY B 314 16.64 10.10 0.19
N GLY B 315 16.14 8.89 0.48
CA GLY B 315 15.01 8.36 -0.25
C GLY B 315 15.42 7.50 -1.45
N LYS B 316 16.70 7.54 -1.80
CA LYS B 316 17.22 6.77 -2.92
C LYS B 316 17.58 5.35 -2.49
N ALA B 317 17.05 4.38 -3.20
CA ALA B 317 17.32 2.97 -2.90
C ALA B 317 18.80 2.63 -3.05
N GLU B 318 19.49 3.37 -3.93
CA GLU B 318 20.91 3.14 -4.18
C GLU B 318 21.80 3.46 -2.97
N ASN B 319 21.26 4.19 -2.01
CA ASN B 319 22.02 4.57 -0.82
C ASN B 319 21.85 3.61 0.36
N LYS B 320 21.44 2.39 0.06
CA LYS B 320 21.25 1.37 1.08
C LYS B 320 22.49 1.15 1.95
N LYS B 321 23.66 1.03 1.31
CA LYS B 321 24.91 0.80 2.01
C LYS B 321 25.28 1.92 2.99
N ALA B 322 25.41 3.14 2.49
CA ALA B 322 25.77 4.29 3.34
C ALA B 322 24.79 4.45 4.50
N THR B 323 23.55 4.04 4.28
CA THR B 323 22.52 4.13 5.29
C THR B 323 22.73 3.07 6.38
N GLN B 324 23.07 1.86 5.97
CA GLN B 324 23.31 0.76 6.90
C GLN B 324 24.56 0.98 7.73
N GLU B 325 25.65 1.37 7.07
CA GLU B 325 26.92 1.61 7.74
C GLU B 325 26.78 2.72 8.77
N ALA B 326 26.08 3.79 8.41
CA ALA B 326 25.85 4.92 9.30
C ALA B 326 25.11 4.45 10.55
N PHE B 327 24.06 3.65 10.35
CA PHE B 327 23.27 3.12 11.46
C PHE B 327 24.11 2.24 12.38
N MET B 328 24.80 1.25 11.81
CA MET B 328 25.65 0.35 12.59
C MET B 328 26.71 1.14 13.34
N LYS B 329 27.16 2.23 12.73
CA LYS B 329 28.16 3.11 13.33
C LYS B 329 27.62 3.66 14.66
N ARG B 330 26.41 4.20 14.64
CA ARG B 330 25.81 4.75 15.85
C ARG B 330 25.47 3.64 16.85
N ALA B 331 25.06 2.49 16.35
CA ALA B 331 24.71 1.37 17.21
C ALA B 331 25.90 0.83 18.00
N VAL B 332 27.09 0.86 17.41
CA VAL B 332 28.30 0.36 18.08
C VAL B 332 28.92 1.31 19.10
N VAL B 333 29.01 2.59 18.75
CA VAL B 333 29.59 3.56 19.68
C VAL B 333 28.69 3.77 20.90
N ASN B 334 27.38 3.58 20.72
CA ASN B 334 26.43 3.72 21.82
C ASN B 334 26.47 2.52 22.73
N CYS B 335 26.87 1.38 22.17
CA CYS B 335 27.02 0.13 22.92
C CYS B 335 28.32 0.27 23.73
N GLN B 336 29.31 0.96 23.15
CA GLN B 336 30.57 1.19 23.83
C GLN B 336 30.28 2.13 24.99
N ALA B 337 29.56 3.21 24.68
CA ALA B 337 29.18 4.20 25.68
C ALA B 337 28.44 3.54 26.86
N ALA B 338 27.62 2.54 26.54
CA ALA B 338 26.86 1.82 27.57
C ALA B 338 27.77 1.01 28.50
N LYS B 339 29.02 0.87 28.11
CA LYS B 339 30.01 0.16 28.92
C LYS B 339 31.06 1.14 29.46
N GLY B 340 30.90 2.41 29.12
CA GLY B 340 31.86 3.43 29.54
C GLY B 340 33.17 3.25 28.83
N GLN B 341 33.16 2.47 27.75
CA GLN B 341 34.35 2.18 26.95
C GLN B 341 34.42 3.01 25.69
N TYR B 342 33.74 4.16 25.70
CA TYR B 342 33.74 5.03 24.55
C TYR B 342 34.78 6.12 24.71
N VAL B 343 35.57 6.34 23.67
CA VAL B 343 36.59 7.39 23.69
C VAL B 343 36.39 8.30 22.48
N HIS B 344 36.27 9.59 22.74
CA HIS B 344 36.05 10.56 21.68
C HIS B 344 37.35 11.34 21.49
N THR B 345 37.90 11.28 20.30
CA THR B 345 39.14 12.00 19.99
C THR B 345 38.68 13.38 19.52
N GLY B 346 38.71 14.39 20.42
CA GLY B 346 38.28 15.73 20.07
C GLY B 346 37.90 16.63 21.24
N SER B 347 38.47 17.83 21.33
CA SER B 347 38.13 18.72 22.43
C SER B 347 37.48 20.08 22.09
N SER B 348 36.44 20.43 22.84
CA SER B 348 35.62 21.65 22.66
C SER B 348 34.72 21.94 23.88
N GLY B 349 34.08 23.11 23.87
CA GLY B 349 33.13 23.45 24.92
C GLY B 349 31.84 23.81 24.18
N ALA B 350 31.51 25.09 24.19
CA ALA B 350 30.34 25.61 23.49
C ALA B 350 30.97 26.62 22.60
N ALA B 351 31.07 26.30 21.33
CA ALA B 351 31.74 27.26 20.51
C ALA B 351 31.76 26.85 19.14
N SER B 352 32.42 25.73 19.13
CA SER B 352 32.74 25.26 17.92
C SER B 352 32.88 23.87 17.69
N THR B 353 32.30 23.73 16.54
CA THR B 353 32.21 22.58 15.79
C THR B 353 31.81 21.25 16.20
N GLN B 354 30.60 21.16 15.77
CA GLN B 354 29.91 19.96 15.71
C GLN B 354 29.00 20.45 14.61
N SER B 355 29.62 20.99 13.57
CA SER B 355 28.80 21.42 12.46
C SER B 355 27.68 20.38 12.10
N LEU B 356 27.72 19.15 12.66
CA LEU B 356 26.68 18.14 12.32
C LEU B 356 25.40 18.00 13.19
N PHE B 357 25.21 18.95 14.09
CA PHE B 357 24.06 19.02 14.98
C PHE B 357 24.51 20.20 15.80
N THR B 358 25.07 21.19 15.09
CA THR B 358 25.57 22.48 15.56
C THR B 358 24.67 22.78 16.70
N ALA B 359 23.41 22.75 16.29
CA ALA B 359 22.30 22.86 17.17
C ALA B 359 21.00 23.15 16.56
N SER B 360 20.30 22.05 16.70
CA SER B 360 18.97 21.80 16.33
C SER B 360 18.14 23.02 16.59
N TYR B 361 16.96 23.00 15.99
CA TYR B 361 16.07 24.12 16.12
C TYR B 361 14.91 23.75 17.05
N THR B 362 15.16 22.76 17.89
CA THR B 362 14.22 22.28 18.90
C THR B 362 12.83 21.93 18.38
N TYR B 363 12.03 21.34 19.27
CA TYR B 363 10.67 20.92 19.01
C TYR B 363 10.55 20.01 17.79
N ALA C 1 -37.95 4.24 -37.01
CA ALA C 1 -37.02 4.34 -35.86
C ALA C 1 -36.17 5.62 -35.80
N HIS C 2 -35.91 6.22 -36.95
CA HIS C 2 -35.08 7.44 -37.03
C HIS C 2 -35.34 8.57 -36.02
N ARG C 3 -36.57 8.67 -35.53
CA ARG C 3 -36.95 9.71 -34.58
C ARG C 3 -36.36 9.54 -33.18
N PHE C 4 -35.76 8.40 -32.93
CA PHE C 4 -35.16 8.12 -31.63
C PHE C 4 -33.66 7.89 -31.79
N PRO C 5 -32.92 8.95 -32.10
CA PRO C 5 -31.46 8.84 -32.28
C PRO C 5 -30.76 8.47 -30.97
N ALA C 6 -29.62 7.80 -31.08
CA ALA C 6 -28.87 7.39 -29.93
C ALA C 6 -28.09 8.55 -29.31
N LEU C 7 -27.49 9.38 -30.16
CA LEU C 7 -26.70 10.52 -29.73
C LEU C 7 -27.13 11.86 -30.33
N THR C 8 -26.55 12.93 -29.83
CA THR C 8 -26.83 14.28 -30.31
C THR C 8 -25.58 14.69 -31.10
N PRO C 9 -25.68 15.73 -31.96
CA PRO C 9 -24.54 16.19 -32.75
C PRO C 9 -23.30 16.48 -31.90
N GLU C 10 -23.54 16.99 -30.70
CA GLU C 10 -22.48 17.34 -29.76
C GLU C 10 -21.77 16.11 -29.19
N GLN C 11 -22.56 15.09 -28.84
CA GLN C 11 -22.00 13.84 -28.33
C GLN C 11 -21.14 13.20 -29.41
N LYS C 12 -21.68 13.18 -30.63
CA LYS C 12 -20.98 12.63 -31.79
C LYS C 12 -19.66 13.36 -31.99
N LYS C 13 -19.73 14.68 -31.93
CA LYS C 13 -18.56 15.55 -32.10
C LYS C 13 -17.44 15.19 -31.12
N GLU C 14 -17.79 15.04 -29.84
CA GLU C 14 -16.81 14.71 -28.81
C GLU C 14 -16.13 13.37 -29.07
N LEU C 15 -16.92 12.37 -29.46
CA LEU C 15 -16.41 11.04 -29.74
C LEU C 15 -15.45 10.97 -30.94
N SER C 16 -15.79 11.64 -32.04
CA SER C 16 -14.90 11.59 -33.20
C SER C 16 -13.63 12.40 -32.95
N ASP C 17 -13.74 13.44 -32.14
CA ASP C 17 -12.56 14.24 -31.81
C ASP C 17 -11.57 13.36 -31.04
N ILE C 18 -12.06 12.66 -30.04
CA ILE C 18 -11.22 11.76 -29.23
C ILE C 18 -10.62 10.62 -30.07
N ALA C 19 -11.47 9.93 -30.84
CA ALA C 19 -11.03 8.80 -31.67
C ALA C 19 -9.96 9.19 -32.68
N GLN C 20 -10.14 10.36 -33.31
CA GLN C 20 -9.18 10.84 -34.31
C GLN C 20 -7.87 11.26 -33.64
N ARG C 21 -7.99 11.86 -32.47
CA ARG C 21 -6.85 12.31 -31.67
C ARG C 21 -5.89 11.17 -31.31
N ILE C 22 -6.44 10.04 -30.90
CA ILE C 22 -5.61 8.89 -30.49
C ILE C 22 -4.72 8.31 -31.58
N VAL C 23 -5.28 8.12 -32.77
CA VAL C 23 -4.55 7.54 -33.90
C VAL C 23 -3.91 8.56 -34.83
N ALA C 24 -4.05 9.84 -34.51
CA ALA C 24 -3.50 10.92 -35.33
C ALA C 24 -1.99 10.85 -35.52
N ASN C 25 -1.54 11.25 -36.70
CA ASN C 25 -0.13 11.29 -37.07
C ASN C 25 0.71 10.06 -36.84
N GLY C 26 0.09 8.90 -37.01
CA GLY C 26 0.80 7.63 -36.84
C GLY C 26 0.95 7.20 -35.39
N LYS C 27 0.29 7.90 -34.47
CA LYS C 27 0.37 7.58 -33.06
C LYS C 27 -0.43 6.31 -32.73
N GLY C 28 0.10 5.53 -31.80
CA GLY C 28 -0.55 4.30 -31.40
C GLY C 28 -0.97 4.34 -29.96
N ILE C 29 -1.31 3.17 -29.42
CA ILE C 29 -1.77 3.06 -28.05
C ILE C 29 -0.85 2.16 -27.23
N LEU C 30 -0.59 2.56 -25.99
CA LEU C 30 0.22 1.77 -25.08
C LEU C 30 -0.81 1.10 -24.19
N ALA C 31 -0.88 -0.24 -24.27
CA ALA C 31 -1.82 -0.98 -23.46
C ALA C 31 -1.11 -1.44 -22.20
N ALA C 32 -1.28 -0.68 -21.13
CA ALA C 32 -0.67 -0.99 -19.85
C ALA C 32 -1.79 -1.30 -18.88
N ASP C 33 -2.73 -2.14 -19.31
CA ASP C 33 -3.88 -2.50 -18.50
C ASP C 33 -3.86 -3.91 -17.92
N GLU C 34 -2.67 -4.45 -17.66
N GLU C 34 -2.66 -4.44 -17.64
CA GLU C 34 -2.55 -5.80 -17.11
CA GLU C 34 -2.54 -5.80 -17.08
C GLU C 34 -3.22 -5.87 -15.74
C GLU C 34 -3.22 -5.87 -15.73
N SER C 35 -3.88 -6.99 -15.48
N SER C 35 -3.88 -6.99 -15.48
CA SER C 35 -4.54 -7.19 -14.20
CA SER C 35 -4.55 -7.20 -14.20
C SER C 35 -3.46 -7.62 -13.19
C SER C 35 -3.48 -7.63 -13.20
N VAL C 36 -3.82 -7.62 -11.91
CA VAL C 36 -2.88 -8.02 -10.85
C VAL C 36 -2.24 -9.39 -11.15
N GLY C 37 -3.05 -10.34 -11.59
CA GLY C 37 -2.53 -11.66 -11.92
C GLY C 37 -1.53 -11.65 -13.06
N THR C 38 -1.92 -11.02 -14.18
CA THR C 38 -1.06 -10.93 -15.35
C THR C 38 0.26 -10.22 -15.00
N MET C 39 0.16 -9.10 -14.28
CA MET C 39 1.37 -8.37 -13.87
C MET C 39 2.23 -9.31 -13.06
N GLY C 40 1.59 -10.15 -12.26
CA GLY C 40 2.30 -11.12 -11.45
C GLY C 40 3.19 -11.98 -12.34
N ASN C 41 2.59 -12.55 -13.38
N ASN C 41 2.60 -12.56 -13.38
CA ASN C 41 3.32 -13.39 -14.33
CA ASN C 41 3.32 -13.40 -14.32
C ASN C 41 4.50 -12.65 -14.96
C ASN C 41 4.49 -12.68 -14.96
N ARG C 42 4.30 -11.36 -15.26
N ARG C 42 4.29 -11.39 -15.25
CA ARG C 42 5.34 -10.52 -15.84
CA ARG C 42 5.33 -10.57 -15.86
C ARG C 42 6.49 -10.28 -14.84
C ARG C 42 6.45 -10.26 -14.88
N LEU C 43 6.13 -9.74 -13.69
N LEU C 43 6.10 -9.77 -13.69
CA LEU C 43 7.08 -9.42 -12.63
CA LEU C 43 7.07 -9.43 -12.65
C LEU C 43 7.88 -10.64 -12.14
C LEU C 43 7.86 -10.63 -12.14
N GLN C 44 7.21 -11.78 -12.02
N GLN C 44 7.21 -11.79 -12.03
CA GLN C 44 7.89 -12.99 -11.54
CA GLN C 44 7.88 -12.99 -11.55
C GLN C 44 9.00 -13.41 -12.50
C GLN C 44 9.00 -13.41 -12.50
N ARG C 45 8.76 -13.27 -13.79
N ARG C 45 8.76 -13.27 -13.79
CA ARG C 45 9.75 -13.63 -14.80
CA ARG C 45 9.74 -13.63 -14.80
C ARG C 45 11.06 -12.86 -14.64
C ARG C 45 11.06 -12.86 -14.64
N ILE C 46 10.99 -11.68 -14.01
N ILE C 46 10.99 -11.68 -14.01
CA ILE C 46 12.19 -10.87 -13.80
CA ILE C 46 12.19 -10.87 -13.80
C ILE C 46 12.67 -10.95 -12.35
C ILE C 46 12.67 -10.95 -12.35
N LYS C 47 12.16 -11.93 -11.60
CA LYS C 47 12.52 -12.14 -10.20
C LYS C 47 12.09 -11.01 -9.27
N VAL C 48 11.09 -10.26 -9.69
CA VAL C 48 10.56 -9.16 -8.90
C VAL C 48 9.23 -9.63 -8.34
N GLU C 49 8.94 -9.26 -7.10
CA GLU C 49 7.70 -9.68 -6.47
C GLU C 49 6.51 -8.80 -6.83
N ASN C 50 5.36 -9.45 -6.96
CA ASN C 50 4.13 -8.79 -7.32
C ASN C 50 3.44 -8.09 -6.14
N SER C 51 3.71 -6.80 -5.99
CA SER C 51 3.11 -5.99 -4.94
C SER C 51 2.60 -4.71 -5.60
N GLU C 52 1.50 -4.17 -5.10
CA GLU C 52 0.91 -2.96 -5.67
C GLU C 52 1.91 -1.85 -5.98
N GLU C 53 2.91 -1.71 -5.12
CA GLU C 53 3.90 -0.67 -5.32
C GLU C 53 4.89 -0.98 -6.43
N ASN C 54 5.17 -2.26 -6.64
CA ASN C 54 6.09 -2.66 -7.70
C ASN C 54 5.46 -2.42 -9.07
N ARG C 55 4.12 -2.45 -9.12
CA ARG C 55 3.41 -2.20 -10.35
C ARG C 55 3.43 -0.69 -10.58
N ARG C 56 3.02 0.04 -9.55
CA ARG C 56 3.00 1.50 -9.59
C ARG C 56 4.38 2.06 -9.93
N GLN C 57 5.43 1.39 -9.48
CA GLN C 57 6.79 1.83 -9.73
C GLN C 57 7.23 1.69 -11.18
N PHE C 58 7.13 0.48 -11.72
CA PHE C 58 7.50 0.22 -13.10
C PHE C 58 6.69 1.13 -14.03
N ARG C 59 5.41 1.26 -13.72
CA ARG C 59 4.52 2.08 -14.52
C ARG C 59 4.79 3.57 -14.37
N GLU C 60 5.46 3.94 -13.26
CA GLU C 60 5.82 5.34 -13.03
C GLU C 60 6.92 5.65 -14.04
N ILE C 61 7.88 4.74 -14.15
CA ILE C 61 8.99 4.87 -15.06
C ILE C 61 8.50 5.06 -16.48
N LEU C 62 7.46 4.32 -16.85
CA LEU C 62 6.88 4.41 -18.18
C LEU C 62 6.17 5.71 -18.46
N PHE C 63 5.42 6.20 -17.48
CA PHE C 63 4.65 7.42 -17.63
C PHE C 63 5.48 8.70 -17.48
N THR C 64 6.68 8.58 -16.93
CA THR C 64 7.53 9.75 -16.73
C THR C 64 8.62 9.88 -17.79
N VAL C 65 8.47 9.17 -18.91
CA VAL C 65 9.46 9.25 -19.99
C VAL C 65 9.45 10.65 -20.61
N ASP C 66 10.39 10.87 -21.51
CA ASP C 66 10.55 12.13 -22.22
C ASP C 66 9.21 12.58 -22.82
N ASN C 67 8.90 13.86 -22.73
CA ASN C 67 7.66 14.42 -23.27
C ASN C 67 7.49 14.14 -24.76
N SER C 68 8.60 13.88 -25.45
CA SER C 68 8.56 13.58 -26.88
C SER C 68 7.78 12.30 -27.17
N ILE C 69 7.44 11.56 -26.13
CA ILE C 69 6.66 10.33 -26.27
C ILE C 69 5.29 10.62 -26.90
N ASN C 70 4.81 11.85 -26.74
CA ASN C 70 3.52 12.25 -27.28
C ASN C 70 3.49 12.39 -28.81
N GLN C 71 4.54 11.90 -29.46
CA GLN C 71 4.63 11.92 -30.91
C GLN C 71 4.60 10.49 -31.43
N SER C 72 4.46 9.55 -30.50
CA SER C 72 4.42 8.13 -30.83
C SER C 72 3.23 7.45 -30.18
N ILE C 73 2.90 7.88 -28.97
CA ILE C 73 1.79 7.31 -28.22
C ILE C 73 0.73 8.38 -28.10
N GLY C 74 -0.49 8.05 -28.53
CA GLY C 74 -1.58 9.00 -28.47
C GLY C 74 -2.57 8.65 -27.38
N GLY C 75 -2.46 7.43 -26.86
CA GLY C 75 -3.35 6.97 -25.80
C GLY C 75 -2.72 5.88 -24.97
N VAL C 76 -3.19 5.74 -23.74
CA VAL C 76 -2.68 4.72 -22.81
C VAL C 76 -3.86 4.07 -22.13
N ILE C 77 -3.92 2.74 -22.16
CA ILE C 77 -5.02 2.02 -21.52
C ILE C 77 -4.54 1.59 -20.13
N LEU C 78 -5.34 1.91 -19.12
CA LEU C 78 -4.98 1.59 -17.74
C LEU C 78 -5.93 0.62 -17.05
N PHE C 79 -5.39 -0.01 -16.00
CA PHE C 79 -6.12 -0.92 -15.15
C PHE C 79 -6.69 -0.01 -14.06
N HIS C 80 -7.80 -0.42 -13.47
CA HIS C 80 -8.45 0.40 -12.45
C HIS C 80 -7.56 0.99 -11.35
N GLU C 81 -6.58 0.23 -10.85
CA GLU C 81 -5.71 0.75 -9.78
C GLU C 81 -4.80 1.88 -10.23
N THR C 82 -4.25 1.74 -11.43
CA THR C 82 -3.33 2.72 -11.99
C THR C 82 -3.93 4.10 -12.25
N LEU C 83 -5.23 4.14 -12.55
CA LEU C 83 -5.92 5.39 -12.81
C LEU C 83 -5.97 6.24 -11.54
N TYR C 84 -5.76 5.61 -10.39
CA TYR C 84 -5.79 6.30 -9.12
C TYR C 84 -4.46 6.35 -8.38
N GLN C 85 -3.37 6.03 -9.07
CA GLN C 85 -2.04 6.06 -8.46
C GLN C 85 -1.28 7.34 -8.80
N LYS C 86 -0.14 7.52 -8.15
CA LYS C 86 0.67 8.71 -8.35
C LYS C 86 2.15 8.41 -8.28
N ASP C 87 2.98 9.27 -8.87
CA ASP C 87 4.42 9.08 -8.87
C ASP C 87 5.04 9.43 -7.51
N SER C 88 6.37 9.32 -7.43
CA SER C 88 7.09 9.62 -6.20
C SER C 88 6.82 11.02 -5.64
N GLN C 89 6.61 11.99 -6.53
CA GLN C 89 6.32 13.37 -6.12
C GLN C 89 4.87 13.54 -5.68
N GLY C 90 4.12 12.45 -5.66
CA GLY C 90 2.72 12.50 -5.26
C GLY C 90 1.79 13.11 -6.29
N LYS C 91 2.09 12.93 -7.56
CA LYS C 91 1.24 13.47 -8.63
C LYS C 91 0.54 12.33 -9.39
N LEU C 92 -0.76 12.48 -9.56
CA LEU C 92 -1.59 11.49 -10.26
C LEU C 92 -1.11 11.16 -11.67
N PHE C 93 -0.90 9.86 -11.93
CA PHE C 93 -0.47 9.38 -13.22
C PHE C 93 -1.32 9.95 -14.36
N ARG C 94 -2.63 9.96 -14.16
CA ARG C 94 -3.56 10.47 -15.16
C ARG C 94 -3.40 11.96 -15.52
N ASN C 95 -2.84 12.74 -14.61
CA ASN C 95 -2.63 14.16 -14.86
C ASN C 95 -1.26 14.39 -15.51
N ILE C 96 -0.35 13.44 -15.31
CA ILE C 96 0.97 13.49 -15.91
C ILE C 96 0.78 13.24 -17.41
N LEU C 97 0.05 12.17 -17.72
CA LEU C 97 -0.24 11.76 -19.10
C LEU C 97 -1.00 12.84 -19.87
N LYS C 98 -2.03 13.39 -19.24
CA LYS C 98 -2.85 14.44 -19.82
C LYS C 98 -2.03 15.67 -20.22
N GLU C 99 -1.12 16.07 -19.34
CA GLU C 99 -0.27 17.23 -19.56
C GLU C 99 0.59 17.07 -20.82
N LYS C 100 1.00 15.84 -21.10
CA LYS C 100 1.80 15.56 -22.29
C LYS C 100 0.89 15.39 -23.51
N GLY C 101 -0.42 15.53 -23.30
CA GLY C 101 -1.39 15.38 -24.38
C GLY C 101 -1.68 13.93 -24.75
N ILE C 102 -1.55 13.03 -23.79
CA ILE C 102 -1.81 11.61 -24.01
C ILE C 102 -3.17 11.28 -23.40
N VAL C 103 -4.05 10.71 -24.22
CA VAL C 103 -5.40 10.35 -23.77
C VAL C 103 -5.35 9.07 -22.95
N VAL C 104 -6.06 9.04 -21.83
CA VAL C 104 -6.05 7.85 -20.99
C VAL C 104 -7.32 7.04 -21.20
N GLY C 105 -7.18 5.72 -21.16
CA GLY C 105 -8.31 4.84 -21.36
C GLY C 105 -8.39 3.85 -20.21
N ILE C 106 -9.53 3.19 -20.09
CA ILE C 106 -9.73 2.24 -19.01
C ILE C 106 -10.32 0.92 -19.49
N LYS C 107 -9.85 -0.19 -18.92
CA LYS C 107 -10.36 -1.51 -19.24
C LYS C 107 -11.72 -1.57 -18.56
N LEU C 108 -12.75 -2.05 -19.26
CA LEU C 108 -14.09 -2.13 -18.69
C LEU C 108 -14.67 -3.55 -18.61
N ASP C 109 -14.04 -4.50 -19.30
CA ASP C 109 -14.53 -5.87 -19.27
C ASP C 109 -14.13 -6.62 -18.00
N GLN C 110 -15.10 -7.33 -17.42
CA GLN C 110 -14.87 -8.09 -16.20
C GLN C 110 -14.60 -9.57 -16.43
N GLY C 111 -13.81 -9.86 -17.45
CA GLY C 111 -13.43 -11.23 -17.76
C GLY C 111 -14.49 -12.11 -18.39
N GLY C 112 -14.05 -13.29 -18.81
CA GLY C 112 -14.95 -14.23 -19.45
C GLY C 112 -15.81 -15.07 -18.51
N ALA C 113 -16.82 -15.69 -19.12
CA ALA C 113 -17.76 -16.58 -18.44
C ALA C 113 -18.05 -17.67 -19.45
N PRO C 114 -18.14 -18.94 -19.00
CA PRO C 114 -18.41 -20.04 -19.93
C PRO C 114 -19.84 -20.16 -20.47
N LEU C 115 -19.93 -20.50 -21.76
CA LEU C 115 -21.21 -20.71 -22.42
C LEU C 115 -21.44 -22.21 -22.37
N ALA C 116 -22.54 -22.64 -21.75
CA ALA C 116 -22.84 -24.06 -21.63
C ALA C 116 -23.33 -24.70 -22.94
N GLY C 117 -22.80 -25.88 -23.25
CA GLY C 117 -23.18 -26.57 -24.46
C GLY C 117 -22.28 -26.27 -25.64
N THR C 118 -21.09 -25.75 -25.36
CA THR C 118 -20.13 -25.44 -26.41
C THR C 118 -18.82 -26.07 -26.00
N ASN C 119 -17.81 -26.01 -26.86
CA ASN C 119 -16.51 -26.57 -26.55
C ASN C 119 -15.60 -25.52 -25.94
N LYS C 120 -15.68 -25.35 -24.62
CA LYS C 120 -14.85 -24.39 -23.89
C LYS C 120 -14.90 -22.94 -24.39
N GLU C 121 -16.04 -22.53 -24.92
CA GLU C 121 -16.17 -21.17 -25.42
C GLU C 121 -16.72 -20.26 -24.32
N THR C 122 -16.51 -18.96 -24.47
CA THR C 122 -16.94 -18.03 -23.44
C THR C 122 -17.57 -16.77 -24.01
N THR C 123 -18.17 -16.00 -23.09
CA THR C 123 -18.77 -14.71 -23.39
C THR C 123 -18.10 -13.80 -22.33
N ILE C 124 -18.33 -12.48 -22.39
CA ILE C 124 -17.68 -11.58 -21.44
C ILE C 124 -18.62 -10.79 -20.52
N GLN C 125 -18.19 -10.59 -19.28
CA GLN C 125 -18.97 -9.88 -18.26
C GLN C 125 -18.55 -8.41 -18.12
N GLY C 126 -19.40 -7.60 -17.52
CA GLY C 126 -19.09 -6.20 -17.31
C GLY C 126 -20.22 -5.21 -17.52
N LEU C 127 -21.32 -5.67 -18.12
CA LEU C 127 -22.47 -4.81 -18.43
C LEU C 127 -23.22 -4.18 -17.24
N ASP C 128 -23.33 -4.93 -16.16
CA ASP C 128 -24.04 -4.44 -14.98
C ASP C 128 -23.36 -3.23 -14.35
N GLY C 129 -24.11 -2.13 -14.27
CA GLY C 129 -23.58 -0.91 -13.70
C GLY C 129 -22.54 -0.22 -14.55
N LEU C 130 -22.29 -0.74 -15.75
CA LEU C 130 -21.29 -0.17 -16.67
C LEU C 130 -21.53 1.30 -16.95
N SER C 131 -22.81 1.66 -17.11
CA SER C 131 -23.19 3.04 -17.39
C SER C 131 -22.66 3.99 -16.31
N GLU C 132 -22.77 3.59 -15.06
CA GLU C 132 -22.31 4.41 -13.93
C GLU C 132 -20.79 4.42 -13.86
N ARG C 133 -20.18 3.26 -14.05
CA ARG C 133 -18.72 3.18 -14.04
C ARG C 133 -18.12 4.10 -15.09
N CYS C 134 -18.72 4.13 -16.28
CA CYS C 134 -18.25 4.98 -17.37
C CYS C 134 -18.36 6.47 -16.99
N ALA C 135 -19.53 6.87 -16.51
CA ALA C 135 -19.77 8.26 -16.11
C ALA C 135 -18.78 8.72 -15.06
N GLN C 136 -18.46 7.86 -14.10
CA GLN C 136 -17.50 8.19 -13.06
C GLN C 136 -16.12 8.30 -13.68
N TYR C 137 -15.72 7.28 -14.44
CA TYR C 137 -14.43 7.29 -15.09
C TYR C 137 -14.25 8.55 -15.92
N LYS C 138 -15.31 8.93 -16.64
CA LYS C 138 -15.28 10.12 -17.48
C LYS C 138 -14.87 11.32 -16.63
N LYS C 139 -15.50 11.47 -15.47
CA LYS C 139 -15.20 12.55 -14.56
C LYS C 139 -13.78 12.48 -14.04
N ASP C 140 -13.22 11.28 -13.99
CA ASP C 140 -11.85 11.08 -13.53
C ASP C 140 -10.81 11.17 -14.64
N GLY C 141 -11.17 11.82 -15.73
CA GLY C 141 -10.25 12.01 -16.84
C GLY C 141 -10.14 10.93 -17.91
N VAL C 142 -10.99 9.92 -17.84
CA VAL C 142 -10.95 8.85 -18.83
C VAL C 142 -11.80 9.23 -20.05
N ASP C 143 -11.23 9.08 -21.24
CA ASP C 143 -11.93 9.41 -22.49
C ASP C 143 -12.28 8.19 -23.35
N PHE C 144 -11.64 7.05 -23.11
CA PHE C 144 -11.98 5.86 -23.88
C PHE C 144 -11.95 4.58 -23.05
N GLY C 145 -12.65 3.56 -23.54
N GLY C 145 -12.64 3.55 -23.55
CA GLY C 145 -12.71 2.29 -22.84
CA GLY C 145 -12.70 2.28 -22.86
C GLY C 145 -12.29 1.12 -23.73
C GLY C 145 -12.20 1.13 -23.71
N LYS C 146 -11.93 0.00 -23.11
N LYS C 146 -12.02 -0.04 -23.09
CA LYS C 146 -11.52 -1.18 -23.84
CA LYS C 146 -11.56 -1.23 -23.79
C LYS C 146 -12.26 -2.43 -23.35
C LYS C 146 -12.33 -2.45 -23.32
N TRP C 147 -12.62 -3.30 -24.28
N TRP C 147 -12.65 -3.33 -24.26
CA TRP C 147 -13.35 -4.53 -23.98
CA TRP C 147 -13.38 -4.56 -23.97
C TRP C 147 -12.83 -5.64 -24.87
C TRP C 147 -12.86 -5.67 -24.87
N ARG C 148 -12.22 -6.66 -24.26
CA ARG C 148 -11.67 -7.79 -24.97
C ARG C 148 -12.63 -8.97 -24.99
N ALA C 149 -12.95 -9.45 -26.18
CA ALA C 149 -13.83 -10.59 -26.38
C ALA C 149 -12.92 -11.66 -26.96
N VAL C 150 -13.04 -12.88 -26.46
CA VAL C 150 -12.18 -13.98 -26.91
C VAL C 150 -12.93 -15.07 -27.69
N LEU C 151 -12.45 -15.34 -28.90
CA LEU C 151 -13.01 -16.37 -29.78
C LEU C 151 -11.85 -17.29 -30.17
N ARG C 152 -12.12 -18.59 -30.23
CA ARG C 152 -11.05 -19.53 -30.55
C ARG C 152 -11.37 -20.44 -31.72
N ILE C 153 -10.32 -20.92 -32.37
CA ILE C 153 -10.44 -21.82 -33.50
C ILE C 153 -10.09 -23.20 -32.96
N ALA C 154 -11.09 -24.06 -32.89
CA ALA C 154 -10.91 -25.41 -32.39
C ALA C 154 -12.10 -26.24 -32.85
N ASP C 155 -12.17 -27.48 -32.39
CA ASP C 155 -13.25 -28.38 -32.75
C ASP C 155 -14.58 -27.75 -32.32
N GLN C 156 -15.42 -27.46 -33.30
CA GLN C 156 -16.74 -26.85 -33.07
C GLN C 156 -16.64 -25.38 -32.64
N CYS C 157 -15.49 -24.77 -32.88
CA CYS C 157 -15.27 -23.38 -32.50
C CYS C 157 -14.69 -22.61 -33.68
N PRO C 158 -15.14 -21.37 -33.91
CA PRO C 158 -16.18 -20.71 -33.11
C PRO C 158 -17.59 -21.10 -33.55
N SER C 159 -18.46 -21.37 -32.58
CA SER C 159 -19.84 -21.72 -32.87
C SER C 159 -20.56 -20.40 -33.13
N SER C 160 -21.76 -20.46 -33.71
CA SER C 160 -22.50 -19.24 -34.00
C SER C 160 -22.97 -18.57 -32.72
N LEU C 161 -23.28 -19.37 -31.70
CA LEU C 161 -23.72 -18.83 -30.42
C LEU C 161 -22.62 -17.93 -29.85
N ALA C 162 -21.39 -18.44 -29.86
CA ALA C 162 -20.24 -17.70 -29.34
C ALA C 162 -19.99 -16.39 -30.09
N ILE C 163 -20.04 -16.44 -31.41
CA ILE C 163 -19.84 -15.27 -32.26
C ILE C 163 -20.95 -14.25 -32.10
N GLN C 164 -22.18 -14.75 -31.99
CA GLN C 164 -23.37 -13.93 -31.83
C GLN C 164 -23.38 -13.21 -30.49
N GLU C 165 -23.16 -13.96 -29.42
CA GLU C 165 -23.14 -13.41 -28.06
C GLU C 165 -22.01 -12.41 -27.81
N ASN C 166 -20.81 -12.73 -28.28
CA ASN C 166 -19.67 -11.86 -28.10
C ASN C 166 -19.78 -10.56 -28.87
N ALA C 167 -20.35 -10.63 -30.08
CA ALA C 167 -20.53 -9.45 -30.91
C ALA C 167 -21.64 -8.54 -30.34
N ASN C 168 -22.69 -9.15 -29.83
CA ASN C 168 -23.79 -8.38 -29.26
C ASN C 168 -23.47 -7.77 -27.90
N THR C 169 -22.57 -8.43 -27.16
CA THR C 169 -22.14 -7.93 -25.86
C THR C 169 -21.16 -6.80 -26.12
N LEU C 170 -20.36 -6.96 -27.17
CA LEU C 170 -19.36 -5.97 -27.58
C LEU C 170 -20.06 -4.71 -28.06
N ALA C 171 -21.20 -4.89 -28.71
CA ALA C 171 -22.03 -3.79 -29.21
C ALA C 171 -22.79 -3.09 -28.09
N ARG C 172 -23.27 -3.87 -27.12
CA ARG C 172 -24.02 -3.33 -25.99
C ARG C 172 -23.09 -2.36 -25.22
N TYR C 173 -21.90 -2.87 -24.88
CA TYR C 173 -20.88 -2.10 -24.18
C TYR C 173 -20.54 -0.82 -24.93
N ALA C 174 -20.35 -0.92 -26.24
CA ALA C 174 -20.02 0.23 -27.08
C ALA C 174 -21.11 1.27 -27.01
N SER C 175 -22.37 0.80 -27.09
CA SER C 175 -23.52 1.69 -27.02
C SER C 175 -23.49 2.44 -25.68
N ILE C 176 -23.16 1.72 -24.61
CA ILE C 176 -23.09 2.30 -23.28
C ILE C 176 -21.93 3.32 -23.16
N CYS C 177 -20.76 2.96 -23.68
CA CYS C 177 -19.59 3.84 -23.64
C CYS C 177 -19.87 5.21 -24.27
N GLN C 178 -20.46 5.19 -25.46
CA GLN C 178 -20.78 6.41 -26.20
C GLN C 178 -21.80 7.29 -25.50
N GLN C 179 -22.72 6.66 -24.77
CA GLN C 179 -23.72 7.40 -24.04
C GLN C 179 -23.06 8.20 -22.91
N ASN C 180 -21.87 7.78 -22.49
CA ASN C 180 -21.13 8.45 -21.42
C ASN C 180 -19.87 9.23 -21.87
N GLY C 181 -19.76 9.47 -23.18
CA GLY C 181 -18.64 10.23 -23.69
C GLY C 181 -17.31 9.51 -23.81
N LEU C 182 -17.36 8.19 -23.79
CA LEU C 182 -16.15 7.38 -23.93
C LEU C 182 -16.13 6.72 -25.31
N VAL C 183 -14.97 6.76 -25.94
CA VAL C 183 -14.79 6.14 -27.25
C VAL C 183 -14.51 4.67 -26.96
N PRO C 184 -15.43 3.77 -27.36
CA PRO C 184 -15.21 2.35 -27.10
C PRO C 184 -14.28 1.68 -28.08
N ILE C 185 -13.28 0.97 -27.56
CA ILE C 185 -12.38 0.21 -28.40
C ILE C 185 -13.00 -1.19 -28.44
N VAL C 186 -13.44 -1.60 -29.63
CA VAL C 186 -14.05 -2.92 -29.83
C VAL C 186 -12.90 -3.88 -30.10
N GLU C 187 -12.76 -4.89 -29.27
CA GLU C 187 -11.67 -5.86 -29.43
C GLU C 187 -12.13 -7.30 -29.59
N PRO C 188 -12.46 -7.71 -30.83
CA PRO C 188 -12.90 -9.08 -31.08
C PRO C 188 -11.68 -9.91 -31.41
N GLU C 189 -11.04 -10.46 -30.39
CA GLU C 189 -9.85 -11.28 -30.58
C GLU C 189 -10.02 -12.76 -30.87
N VAL C 190 -9.35 -13.21 -31.91
CA VAL C 190 -9.35 -14.62 -32.30
C VAL C 190 -7.98 -15.05 -31.81
N ILE C 191 -7.95 -15.89 -30.79
CA ILE C 191 -6.68 -16.33 -30.22
C ILE C 191 -5.84 -17.24 -31.10
N PRO C 192 -4.50 -17.06 -31.06
CA PRO C 192 -3.52 -17.82 -31.83
C PRO C 192 -3.35 -19.26 -31.35
N ASP C 193 -4.00 -19.61 -30.25
CA ASP C 193 -3.93 -20.95 -29.70
C ASP C 193 -4.50 -21.96 -30.67
N GLY C 194 -3.69 -22.92 -31.08
CA GLY C 194 -4.16 -23.92 -32.01
C GLY C 194 -3.18 -24.31 -33.09
N ASP C 195 -3.54 -25.37 -33.80
CA ASP C 195 -2.71 -25.91 -34.88
C ASP C 195 -3.10 -25.36 -36.26
N HIS C 196 -4.13 -24.52 -36.31
CA HIS C 196 -4.62 -23.93 -37.55
C HIS C 196 -3.60 -23.12 -38.35
N ASP C 197 -3.87 -22.95 -39.63
CA ASP C 197 -2.99 -22.20 -40.53
C ASP C 197 -3.50 -20.79 -40.81
N LEU C 198 -2.72 -20.03 -41.57
CA LEU C 198 -3.07 -18.64 -41.92
C LEU C 198 -4.46 -18.53 -42.55
N GLU C 199 -4.71 -19.36 -43.55
CA GLU C 199 -5.99 -19.37 -44.25
C GLU C 199 -7.17 -19.60 -43.31
N HIS C 200 -7.04 -20.56 -42.40
CA HIS C 200 -8.11 -20.84 -41.44
C HIS C 200 -8.37 -19.61 -40.56
N CYS C 201 -7.29 -18.96 -40.15
CA CYS C 201 -7.42 -17.78 -39.32
C CYS C 201 -8.10 -16.62 -40.09
N GLN C 202 -7.76 -16.47 -41.36
CA GLN C 202 -8.34 -15.41 -42.19
C GLN C 202 -9.86 -15.54 -42.27
N TYR C 203 -10.32 -16.76 -42.58
CA TYR C 203 -11.73 -17.08 -42.70
C TYR C 203 -12.53 -16.73 -41.43
N VAL C 204 -12.04 -17.18 -40.27
CA VAL C 204 -12.71 -16.92 -39.00
C VAL C 204 -12.72 -15.44 -38.68
N THR C 205 -11.59 -14.76 -38.90
CA THR C 205 -11.50 -13.32 -38.61
C THR C 205 -12.53 -12.54 -39.43
N GLU C 206 -12.64 -12.87 -40.71
CA GLU C 206 -13.59 -12.21 -41.60
C GLU C 206 -15.01 -12.43 -41.09
N LYS C 207 -15.32 -13.69 -40.78
CA LYS C 207 -16.63 -14.07 -40.28
C LYS C 207 -17.00 -13.38 -38.95
N VAL C 208 -16.05 -13.30 -38.02
CA VAL C 208 -16.27 -12.66 -36.72
C VAL C 208 -16.47 -11.14 -36.87
N LEU C 209 -15.66 -10.53 -37.73
CA LEU C 209 -15.74 -9.09 -37.99
C LEU C 209 -17.05 -8.69 -38.66
N ALA C 210 -17.58 -9.59 -39.49
CA ALA C 210 -18.85 -9.36 -40.17
C ALA C 210 -19.99 -9.32 -39.15
N ALA C 211 -19.97 -10.28 -38.23
CA ALA C 211 -20.98 -10.38 -37.19
C ALA C 211 -20.89 -9.19 -36.22
N VAL C 212 -19.67 -8.86 -35.83
CA VAL C 212 -19.42 -7.74 -34.92
C VAL C 212 -19.98 -6.44 -35.49
N TYR C 213 -19.62 -6.11 -36.72
CA TYR C 213 -20.10 -4.89 -37.34
C TYR C 213 -21.59 -4.85 -37.63
N LYS C 214 -22.18 -6.00 -37.86
CA LYS C 214 -23.62 -6.08 -38.08
C LYS C 214 -24.26 -5.75 -36.73
N ALA C 215 -23.73 -6.37 -35.67
CA ALA C 215 -24.21 -6.16 -34.31
C ALA C 215 -24.12 -4.69 -33.94
N LEU C 216 -22.98 -4.07 -34.22
CA LEU C 216 -22.79 -2.65 -33.93
C LEU C 216 -23.86 -1.78 -34.60
N ASN C 217 -24.26 -2.16 -35.80
CA ASN C 217 -25.27 -1.40 -36.55
C ASN C 217 -26.65 -1.62 -35.94
N ASP C 218 -26.93 -2.86 -35.56
CA ASP C 218 -28.21 -3.20 -34.94
C ASP C 218 -28.39 -2.43 -33.62
N HIS C 219 -27.28 -2.21 -32.93
CA HIS C 219 -27.25 -1.50 -31.65
C HIS C 219 -27.10 0.03 -31.74
N HIS C 220 -27.07 0.56 -32.95
CA HIS C 220 -26.96 2.01 -33.19
C HIS C 220 -25.66 2.66 -32.75
N VAL C 221 -24.56 1.92 -32.89
CA VAL C 221 -23.26 2.45 -32.50
C VAL C 221 -22.70 3.36 -33.59
N TYR C 222 -22.23 4.53 -33.17
CA TYR C 222 -21.66 5.54 -34.04
C TYR C 222 -20.22 5.13 -34.34
N LEU C 223 -20.01 4.51 -35.51
CA LEU C 223 -18.69 4.02 -35.91
C LEU C 223 -17.56 5.03 -35.95
N GLU C 224 -17.89 6.28 -36.25
CA GLU C 224 -16.89 7.33 -36.33
C GLU C 224 -16.28 7.63 -34.96
N GLY C 225 -16.99 7.24 -33.91
CA GLY C 225 -16.51 7.46 -32.56
C GLY C 225 -16.15 6.16 -31.87
N THR C 226 -15.40 5.32 -32.58
CA THR C 226 -14.97 4.02 -32.05
C THR C 226 -13.61 3.69 -32.66
N LEU C 227 -12.98 2.64 -32.15
CA LEU C 227 -11.70 2.16 -32.66
C LEU C 227 -11.88 0.64 -32.71
N LEU C 228 -11.11 -0.02 -33.56
N LEU C 228 -11.11 -0.02 -33.56
CA LEU C 228 -11.19 -1.46 -33.69
CA LEU C 228 -11.18 -1.46 -33.69
C LEU C 228 -9.83 -2.00 -33.27
C LEU C 228 -9.82 -2.01 -33.33
N LYS C 229 -9.83 -3.03 -32.43
N LYS C 229 -9.79 -2.99 -32.43
CA LYS C 229 -8.61 -3.65 -31.95
CA LYS C 229 -8.56 -3.62 -32.00
C LYS C 229 -8.71 -5.12 -32.31
C LYS C 229 -8.67 -5.09 -32.33
N PRO C 230 -8.33 -5.48 -33.55
N PRO C 230 -8.31 -5.47 -33.57
CA PRO C 230 -8.39 -6.86 -34.00
CA PRO C 230 -8.39 -6.86 -33.99
C PRO C 230 -7.03 -7.55 -33.99
C PRO C 230 -7.03 -7.55 -33.98
N ASN C 231 -7.06 -8.88 -34.09
CA ASN C 231 -5.84 -9.67 -34.12
C ASN C 231 -5.37 -9.59 -35.56
N MET C 232 -4.07 -9.69 -35.78
CA MET C 232 -3.55 -9.70 -37.14
C MET C 232 -3.86 -11.11 -37.59
N VAL C 233 -3.99 -11.33 -38.89
CA VAL C 233 -4.27 -12.68 -39.37
C VAL C 233 -2.94 -13.40 -39.46
N THR C 234 -2.74 -14.37 -38.57
CA THR C 234 -1.52 -15.16 -38.55
C THR C 234 -1.89 -16.62 -38.37
N ALA C 235 -0.90 -17.50 -38.51
CA ALA C 235 -1.11 -18.92 -38.32
C ALA C 235 -1.17 -19.20 -36.81
N GLY C 236 -1.61 -20.40 -36.47
CA GLY C 236 -1.72 -20.79 -35.08
C GLY C 236 -0.33 -21.09 -34.54
N HIS C 237 -0.14 -20.88 -33.26
CA HIS C 237 1.16 -21.12 -32.64
C HIS C 237 1.65 -22.56 -32.89
N ALA C 238 0.75 -23.53 -32.88
CA ALA C 238 1.15 -24.92 -33.10
C ALA C 238 1.36 -25.25 -34.58
N CYS C 239 1.12 -24.29 -35.45
CA CYS C 239 1.30 -24.51 -36.88
C CYS C 239 2.77 -24.62 -37.22
N THR C 240 3.08 -25.55 -38.13
CA THR C 240 4.45 -25.80 -38.55
C THR C 240 4.90 -24.97 -39.76
N LYS C 241 3.95 -24.31 -40.43
CA LYS C 241 4.23 -23.50 -41.61
C LYS C 241 4.83 -22.14 -41.25
N LYS C 242 5.65 -21.59 -42.13
CA LYS C 242 6.28 -20.29 -41.91
C LYS C 242 5.73 -19.26 -42.89
N TYR C 243 5.46 -18.06 -42.41
CA TYR C 243 4.93 -16.98 -43.24
C TYR C 243 5.73 -15.69 -43.02
N THR C 244 5.86 -14.89 -44.07
CA THR C 244 6.61 -13.64 -44.00
C THR C 244 5.68 -12.50 -43.62
N PRO C 245 6.24 -11.35 -43.17
CA PRO C 245 5.43 -10.20 -42.78
C PRO C 245 4.47 -9.82 -43.91
N GLU C 246 4.95 -9.91 -45.14
CA GLU C 246 4.13 -9.59 -46.31
C GLU C 246 2.92 -10.52 -46.43
N GLN C 247 3.12 -11.80 -46.15
CA GLN C 247 2.03 -12.78 -46.19
C GLN C 247 0.99 -12.48 -45.12
N VAL C 248 1.47 -12.18 -43.92
CA VAL C 248 0.59 -11.86 -42.80
C VAL C 248 -0.22 -10.61 -43.13
N ALA C 249 0.46 -9.60 -43.67
CA ALA C 249 -0.16 -8.34 -44.04
C ALA C 249 -1.22 -8.51 -45.10
N MET C 250 -0.89 -9.23 -46.16
CA MET C 250 -1.81 -9.48 -47.26
C MET C 250 -3.11 -10.11 -46.74
N ALA C 251 -2.97 -11.09 -45.84
CA ALA C 251 -4.11 -11.78 -45.25
C ALA C 251 -4.91 -10.93 -44.26
N THR C 252 -4.21 -10.06 -43.54
CA THR C 252 -4.88 -9.19 -42.57
C THR C 252 -5.70 -8.12 -43.24
N VAL C 253 -5.08 -7.39 -44.17
CA VAL C 253 -5.79 -6.32 -44.87
C VAL C 253 -6.96 -6.80 -45.73
N THR C 254 -6.82 -7.93 -46.43
CA THR C 254 -7.94 -8.43 -47.24
C THR C 254 -9.11 -8.67 -46.28
N ALA C 255 -8.83 -9.36 -45.19
CA ALA C 255 -9.83 -9.66 -44.16
C ALA C 255 -10.47 -8.37 -43.66
N LEU C 256 -9.65 -7.36 -43.47
CA LEU C 256 -10.09 -6.04 -43.00
C LEU C 256 -10.92 -5.24 -44.00
N HIS C 257 -10.40 -5.04 -45.20
CA HIS C 257 -11.12 -4.27 -46.21
C HIS C 257 -12.40 -4.94 -46.71
N ARG C 258 -12.59 -6.21 -46.34
CA ARG C 258 -13.77 -6.97 -46.72
C ARG C 258 -14.90 -6.85 -45.68
N THR C 259 -14.56 -6.44 -44.46
CA THR C 259 -15.53 -6.33 -43.36
C THR C 259 -15.66 -5.00 -42.60
N VAL C 260 -14.54 -4.34 -42.35
CA VAL C 260 -14.54 -3.09 -41.57
C VAL C 260 -14.82 -1.79 -42.33
N PRO C 261 -16.01 -1.20 -42.12
CA PRO C 261 -16.41 0.04 -42.79
C PRO C 261 -15.44 1.22 -42.65
N ALA C 262 -15.39 2.05 -43.69
CA ALA C 262 -14.52 3.20 -43.74
C ALA C 262 -14.85 4.28 -42.70
N ALA C 263 -16.00 4.16 -42.05
CA ALA C 263 -16.40 5.11 -41.03
C ALA C 263 -15.50 5.02 -39.78
N VAL C 264 -14.98 3.82 -39.52
CA VAL C 264 -14.10 3.57 -38.38
C VAL C 264 -12.79 4.31 -38.64
N PRO C 265 -12.47 5.31 -37.79
CA PRO C 265 -11.26 6.12 -37.91
C PRO C 265 -9.91 5.42 -37.85
N GLY C 266 -9.83 4.29 -37.17
CA GLY C 266 -8.56 3.61 -37.07
C GLY C 266 -8.71 2.21 -36.51
N ILE C 267 -7.70 1.40 -36.81
CA ILE C 267 -7.63 0.02 -36.39
C ILE C 267 -6.27 -0.08 -35.69
N CYS C 268 -6.28 -0.50 -34.42
CA CYS C 268 -5.07 -0.62 -33.62
C CYS C 268 -4.83 -2.07 -33.25
N PHE C 269 -3.90 -2.71 -33.94
CA PHE C 269 -3.61 -4.13 -33.71
C PHE C 269 -3.06 -4.47 -32.31
N LEU C 270 -3.59 -5.55 -31.74
CA LEU C 270 -3.15 -6.04 -30.44
C LEU C 270 -1.88 -6.85 -30.72
N SER C 271 -0.95 -6.87 -29.78
CA SER C 271 0.29 -7.61 -29.99
C SER C 271 0.06 -9.12 -29.96
N GLY C 272 -0.89 -9.55 -29.14
CA GLY C 272 -1.21 -10.96 -29.05
C GLY C 272 -0.05 -11.91 -28.77
N GLY C 273 0.79 -11.57 -27.80
CA GLY C 273 1.93 -12.41 -27.44
C GLY C 273 3.01 -12.46 -28.52
N MET C 274 3.02 -11.46 -29.39
CA MET C 274 3.98 -11.37 -30.47
C MET C 274 5.25 -10.70 -29.98
N SER C 275 6.39 -11.11 -30.52
CA SER C 275 7.66 -10.51 -30.12
C SER C 275 7.66 -9.04 -30.51
N GLU C 276 8.61 -8.28 -29.97
CA GLU C 276 8.73 -6.87 -30.27
C GLU C 276 8.95 -6.60 -31.75
N GLU C 277 9.90 -7.32 -32.33
CA GLU C 277 10.22 -7.14 -33.74
C GLU C 277 9.10 -7.52 -34.70
N ASP C 278 8.54 -8.71 -34.55
CA ASP C 278 7.48 -9.16 -35.44
C ASP C 278 6.30 -8.20 -35.44
N ALA C 279 5.89 -7.74 -34.25
CA ALA C 279 4.77 -6.80 -34.15
C ALA C 279 5.04 -5.55 -34.97
N THR C 280 6.30 -5.12 -34.97
CA THR C 280 6.73 -3.94 -35.72
C THR C 280 6.80 -4.23 -37.21
N LEU C 281 7.46 -5.33 -37.56
CA LEU C 281 7.65 -5.76 -38.94
C LEU C 281 6.30 -5.93 -39.65
N ASN C 282 5.39 -6.63 -38.99
CA ASN C 282 4.06 -6.90 -39.52
C ASN C 282 3.21 -5.64 -39.64
N LEU C 283 3.30 -4.74 -38.67
CA LEU C 283 2.53 -3.49 -38.71
C LEU C 283 3.02 -2.69 -39.91
N ASN C 284 4.33 -2.71 -40.12
CA ASN C 284 4.94 -2.01 -41.22
C ASN C 284 4.46 -2.60 -42.57
N ALA C 285 4.64 -3.91 -42.74
CA ALA C 285 4.22 -4.57 -43.97
C ALA C 285 2.74 -4.32 -44.25
N ILE C 286 1.94 -4.30 -43.19
CA ILE C 286 0.51 -4.06 -43.28
C ILE C 286 0.21 -2.71 -43.93
N ASN C 287 1.03 -1.71 -43.61
CA ASN C 287 0.84 -0.36 -44.15
C ASN C 287 1.39 -0.18 -45.56
N LEU C 288 2.18 -1.15 -46.02
CA LEU C 288 2.75 -1.10 -47.35
C LEU C 288 1.89 -1.96 -48.31
N CYS C 289 1.02 -2.79 -47.74
CA CYS C 289 0.12 -3.66 -48.51
C CYS C 289 -0.78 -2.84 -49.44
N PRO C 290 -0.66 -3.08 -50.75
CA PRO C 290 -1.42 -2.39 -51.81
C PRO C 290 -2.90 -2.74 -51.95
N LEU C 291 -3.69 -2.45 -50.93
CA LEU C 291 -5.14 -2.69 -50.97
C LEU C 291 -5.76 -1.41 -50.46
N PRO C 292 -7.08 -1.23 -50.63
CA PRO C 292 -7.69 0.00 -50.14
C PRO C 292 -7.60 0.02 -48.61
N LYS C 293 -7.05 1.09 -48.06
CA LYS C 293 -6.91 1.24 -46.61
C LYS C 293 -7.44 2.61 -46.18
N PRO C 294 -8.78 2.71 -46.00
CA PRO C 294 -9.46 3.95 -45.60
C PRO C 294 -9.36 4.35 -44.12
N TRP C 295 -8.64 3.54 -43.32
CA TRP C 295 -8.50 3.85 -41.91
C TRP C 295 -7.03 3.80 -41.50
N LYS C 296 -6.75 4.28 -40.29
CA LYS C 296 -5.39 4.28 -39.77
C LYS C 296 -5.11 2.86 -39.32
N LEU C 297 -3.91 2.37 -39.61
CA LEU C 297 -3.51 1.01 -39.22
C LEU C 297 -2.36 1.21 -38.22
N SER C 298 -2.74 1.42 -36.97
CA SER C 298 -1.78 1.67 -35.89
C SER C 298 -1.63 0.47 -34.96
N PHE C 299 -1.04 0.70 -33.80
CA PHE C 299 -0.82 -0.35 -32.81
C PHE C 299 -1.47 -0.03 -31.46
N SER C 300 -1.59 -1.07 -30.64
CA SER C 300 -2.13 -0.97 -29.29
C SER C 300 -1.51 -2.17 -28.60
N TYR C 301 -0.21 -2.10 -28.37
CA TYR C 301 0.55 -3.19 -27.79
C TYR C 301 0.81 -3.20 -26.29
N GLY C 302 1.03 -4.39 -25.75
N GLY C 302 1.15 -4.40 -25.81
CA GLY C 302 1.32 -4.52 -24.33
CA GLY C 302 1.47 -4.64 -24.40
C GLY C 302 2.77 -4.94 -24.22
C GLY C 302 2.86 -5.23 -24.26
N ARG C 303 2.99 -6.26 -24.31
N ARG C 303 3.01 -6.54 -24.39
CA ARG C 303 4.33 -6.82 -24.23
CA ARG C 303 4.36 -7.16 -24.25
C ARG C 303 5.25 -6.24 -25.29
C ARG C 303 5.27 -6.78 -25.41
N ALA C 304 4.76 -6.22 -26.53
N ALA C 304 4.70 -6.19 -26.45
CA ALA C 304 5.53 -5.69 -27.65
CA ALA C 304 5.48 -5.73 -27.59
C ALA C 304 6.10 -4.30 -27.38
C ALA C 304 6.11 -4.34 -27.35
N LEU C 305 5.63 -3.65 -26.31
CA LEU C 305 6.13 -2.32 -25.96
C LEU C 305 6.86 -2.30 -24.63
N GLN C 306 6.54 -3.25 -23.76
CA GLN C 306 7.13 -3.32 -22.43
C GLN C 306 8.16 -4.42 -22.16
N ALA C 307 8.33 -5.34 -23.10
CA ALA C 307 9.26 -6.44 -22.93
C ALA C 307 10.67 -6.02 -22.54
N SER C 308 11.31 -5.18 -23.36
CA SER C 308 12.66 -4.72 -23.07
C SER C 308 12.73 -3.86 -21.81
N ALA C 309 11.67 -3.09 -21.56
CA ALA C 309 11.63 -2.22 -20.39
C ALA C 309 11.68 -3.02 -19.09
N LEU C 310 10.78 -3.98 -18.93
CA LEU C 310 10.75 -4.82 -17.74
C LEU C 310 12.09 -5.50 -17.50
N ALA C 311 12.67 -6.02 -18.59
CA ALA C 311 13.95 -6.71 -18.53
C ALA C 311 15.04 -5.77 -18.02
N ALA C 312 15.27 -4.69 -18.77
CA ALA C 312 16.28 -3.69 -18.41
C ALA C 312 16.04 -3.11 -17.02
N TRP C 313 14.79 -3.09 -16.59
CA TRP C 313 14.43 -2.57 -15.27
C TRP C 313 14.98 -3.44 -14.14
N GLY C 314 14.76 -4.75 -14.25
CA GLY C 314 15.23 -5.68 -13.24
C GLY C 314 14.76 -5.39 -11.82
N GLY C 315 13.63 -4.67 -11.71
CA GLY C 315 13.09 -4.33 -10.41
C GLY C 315 13.86 -3.33 -9.59
N LYS C 316 14.72 -2.55 -10.24
CA LYS C 316 15.53 -1.55 -9.51
C LYS C 316 15.46 -0.16 -10.12
N ALA C 317 15.21 0.83 -9.26
CA ALA C 317 15.09 2.23 -9.64
C ALA C 317 16.29 2.82 -10.38
N GLU C 318 17.49 2.33 -10.08
CA GLU C 318 18.69 2.83 -10.72
C GLU C 318 18.74 2.51 -12.22
N ASN C 319 17.96 1.50 -12.61
CA ASN C 319 17.90 1.08 -14.01
C ASN C 319 16.86 1.87 -14.78
N LYS C 320 16.15 2.77 -14.08
CA LYS C 320 15.11 3.60 -14.66
C LYS C 320 15.47 4.16 -16.04
N LYS C 321 16.71 4.64 -16.20
CA LYS C 321 17.16 5.21 -17.47
C LYS C 321 17.10 4.19 -18.61
N ALA C 322 17.51 2.96 -18.33
CA ALA C 322 17.49 1.90 -19.32
C ALA C 322 16.05 1.47 -19.58
N THR C 323 15.24 1.51 -18.53
CA THR C 323 13.84 1.14 -18.64
C THR C 323 13.10 2.09 -19.58
N GLN C 324 13.28 3.39 -19.35
CA GLN C 324 12.64 4.41 -20.19
C GLN C 324 13.18 4.44 -21.60
N GLU C 325 14.45 4.09 -21.75
CA GLU C 325 15.09 4.10 -23.06
C GLU C 325 14.67 2.92 -23.93
N ALA C 326 14.40 1.78 -23.30
CA ALA C 326 13.95 0.59 -24.00
C ALA C 326 12.53 0.80 -24.50
N PHE C 327 11.74 1.48 -23.70
CA PHE C 327 10.34 1.79 -24.03
C PHE C 327 10.29 2.80 -25.17
N MET C 328 11.01 3.90 -25.03
CA MET C 328 11.06 4.95 -26.04
C MET C 328 11.43 4.39 -27.43
N LYS C 329 12.45 3.54 -27.46
CA LYS C 329 12.92 2.91 -28.69
C LYS C 329 11.78 2.18 -29.37
N ARG C 330 11.13 1.30 -28.63
CA ARG C 330 10.01 0.50 -29.10
C ARG C 330 8.87 1.37 -29.65
N ALA C 331 8.49 2.38 -28.87
CA ALA C 331 7.41 3.27 -29.26
C ALA C 331 7.64 4.01 -30.57
N VAL C 332 8.88 4.46 -30.81
CA VAL C 332 9.19 5.19 -32.04
C VAL C 332 9.16 4.32 -33.28
N VAL C 333 9.78 3.14 -33.21
CA VAL C 333 9.80 2.24 -34.36
C VAL C 333 8.39 1.83 -34.78
N ASN C 334 7.55 1.52 -33.82
CA ASN C 334 6.17 1.12 -34.13
C ASN C 334 5.41 2.28 -34.74
N CYS C 335 5.79 3.51 -34.39
CA CYS C 335 5.15 4.70 -34.94
C CYS C 335 5.59 4.84 -36.41
N GLN C 336 6.84 4.48 -36.69
CA GLN C 336 7.36 4.52 -38.07
C GLN C 336 6.59 3.49 -38.87
N ALA C 337 6.46 2.30 -38.30
CA ALA C 337 5.75 1.19 -38.92
C ALA C 337 4.28 1.53 -39.14
N ALA C 338 3.72 2.34 -38.25
CA ALA C 338 2.32 2.75 -38.38
C ALA C 338 2.14 3.62 -39.61
N LYS C 339 3.23 4.08 -40.18
CA LYS C 339 3.13 4.90 -41.39
C LYS C 339 3.94 4.30 -42.55
N GLY C 340 4.33 3.03 -42.38
CA GLY C 340 5.10 2.32 -43.39
C GLY C 340 6.44 2.95 -43.69
N GLN C 341 7.13 3.36 -42.64
CA GLN C 341 8.44 4.01 -42.79
C GLN C 341 9.51 3.44 -41.87
N TYR C 342 9.32 2.20 -41.44
CA TYR C 342 10.29 1.55 -40.57
C TYR C 342 11.27 0.73 -41.39
N VAL C 343 12.54 1.12 -41.34
CA VAL C 343 13.60 0.40 -42.04
C VAL C 343 14.00 -0.71 -41.07
N HIS C 344 14.21 -1.93 -41.58
CA HIS C 344 14.55 -3.04 -40.69
C HIS C 344 16.00 -3.20 -40.24
N THR C 345 16.14 -3.52 -38.95
CA THR C 345 17.45 -3.75 -38.35
C THR C 345 17.92 -5.18 -38.58
N GLY C 346 19.03 -5.34 -39.30
CA GLY C 346 19.53 -6.68 -39.58
C GLY C 346 21.02 -6.88 -39.74
N SER C 347 21.80 -6.58 -38.70
CA SER C 347 23.26 -6.76 -38.76
C SER C 347 23.62 -8.18 -38.33
N SER C 348 23.01 -8.64 -37.24
CA SER C 348 23.24 -9.98 -36.72
C SER C 348 22.77 -11.04 -37.72
N GLY C 349 21.66 -10.74 -38.41
CA GLY C 349 21.11 -11.61 -39.42
C GLY C 349 21.23 -13.13 -39.36
N ALA C 350 22.34 -13.65 -39.87
CA ALA C 350 22.61 -15.09 -39.95
C ALA C 350 22.35 -15.93 -38.70
N ALA C 351 21.08 -16.29 -38.50
CA ALA C 351 20.65 -17.10 -37.38
C ALA C 351 19.26 -17.61 -37.68
N SER C 352 18.61 -18.22 -36.69
CA SER C 352 17.27 -18.76 -36.89
C SER C 352 16.23 -18.24 -35.90
N THR C 353 15.02 -18.02 -36.39
CA THR C 353 13.91 -17.55 -35.57
C THR C 353 13.52 -18.68 -34.63
N GLN C 354 13.31 -18.37 -33.36
CA GLN C 354 12.98 -19.42 -32.39
C GLN C 354 11.76 -19.18 -31.50
N SER C 355 11.07 -18.07 -31.71
CA SER C 355 9.89 -17.75 -30.91
C SER C 355 8.76 -18.77 -31.10
N LEU C 356 8.89 -19.96 -30.52
CA LEU C 356 7.87 -21.01 -30.64
C LEU C 356 8.15 -22.19 -29.72
N PHE C 357 8.32 -21.85 -28.46
CA PHE C 357 8.59 -22.76 -27.37
C PHE C 357 7.26 -23.18 -26.74
N THR C 358 7.35 -24.21 -25.92
CA THR C 358 6.22 -24.73 -25.16
C THR C 358 6.45 -24.12 -23.76
N ALA C 359 7.47 -23.26 -23.69
CA ALA C 359 7.84 -22.67 -22.44
C ALA C 359 7.15 -21.37 -22.13
N SER C 360 6.49 -21.38 -20.97
CA SER C 360 5.77 -20.24 -20.42
C SER C 360 4.95 -20.75 -19.25
N TYR C 361 4.08 -19.84 -18.83
CA TYR C 361 3.08 -20.04 -17.83
C TYR C 361 1.86 -19.62 -18.66
N THR C 362 0.88 -18.98 -18.04
CA THR C 362 -0.30 -18.55 -18.76
C THR C 362 -0.54 -17.05 -18.56
N TYR C 363 -0.83 -16.36 -19.66
CA TYR C 363 -1.10 -14.92 -19.64
C TYR C 363 -0.08 -14.10 -18.85
N ALA D 1 -14.88 -24.65 -41.87
CA ALA D 1 -15.61 -24.24 -43.09
C ALA D 1 -14.68 -23.77 -44.22
N HIS D 2 -13.50 -23.29 -43.87
CA HIS D 2 -12.54 -22.79 -44.85
C HIS D 2 -12.05 -23.82 -45.89
N ARG D 3 -12.41 -25.08 -45.73
CA ARG D 3 -11.99 -26.15 -46.64
C ARG D 3 -12.95 -26.31 -47.83
N PHE D 4 -14.01 -25.51 -47.85
CA PHE D 4 -15.00 -25.59 -48.91
C PHE D 4 -15.14 -24.23 -49.59
N PRO D 5 -14.12 -23.84 -50.37
CA PRO D 5 -14.11 -22.56 -51.09
C PRO D 5 -15.22 -22.50 -52.13
N ALA D 6 -15.81 -21.32 -52.27
CA ALA D 6 -16.88 -21.13 -53.25
C ALA D 6 -16.25 -21.03 -54.65
N LEU D 7 -15.31 -20.10 -54.80
CA LEU D 7 -14.60 -19.85 -56.06
C LEU D 7 -13.13 -20.25 -55.95
N THR D 8 -12.49 -20.51 -57.09
CA THR D 8 -11.07 -20.85 -57.13
C THR D 8 -10.35 -19.54 -57.43
N PRO D 9 -9.01 -19.51 -57.32
CA PRO D 9 -8.29 -18.26 -57.61
C PRO D 9 -8.54 -17.74 -59.02
N GLU D 10 -8.68 -18.65 -59.99
CA GLU D 10 -8.92 -18.26 -61.38
C GLU D 10 -10.29 -17.63 -61.54
N GLN D 11 -11.31 -18.27 -60.97
CA GLN D 11 -12.66 -17.74 -61.03
C GLN D 11 -12.68 -16.36 -60.37
N LYS D 12 -11.96 -16.23 -59.25
CA LYS D 12 -11.89 -14.96 -58.54
C LYS D 12 -11.22 -13.85 -59.34
N LYS D 13 -10.11 -14.18 -60.00
CA LYS D 13 -9.37 -13.23 -60.82
C LYS D 13 -10.19 -12.66 -61.99
N GLU D 14 -10.96 -13.51 -62.65
CA GLU D 14 -11.80 -13.08 -63.77
C GLU D 14 -12.88 -12.11 -63.29
N LEU D 15 -13.57 -12.51 -62.22
CA LEU D 15 -14.64 -11.69 -61.67
C LEU D 15 -14.16 -10.30 -61.26
N SER D 16 -12.99 -10.24 -60.64
CA SER D 16 -12.47 -8.93 -60.24
C SER D 16 -12.07 -8.12 -61.48
N ASP D 17 -11.50 -8.78 -62.48
CA ASP D 17 -11.08 -8.10 -63.72
C ASP D 17 -12.27 -7.42 -64.37
N ILE D 18 -13.39 -8.14 -64.47
CA ILE D 18 -14.60 -7.60 -65.08
C ILE D 18 -15.16 -6.39 -64.32
N ALA D 19 -15.20 -6.49 -63.00
CA ALA D 19 -15.73 -5.42 -62.17
C ALA D 19 -14.92 -4.13 -62.25
N GLN D 20 -13.61 -4.26 -62.27
CA GLN D 20 -12.76 -3.08 -62.36
C GLN D 20 -12.78 -2.49 -63.77
N ARG D 21 -12.94 -3.34 -64.78
CA ARG D 21 -13.00 -2.89 -66.17
C ARG D 21 -14.19 -1.95 -66.39
N ILE D 22 -15.32 -2.31 -65.79
CA ILE D 22 -16.56 -1.55 -65.92
C ILE D 22 -16.53 -0.12 -65.36
N VAL D 23 -15.85 0.07 -64.23
CA VAL D 23 -15.81 1.38 -63.61
C VAL D 23 -14.48 2.09 -63.75
N ALA D 24 -13.55 1.50 -64.48
CA ALA D 24 -12.25 2.10 -64.66
C ALA D 24 -12.34 3.45 -65.37
N ASN D 25 -11.45 4.36 -64.99
CA ASN D 25 -11.36 5.69 -65.60
C ASN D 25 -12.60 6.59 -65.51
N GLY D 26 -13.49 6.33 -64.57
CA GLY D 26 -14.66 7.17 -64.44
C GLY D 26 -15.82 6.75 -65.34
N LYS D 27 -15.65 5.64 -66.03
CA LYS D 27 -16.69 5.12 -66.91
C LYS D 27 -17.88 4.66 -66.07
N GLY D 28 -19.06 4.61 -66.70
CA GLY D 28 -20.27 4.20 -66.04
C GLY D 28 -21.04 3.13 -66.81
N ILE D 29 -22.32 2.95 -66.48
CA ILE D 29 -23.14 1.93 -67.12
C ILE D 29 -24.43 2.49 -67.67
N LEU D 30 -24.80 2.08 -68.88
CA LEU D 30 -26.05 2.51 -69.47
C LEU D 30 -27.01 1.37 -69.17
N ALA D 31 -28.10 1.71 -68.49
CA ALA D 31 -29.11 0.71 -68.15
C ALA D 31 -30.18 0.83 -69.22
N ALA D 32 -30.09 0.01 -70.26
CA ALA D 32 -31.08 0.04 -71.33
C ALA D 32 -31.89 -1.24 -71.24
N ASP D 33 -32.14 -1.68 -70.01
CA ASP D 33 -32.83 -2.93 -69.73
C ASP D 33 -34.31 -2.82 -69.40
N GLU D 34 -34.96 -1.81 -69.95
CA GLU D 34 -36.39 -1.61 -69.73
C GLU D 34 -37.12 -2.77 -70.40
N SER D 35 -38.06 -3.37 -69.68
CA SER D 35 -38.83 -4.48 -70.26
C SER D 35 -39.84 -3.93 -71.26
N VAL D 36 -40.60 -4.83 -71.89
CA VAL D 36 -41.58 -4.41 -72.89
C VAL D 36 -42.55 -3.38 -72.31
N GLY D 37 -43.04 -3.65 -71.10
CA GLY D 37 -43.97 -2.74 -70.44
C GLY D 37 -43.36 -1.38 -70.12
N THR D 38 -42.15 -1.40 -69.56
CA THR D 38 -41.45 -0.16 -69.21
C THR D 38 -41.16 0.67 -70.47
N MET D 39 -40.64 0.02 -71.51
CA MET D 39 -40.35 0.72 -72.75
C MET D 39 -41.62 1.26 -73.36
N GLY D 40 -42.72 0.52 -73.19
CA GLY D 40 -44.00 0.98 -73.71
C GLY D 40 -44.31 2.33 -73.09
N ASN D 41 -44.04 2.42 -71.80
N ASN D 41 -44.00 2.45 -71.79
CA ASN D 41 -44.26 3.66 -71.03
CA ASN D 41 -44.22 3.69 -71.05
C ASN D 41 -43.35 4.72 -71.57
C ASN D 41 -43.42 4.86 -71.64
N ARG D 42 -42.14 4.28 -71.81
N ARG D 42 -42.18 4.59 -72.04
CA ARG D 42 -41.12 5.17 -72.32
CA ARG D 42 -41.35 5.66 -72.62
C ARG D 42 -41.53 5.65 -73.76
C ARG D 42 -41.77 6.00 -74.03
N LEU D 43 -41.98 4.77 -74.67
N LEU D 43 -41.99 4.99 -74.85
CA LEU D 43 -42.33 5.18 -76.09
CA LEU D 43 -42.37 5.22 -76.23
C LEU D 43 -43.64 6.01 -76.19
C LEU D 43 -43.68 6.00 -76.26
N GLN D 44 -44.56 5.70 -75.30
CA GLN D 44 -45.87 6.39 -75.22
C GLN D 44 -45.62 7.89 -74.95
N ARG D 45 -44.48 8.20 -74.34
CA ARG D 45 -44.04 9.54 -74.01
C ARG D 45 -43.65 10.38 -75.24
N ILE D 46 -43.59 9.73 -76.41
CA ILE D 46 -43.24 10.42 -77.67
C ILE D 46 -44.09 10.00 -78.87
N LYS D 47 -45.31 9.52 -78.63
CA LYS D 47 -46.22 9.10 -79.70
C LYS D 47 -45.76 7.90 -80.52
N VAL D 48 -44.77 7.16 -80.03
CA VAL D 48 -44.26 6.00 -80.75
C VAL D 48 -44.97 4.76 -80.24
N GLU D 49 -45.40 3.92 -81.16
CA GLU D 49 -46.08 2.68 -80.82
C GLU D 49 -45.07 1.69 -80.26
N ASN D 50 -45.44 1.03 -79.16
CA ASN D 50 -44.55 0.06 -78.54
C ASN D 50 -44.57 -1.29 -79.25
N SER D 51 -43.60 -1.49 -80.13
CA SER D 51 -43.48 -2.74 -80.87
C SER D 51 -42.00 -3.09 -80.90
N GLU D 52 -41.69 -4.39 -80.94
CA GLU D 52 -40.30 -4.84 -80.97
C GLU D 52 -39.40 -4.09 -81.95
N GLU D 53 -39.96 -3.76 -83.12
CA GLU D 53 -39.20 -3.05 -84.13
C GLU D 53 -38.83 -1.63 -83.69
N ASN D 54 -39.79 -0.92 -83.10
CA ASN D 54 -39.54 0.44 -82.61
C ASN D 54 -38.54 0.45 -81.47
N ARG D 55 -38.57 -0.61 -80.66
CA ARG D 55 -37.66 -0.76 -79.54
C ARG D 55 -36.27 -1.09 -80.05
N ARG D 56 -36.22 -1.97 -81.06
CA ARG D 56 -34.95 -2.40 -81.65
C ARG D 56 -34.30 -1.24 -82.40
N GLN D 57 -35.12 -0.37 -82.97
CA GLN D 57 -34.64 0.80 -83.70
C GLN D 57 -33.98 1.81 -82.77
N PHE D 58 -34.69 2.20 -81.71
CA PHE D 58 -34.16 3.16 -80.77
C PHE D 58 -32.84 2.66 -80.17
N ARG D 59 -32.84 1.40 -79.74
CA ARG D 59 -31.64 0.82 -79.14
C ARG D 59 -30.47 0.72 -80.13
N GLU D 60 -30.79 0.49 -81.40
CA GLU D 60 -29.74 0.41 -82.42
C GLU D 60 -29.03 1.76 -82.49
N ILE D 61 -29.80 2.84 -82.50
CA ILE D 61 -29.25 4.19 -82.56
C ILE D 61 -28.20 4.47 -81.48
N LEU D 62 -28.49 4.02 -80.26
CA LEU D 62 -27.58 4.22 -79.14
C LEU D 62 -26.31 3.39 -79.23
N PHE D 63 -26.46 2.13 -79.62
CA PHE D 63 -25.31 1.22 -79.72
C PHE D 63 -24.41 1.46 -80.92
N THR D 64 -24.86 2.27 -81.88
CA THR D 64 -24.06 2.56 -83.08
C THR D 64 -23.43 3.94 -83.07
N VAL D 65 -23.38 4.59 -81.91
CA VAL D 65 -22.77 5.92 -81.82
C VAL D 65 -21.26 5.79 -82.02
N ASP D 66 -20.55 6.91 -82.11
CA ASP D 66 -19.10 6.89 -82.30
C ASP D 66 -18.40 5.99 -81.30
N ASN D 67 -17.21 5.53 -81.68
CA ASN D 67 -16.41 4.67 -80.82
C ASN D 67 -16.00 5.36 -79.51
N SER D 68 -16.06 6.69 -79.51
CA SER D 68 -15.69 7.47 -78.33
C SER D 68 -16.51 7.20 -77.06
N ILE D 69 -17.64 6.50 -77.17
CA ILE D 69 -18.43 6.23 -75.96
C ILE D 69 -17.73 5.30 -75.00
N ASN D 70 -16.74 4.53 -75.48
CA ASN D 70 -16.02 3.62 -74.60
C ASN D 70 -15.10 4.36 -73.63
N GLN D 71 -15.16 5.69 -73.67
CA GLN D 71 -14.37 6.53 -72.77
C GLN D 71 -15.30 7.03 -71.68
N SER D 72 -16.60 6.77 -71.83
CA SER D 72 -17.60 7.19 -70.86
C SER D 72 -18.39 6.00 -70.32
N ILE D 73 -18.75 5.08 -71.20
CA ILE D 73 -19.51 3.92 -70.79
C ILE D 73 -18.64 2.68 -70.78
N GLY D 74 -18.73 1.91 -69.71
CA GLY D 74 -17.93 0.70 -69.58
C GLY D 74 -18.79 -0.56 -69.59
N GLY D 75 -20.09 -0.38 -69.46
CA GLY D 75 -21.00 -1.51 -69.47
C GLY D 75 -22.40 -1.12 -69.86
N VAL D 76 -23.12 -2.04 -70.52
CA VAL D 76 -24.49 -1.79 -70.93
C VAL D 76 -25.32 -2.96 -70.44
N ILE D 77 -26.41 -2.64 -69.75
CA ILE D 77 -27.31 -3.69 -69.24
C ILE D 77 -28.43 -3.82 -70.26
N LEU D 78 -28.60 -5.04 -70.76
CA LEU D 78 -29.60 -5.38 -71.76
C LEU D 78 -30.75 -6.19 -71.19
N PHE D 79 -31.87 -6.17 -71.91
CA PHE D 79 -33.06 -6.92 -71.56
C PHE D 79 -32.94 -8.14 -72.48
N HIS D 80 -33.49 -9.28 -72.06
CA HIS D 80 -33.39 -10.52 -72.85
C HIS D 80 -33.51 -10.40 -74.38
N GLU D 81 -34.61 -9.84 -74.88
CA GLU D 81 -34.82 -9.72 -76.33
C GLU D 81 -33.70 -9.04 -77.11
N THR D 82 -33.29 -7.86 -76.66
CA THR D 82 -32.25 -7.06 -77.29
C THR D 82 -30.91 -7.79 -77.41
N LEU D 83 -30.66 -8.72 -76.49
CA LEU D 83 -29.42 -9.48 -76.49
C LEU D 83 -29.32 -10.35 -77.74
N TYR D 84 -30.46 -10.61 -78.37
CA TYR D 84 -30.50 -11.42 -79.58
C TYR D 84 -30.98 -10.63 -80.81
N GLN D 85 -30.96 -9.30 -80.72
CA GLN D 85 -31.39 -8.46 -81.83
C GLN D 85 -30.21 -8.03 -82.68
N LYS D 86 -30.51 -7.65 -83.93
CA LYS D 86 -29.50 -7.22 -84.89
C LYS D 86 -29.82 -5.81 -85.37
N ASP D 87 -28.82 -5.13 -85.93
CA ASP D 87 -29.05 -3.80 -86.45
C ASP D 87 -29.63 -3.91 -87.85
N SER D 88 -29.69 -2.78 -88.57
CA SER D 88 -30.24 -2.76 -89.92
C SER D 88 -29.35 -3.38 -90.99
N GLN D 89 -28.21 -3.93 -90.59
CA GLN D 89 -27.29 -4.58 -91.52
C GLN D 89 -27.03 -6.03 -91.13
N GLY D 90 -27.85 -6.54 -90.20
CA GLY D 90 -27.73 -7.92 -89.76
C GLY D 90 -26.66 -8.25 -88.74
N LYS D 91 -26.06 -7.23 -88.14
CA LYS D 91 -25.03 -7.43 -87.12
C LYS D 91 -25.67 -7.39 -85.74
N LEU D 92 -25.41 -8.41 -84.92
CA LEU D 92 -25.96 -8.49 -83.56
C LEU D 92 -25.47 -7.35 -82.68
N PHE D 93 -26.39 -6.73 -81.92
CA PHE D 93 -26.05 -5.63 -81.01
C PHE D 93 -24.90 -5.98 -80.07
N ARG D 94 -24.90 -7.19 -79.51
CA ARG D 94 -23.86 -7.60 -78.59
C ARG D 94 -22.45 -7.64 -79.16
N ASN D 95 -22.35 -7.92 -80.45
CA ASN D 95 -21.05 -7.96 -81.12
C ASN D 95 -20.55 -6.54 -81.31
N ILE D 96 -21.47 -5.64 -81.63
CA ILE D 96 -21.17 -4.23 -81.84
C ILE D 96 -20.59 -3.69 -80.54
N LEU D 97 -21.32 -3.93 -79.46
CA LEU D 97 -20.90 -3.46 -78.15
C LEU D 97 -19.55 -4.05 -77.79
N LYS D 98 -19.39 -5.35 -78.01
CA LYS D 98 -18.13 -6.02 -77.72
C LYS D 98 -16.99 -5.41 -78.52
N GLU D 99 -17.23 -5.14 -79.80
CA GLU D 99 -16.22 -4.56 -80.67
C GLU D 99 -15.81 -3.17 -80.15
N LYS D 100 -16.77 -2.46 -79.56
CA LYS D 100 -16.53 -1.13 -79.01
C LYS D 100 -15.77 -1.14 -77.70
N GLY D 101 -15.53 -2.33 -77.15
CA GLY D 101 -14.80 -2.44 -75.89
C GLY D 101 -15.71 -2.22 -74.69
N ILE D 102 -17.01 -2.44 -74.90
CA ILE D 102 -18.01 -2.26 -73.86
C ILE D 102 -18.47 -3.62 -73.36
N VAL D 103 -18.64 -3.74 -72.04
CA VAL D 103 -19.08 -4.98 -71.41
C VAL D 103 -20.59 -5.07 -71.42
N VAL D 104 -21.11 -6.23 -71.79
CA VAL D 104 -22.54 -6.49 -71.87
C VAL D 104 -23.08 -7.16 -70.61
N GLY D 105 -24.23 -6.71 -70.16
CA GLY D 105 -24.83 -7.29 -68.98
C GLY D 105 -26.28 -7.63 -69.24
N ILE D 106 -26.85 -8.50 -68.41
CA ILE D 106 -28.23 -8.91 -68.57
C ILE D 106 -28.99 -8.88 -67.24
N LYS D 107 -30.21 -8.36 -67.29
CA LYS D 107 -31.11 -8.28 -66.14
C LYS D 107 -31.61 -9.70 -65.84
N LEU D 108 -31.34 -10.19 -64.63
CA LEU D 108 -31.72 -11.57 -64.23
C LEU D 108 -32.97 -11.76 -63.36
N ASP D 109 -33.50 -10.70 -62.79
CA ASP D 109 -34.68 -10.84 -61.94
C ASP D 109 -35.97 -10.87 -62.75
N GLN D 110 -36.97 -11.55 -62.21
CA GLN D 110 -38.26 -11.70 -62.87
C GLN D 110 -39.40 -10.99 -62.15
N GLY D 111 -39.12 -9.82 -61.60
CA GLY D 111 -40.15 -9.07 -60.92
C GLY D 111 -40.42 -9.47 -59.48
N GLY D 112 -41.35 -8.75 -58.85
CA GLY D 112 -41.67 -9.01 -57.47
C GLY D 112 -42.85 -9.91 -57.18
N ALA D 113 -42.86 -10.43 -55.97
CA ALA D 113 -43.92 -11.31 -55.47
C ALA D 113 -44.24 -10.75 -54.10
N PRO D 114 -45.52 -10.53 -53.80
CA PRO D 114 -45.97 -9.99 -52.51
C PRO D 114 -45.72 -10.87 -51.30
N LEU D 115 -45.29 -10.24 -50.21
CA LEU D 115 -45.05 -10.95 -48.96
C LEU D 115 -46.31 -10.77 -48.13
N ALA D 116 -47.01 -11.88 -47.83
CA ALA D 116 -48.23 -11.80 -47.05
C ALA D 116 -47.92 -11.45 -45.59
N GLY D 117 -48.75 -10.59 -45.01
CA GLY D 117 -48.56 -10.17 -43.64
C GLY D 117 -47.67 -8.96 -43.52
N THR D 118 -47.65 -8.12 -44.55
CA THR D 118 -46.85 -6.90 -44.55
C THR D 118 -47.71 -5.79 -45.15
N ASN D 119 -47.17 -4.57 -45.21
CA ASN D 119 -47.91 -3.47 -45.79
C ASN D 119 -47.39 -3.27 -47.20
N LYS D 120 -48.01 -3.97 -48.15
CA LYS D 120 -47.65 -3.89 -49.56
C LYS D 120 -46.18 -4.18 -49.87
N GLU D 121 -45.55 -5.09 -49.12
CA GLU D 121 -44.15 -5.38 -49.39
C GLU D 121 -43.94 -6.59 -50.30
N THR D 122 -42.77 -6.64 -50.95
CA THR D 122 -42.45 -7.70 -51.88
C THR D 122 -41.03 -8.26 -51.79
N THR D 123 -40.84 -9.41 -52.42
CA THR D 123 -39.54 -10.08 -52.54
C THR D 123 -39.39 -10.26 -54.04
N ILE D 124 -38.25 -10.77 -54.50
CA ILE D 124 -38.03 -10.91 -55.94
C ILE D 124 -37.89 -12.36 -56.42
N GLN D 125 -38.39 -12.62 -57.63
CA GLN D 125 -38.34 -13.94 -58.24
C GLN D 125 -37.24 -14.03 -59.31
N GLY D 126 -36.84 -15.26 -59.63
CA GLY D 126 -35.83 -15.47 -60.65
C GLY D 126 -34.77 -16.48 -60.30
N LEU D 127 -34.88 -17.11 -59.14
CA LEU D 127 -33.89 -18.08 -58.70
C LEU D 127 -33.96 -19.45 -59.38
N ASP D 128 -35.16 -19.89 -59.73
CA ASP D 128 -35.34 -21.19 -60.37
C ASP D 128 -34.67 -21.27 -61.74
N GLY D 129 -33.69 -22.15 -61.84
CA GLY D 129 -32.96 -22.34 -63.08
C GLY D 129 -32.02 -21.20 -63.41
N LEU D 130 -31.77 -20.32 -62.45
CA LEU D 130 -30.93 -19.15 -62.64
C LEU D 130 -29.49 -19.46 -63.06
N SER D 131 -28.93 -20.55 -62.53
CA SER D 131 -27.57 -20.95 -62.86
C SER D 131 -27.45 -21.33 -64.34
N GLU D 132 -28.44 -22.09 -64.83
CA GLU D 132 -28.46 -22.51 -66.22
C GLU D 132 -28.60 -21.31 -67.16
N ARG D 133 -29.43 -20.35 -66.79
CA ARG D 133 -29.58 -19.15 -67.61
C ARG D 133 -28.27 -18.39 -67.67
N CYS D 134 -27.58 -18.31 -66.54
CA CYS D 134 -26.31 -17.62 -66.45
C CYS D 134 -25.23 -18.26 -67.33
N ALA D 135 -25.08 -19.58 -67.24
CA ALA D 135 -24.07 -20.28 -68.05
C ALA D 135 -24.35 -20.01 -69.52
N GLN D 136 -25.63 -20.00 -69.87
CA GLN D 136 -26.07 -19.74 -71.23
C GLN D 136 -25.65 -18.33 -71.62
N TYR D 137 -26.06 -17.35 -70.84
CA TYR D 137 -25.73 -15.96 -71.09
C TYR D 137 -24.22 -15.75 -71.19
N LYS D 138 -23.47 -16.46 -70.37
CA LYS D 138 -22.01 -16.36 -70.35
C LYS D 138 -21.45 -16.78 -71.72
N LYS D 139 -22.03 -17.84 -72.30
CA LYS D 139 -21.62 -18.34 -73.61
C LYS D 139 -21.99 -17.35 -74.72
N ASP D 140 -23.02 -16.56 -74.47
CA ASP D 140 -23.51 -15.58 -75.44
C ASP D 140 -22.92 -14.18 -75.31
N GLY D 141 -21.79 -14.06 -74.61
CA GLY D 141 -21.13 -12.76 -74.47
C GLY D 141 -21.53 -11.85 -73.32
N VAL D 142 -22.25 -12.38 -72.35
CA VAL D 142 -22.66 -11.56 -71.21
C VAL D 142 -21.64 -11.79 -70.10
N ASP D 143 -21.19 -10.71 -69.46
CA ASP D 143 -20.19 -10.82 -68.40
C ASP D 143 -20.66 -10.36 -67.02
N PHE D 144 -21.80 -9.68 -66.96
CA PHE D 144 -22.34 -9.24 -65.68
C PHE D 144 -23.86 -9.27 -65.65
N GLY D 145 -24.41 -9.46 -64.45
CA GLY D 145 -25.85 -9.50 -64.31
C GLY D 145 -26.33 -8.40 -63.40
N LYS D 146 -27.65 -8.25 -63.33
CA LYS D 146 -28.27 -7.23 -62.50
C LYS D 146 -29.55 -7.80 -61.87
N TRP D 147 -29.75 -7.50 -60.59
CA TRP D 147 -30.94 -7.96 -59.87
C TRP D 147 -31.42 -6.79 -59.02
N ARG D 148 -32.71 -6.44 -59.16
CA ARG D 148 -33.28 -5.33 -58.43
C ARG D 148 -34.25 -5.78 -57.35
N ALA D 149 -33.92 -5.45 -56.11
CA ALA D 149 -34.74 -5.79 -54.96
C ALA D 149 -35.46 -4.51 -54.60
N VAL D 150 -36.71 -4.60 -54.15
CA VAL D 150 -37.39 -3.39 -53.82
C VAL D 150 -37.85 -3.25 -52.36
N LEU D 151 -37.38 -2.19 -51.72
CA LEU D 151 -37.70 -1.83 -50.34
C LEU D 151 -38.39 -0.47 -50.39
N ARG D 152 -39.41 -0.29 -49.56
CA ARG D 152 -40.17 0.96 -49.53
C ARG D 152 -40.29 1.55 -48.12
N ILE D 153 -40.45 2.86 -48.01
CA ILE D 153 -40.62 3.54 -46.72
C ILE D 153 -42.08 3.94 -46.61
N ALA D 154 -42.76 3.42 -45.60
CA ALA D 154 -44.16 3.70 -45.36
C ALA D 154 -44.49 3.26 -43.95
N ASP D 155 -45.78 3.27 -43.64
CA ASP D 155 -46.27 2.85 -42.33
C ASP D 155 -45.93 1.37 -42.15
N GLN D 156 -45.02 1.09 -41.22
CA GLN D 156 -44.58 -0.27 -40.91
C GLN D 156 -43.59 -0.80 -41.94
N CYS D 157 -43.06 0.10 -42.76
CA CYS D 157 -42.11 -0.29 -43.79
C CYS D 157 -40.85 0.56 -43.72
N PRO D 158 -39.68 -0.05 -43.98
CA PRO D 158 -39.55 -1.47 -44.33
C PRO D 158 -39.51 -2.41 -43.12
N SER D 159 -40.14 -3.57 -43.24
CA SER D 159 -40.16 -4.55 -42.16
C SER D 159 -38.86 -5.34 -42.17
N SER D 160 -38.60 -6.05 -41.09
CA SER D 160 -37.40 -6.87 -40.99
C SER D 160 -37.55 -8.05 -41.93
N LEU D 161 -38.80 -8.49 -42.14
CA LEU D 161 -39.09 -9.60 -43.05
C LEU D 161 -38.66 -9.20 -44.46
N ALA D 162 -39.14 -8.04 -44.90
CA ALA D 162 -38.83 -7.52 -46.24
C ALA D 162 -37.33 -7.41 -46.46
N ILE D 163 -36.66 -6.79 -45.50
CA ILE D 163 -35.22 -6.57 -45.54
C ILE D 163 -34.40 -7.86 -45.53
N GLN D 164 -34.76 -8.81 -44.68
CA GLN D 164 -34.05 -10.07 -44.59
C GLN D 164 -34.21 -10.90 -45.87
N GLU D 165 -35.45 -10.99 -46.35
CA GLU D 165 -35.77 -11.74 -47.56
C GLU D 165 -35.09 -11.20 -48.79
N ASN D 166 -35.27 -9.91 -49.03
CA ASN D 166 -34.65 -9.27 -50.18
C ASN D 166 -33.13 -9.31 -50.14
N ALA D 167 -32.58 -9.37 -48.93
CA ALA D 167 -31.13 -9.42 -48.75
C ALA D 167 -30.58 -10.81 -49.08
N ASN D 168 -31.24 -11.83 -48.56
CA ASN D 168 -30.81 -13.20 -48.79
C ASN D 168 -31.03 -13.64 -50.24
N THR D 169 -32.09 -13.15 -50.87
CA THR D 169 -32.36 -13.46 -52.27
C THR D 169 -31.30 -12.79 -53.14
N LEU D 170 -30.90 -11.57 -52.78
CA LEU D 170 -29.86 -10.86 -53.53
C LEU D 170 -28.55 -11.63 -53.38
N ALA D 171 -28.34 -12.21 -52.19
CA ALA D 171 -27.13 -12.98 -51.88
C ALA D 171 -27.15 -14.35 -52.57
N ARG D 172 -28.34 -14.90 -52.77
CA ARG D 172 -28.50 -16.18 -53.45
C ARG D 172 -28.13 -15.91 -54.91
N TYR D 173 -28.75 -14.90 -55.48
CA TYR D 173 -28.52 -14.48 -56.86
C TYR D 173 -27.04 -14.17 -57.13
N ALA D 174 -26.38 -13.44 -56.22
CA ALA D 174 -24.99 -13.07 -56.38
C ALA D 174 -24.08 -14.29 -56.40
N SER D 175 -24.33 -15.23 -55.50
CA SER D 175 -23.54 -16.45 -55.43
C SER D 175 -23.62 -17.21 -56.75
N ILE D 176 -24.85 -17.44 -57.23
CA ILE D 176 -25.08 -18.15 -58.47
C ILE D 176 -24.38 -17.49 -59.63
N CYS D 177 -24.46 -16.17 -59.72
CA CYS D 177 -23.79 -15.44 -60.80
C CYS D 177 -22.30 -15.74 -60.84
N GLN D 178 -21.63 -15.55 -59.71
CA GLN D 178 -20.18 -15.78 -59.62
C GLN D 178 -19.77 -17.21 -59.93
N GLN D 179 -20.65 -18.16 -59.64
CA GLN D 179 -20.38 -19.56 -59.93
C GLN D 179 -20.34 -19.79 -61.43
N ASN D 180 -20.96 -18.86 -62.18
CA ASN D 180 -21.02 -18.96 -63.63
C ASN D 180 -20.27 -17.89 -64.40
N GLY D 181 -19.31 -17.23 -63.73
CA GLY D 181 -18.51 -16.20 -64.39
C GLY D 181 -19.11 -14.83 -64.55
N LEU D 182 -20.28 -14.58 -63.98
CA LEU D 182 -20.93 -13.27 -64.08
C LEU D 182 -20.74 -12.41 -62.84
N VAL D 183 -20.46 -11.12 -63.06
CA VAL D 183 -20.30 -10.17 -61.98
C VAL D 183 -21.69 -9.71 -61.61
N PRO D 184 -22.13 -9.99 -60.38
CA PRO D 184 -23.48 -9.56 -59.99
C PRO D 184 -23.52 -8.12 -59.51
N ILE D 185 -24.48 -7.37 -60.01
CA ILE D 185 -24.70 -6.00 -59.58
C ILE D 185 -25.79 -6.15 -58.52
N VAL D 186 -25.44 -5.87 -57.27
CA VAL D 186 -26.41 -5.95 -56.18
C VAL D 186 -27.13 -4.60 -56.15
N GLU D 187 -28.43 -4.62 -56.45
CA GLU D 187 -29.22 -3.40 -56.46
C GLU D 187 -30.35 -3.37 -55.42
N PRO D 188 -30.04 -2.91 -54.18
CA PRO D 188 -31.05 -2.84 -53.13
C PRO D 188 -31.67 -1.43 -53.13
N GLU D 189 -32.69 -1.23 -53.96
CA GLU D 189 -33.32 0.08 -54.07
C GLU D 189 -34.42 0.44 -53.07
N VAL D 190 -34.24 1.60 -52.45
CA VAL D 190 -35.23 2.13 -51.53
C VAL D 190 -35.96 3.15 -52.38
N ILE D 191 -37.15 2.81 -52.85
CA ILE D 191 -37.89 3.73 -53.70
C ILE D 191 -38.18 5.05 -53.00
N PRO D 192 -38.11 6.16 -53.75
CA PRO D 192 -38.34 7.53 -53.28
C PRO D 192 -39.79 7.97 -53.07
N ASP D 193 -40.74 7.11 -53.36
CA ASP D 193 -42.15 7.48 -53.21
C ASP D 193 -42.53 7.76 -51.76
N GLY D 194 -43.36 8.79 -51.57
CA GLY D 194 -43.79 9.16 -50.24
C GLY D 194 -43.29 10.53 -49.86
N ASP D 195 -43.69 11.01 -48.69
CA ASP D 195 -43.29 12.33 -48.20
C ASP D 195 -42.20 12.33 -47.12
N HIS D 196 -41.46 11.23 -47.03
CA HIS D 196 -40.39 11.12 -46.05
C HIS D 196 -39.26 12.09 -46.36
N ASP D 197 -38.59 12.59 -45.33
CA ASP D 197 -37.48 13.52 -45.54
C ASP D 197 -36.14 12.82 -45.75
N LEU D 198 -35.11 13.61 -46.05
CA LEU D 198 -33.77 13.11 -46.29
C LEU D 198 -33.22 12.23 -45.18
N GLU D 199 -33.34 12.69 -43.94
CA GLU D 199 -32.84 11.94 -42.79
C GLU D 199 -33.49 10.57 -42.65
N HIS D 200 -34.78 10.49 -43.00
CA HIS D 200 -35.50 9.22 -42.92
C HIS D 200 -34.93 8.21 -43.91
N CYS D 201 -34.72 8.66 -45.14
CA CYS D 201 -34.17 7.81 -46.18
C CYS D 201 -32.77 7.30 -45.80
N GLN D 202 -31.94 8.19 -45.28
CA GLN D 202 -30.57 7.83 -44.89
C GLN D 202 -30.53 6.69 -43.86
N TYR D 203 -31.41 6.77 -42.88
CA TYR D 203 -31.50 5.76 -41.83
C TYR D 203 -31.86 4.40 -42.44
N VAL D 204 -32.87 4.40 -43.29
CA VAL D 204 -33.32 3.17 -43.95
C VAL D 204 -32.24 2.60 -44.86
N THR D 205 -31.62 3.45 -45.66
CA THR D 205 -30.57 3.04 -46.58
C THR D 205 -29.42 2.33 -45.85
N GLU D 206 -28.96 2.92 -44.75
CA GLU D 206 -27.88 2.33 -43.96
C GLU D 206 -28.30 0.98 -43.39
N LYS D 207 -29.54 0.92 -42.92
CA LYS D 207 -30.11 -0.31 -42.36
C LYS D 207 -30.23 -1.41 -43.42
N VAL D 208 -30.65 -1.04 -44.62
CA VAL D 208 -30.80 -1.98 -45.72
C VAL D 208 -29.45 -2.53 -46.16
N LEU D 209 -28.49 -1.62 -46.33
CA LEU D 209 -27.14 -1.98 -46.77
C LEU D 209 -26.36 -2.86 -45.78
N ALA D 210 -26.59 -2.66 -44.48
CA ALA D 210 -25.91 -3.45 -43.45
C ALA D 210 -26.43 -4.89 -43.51
N ALA D 211 -27.74 -5.02 -43.73
CA ALA D 211 -28.36 -6.34 -43.85
C ALA D 211 -27.83 -7.02 -45.11
N VAL D 212 -27.85 -6.29 -46.23
CA VAL D 212 -27.36 -6.79 -47.52
C VAL D 212 -25.96 -7.37 -47.43
N TYR D 213 -25.01 -6.57 -46.92
CA TYR D 213 -23.63 -7.04 -46.79
C TYR D 213 -23.42 -8.13 -45.77
N LYS D 214 -24.29 -8.22 -44.78
CA LYS D 214 -24.19 -9.29 -43.80
C LYS D 214 -24.56 -10.55 -44.59
N ALA D 215 -25.66 -10.47 -45.34
CA ALA D 215 -26.16 -11.58 -46.16
C ALA D 215 -25.12 -12.07 -47.16
N LEU D 216 -24.46 -11.15 -47.84
CA LEU D 216 -23.44 -11.53 -48.81
C LEU D 216 -22.31 -12.30 -48.15
N ASN D 217 -21.98 -11.94 -46.91
CA ASN D 217 -20.91 -12.62 -46.19
C ASN D 217 -21.38 -14.01 -45.78
N ASP D 218 -22.63 -14.10 -45.34
CA ASP D 218 -23.21 -15.38 -44.94
C ASP D 218 -23.20 -16.36 -46.10
N HIS D 219 -23.43 -15.85 -47.31
CA HIS D 219 -23.46 -16.68 -48.52
C HIS D 219 -22.11 -16.84 -49.23
N HIS D 220 -21.04 -16.41 -48.56
CA HIS D 220 -19.67 -16.54 -49.08
C HIS D 220 -19.45 -15.83 -50.41
N VAL D 221 -20.13 -14.71 -50.62
CA VAL D 221 -19.98 -13.94 -51.85
C VAL D 221 -18.65 -13.19 -51.87
N TYR D 222 -17.99 -13.24 -53.02
CA TYR D 222 -16.70 -12.59 -53.23
C TYR D 222 -16.93 -11.11 -53.56
N LEU D 223 -16.85 -10.26 -52.53
CA LEU D 223 -17.07 -8.82 -52.66
C LEU D 223 -16.35 -8.13 -53.81
N GLU D 224 -15.09 -8.48 -54.01
CA GLU D 224 -14.29 -7.89 -55.07
C GLU D 224 -14.78 -8.22 -56.48
N GLY D 225 -15.73 -9.14 -56.59
CA GLY D 225 -16.27 -9.51 -57.89
C GLY D 225 -17.74 -9.13 -57.99
N THR D 226 -18.09 -8.00 -57.40
CA THR D 226 -19.45 -7.50 -57.41
C THR D 226 -19.39 -5.98 -57.59
N LEU D 227 -20.56 -5.39 -57.79
CA LEU D 227 -20.70 -3.94 -57.93
C LEU D 227 -22.01 -3.69 -57.19
N LEU D 228 -22.17 -2.49 -56.68
CA LEU D 228 -23.39 -2.13 -55.96
C LEU D 228 -24.09 -1.06 -56.76
N LYS D 229 -25.43 -1.11 -56.75
CA LYS D 229 -26.26 -0.13 -57.44
C LYS D 229 -27.34 0.31 -56.47
N PRO D 230 -26.99 1.24 -55.58
CA PRO D 230 -27.98 1.70 -54.60
C PRO D 230 -28.59 3.00 -55.04
N ASN D 231 -29.56 3.45 -54.24
CA ASN D 231 -30.22 4.71 -54.47
C ASN D 231 -29.36 5.76 -53.76
N MET D 232 -29.49 7.00 -54.21
CA MET D 232 -28.78 8.11 -53.58
C MET D 232 -29.75 8.47 -52.45
N VAL D 233 -29.25 9.04 -51.37
CA VAL D 233 -30.13 9.39 -50.27
C VAL D 233 -30.73 10.77 -50.56
N THR D 234 -32.00 10.78 -50.91
CA THR D 234 -32.71 12.00 -51.23
C THR D 234 -34.01 11.99 -50.45
N ALA D 235 -34.76 13.08 -50.54
CA ALA D 235 -36.03 13.18 -49.86
C ALA D 235 -37.08 12.39 -50.63
N GLY D 236 -38.27 12.27 -50.05
CA GLY D 236 -39.35 11.56 -50.70
C GLY D 236 -39.86 12.44 -51.83
N HIS D 237 -40.46 11.80 -52.82
CA HIS D 237 -40.98 12.50 -53.99
C HIS D 237 -42.12 13.46 -53.67
N ALA D 238 -42.80 13.23 -52.56
CA ALA D 238 -43.91 14.06 -52.13
C ALA D 238 -43.46 15.04 -51.03
N CYS D 239 -42.16 15.05 -50.75
CA CYS D 239 -41.62 15.94 -49.73
C CYS D 239 -41.37 17.32 -50.33
N THR D 240 -41.89 18.34 -49.66
CA THR D 240 -41.75 19.72 -50.11
C THR D 240 -40.39 20.33 -49.80
N LYS D 241 -39.77 19.82 -48.74
CA LYS D 241 -38.45 20.30 -48.31
C LYS D 241 -37.43 20.16 -49.43
N LYS D 242 -36.71 21.24 -49.70
CA LYS D 242 -35.70 21.27 -50.75
C LYS D 242 -34.29 21.07 -50.22
N TYR D 243 -33.56 20.16 -50.84
CA TYR D 243 -32.19 19.87 -50.45
C TYR D 243 -31.32 20.12 -51.67
N THR D 244 -30.09 20.55 -51.43
CA THR D 244 -29.16 20.84 -52.51
C THR D 244 -28.34 19.58 -52.80
N PRO D 245 -27.66 19.53 -53.97
CA PRO D 245 -26.84 18.37 -54.30
C PRO D 245 -25.75 18.10 -53.26
N GLU D 246 -25.32 19.14 -52.55
CA GLU D 246 -24.30 18.97 -51.51
C GLU D 246 -24.85 18.20 -50.31
N GLN D 247 -26.08 18.51 -49.93
CA GLN D 247 -26.73 17.84 -48.82
C GLN D 247 -27.03 16.40 -49.19
N VAL D 248 -27.53 16.19 -50.41
CA VAL D 248 -27.82 14.85 -50.90
C VAL D 248 -26.52 14.04 -50.92
N ALA D 249 -25.43 14.69 -51.34
CA ALA D 249 -24.12 14.05 -51.40
C ALA D 249 -23.59 13.63 -50.03
N MET D 250 -23.66 14.54 -49.06
CA MET D 250 -23.17 14.24 -47.71
C MET D 250 -23.92 13.06 -47.13
N ALA D 251 -25.25 13.12 -47.18
CA ALA D 251 -26.09 12.05 -46.68
C ALA D 251 -25.73 10.72 -47.33
N THR D 252 -25.60 10.73 -48.66
CA THR D 252 -25.26 9.55 -49.44
C THR D 252 -23.92 8.92 -49.09
N VAL D 253 -22.86 9.72 -49.08
CA VAL D 253 -21.53 9.20 -48.76
C VAL D 253 -21.43 8.79 -47.28
N THR D 254 -22.24 9.42 -46.43
CA THR D 254 -22.24 9.08 -45.00
C THR D 254 -22.78 7.67 -44.87
N ALA D 255 -23.99 7.44 -45.39
CA ALA D 255 -24.62 6.15 -45.36
C ALA D 255 -23.75 5.04 -45.97
N LEU D 256 -23.12 5.34 -47.10
CA LEU D 256 -22.27 4.35 -47.77
C LEU D 256 -21.01 4.00 -46.99
N HIS D 257 -20.24 5.01 -46.59
CA HIS D 257 -18.98 4.75 -45.87
C HIS D 257 -19.14 4.05 -44.52
N ARG D 258 -20.36 4.01 -43.99
CA ARG D 258 -20.60 3.34 -42.74
C ARG D 258 -21.07 1.90 -42.93
N THR D 259 -21.29 1.48 -44.18
CA THR D 259 -21.80 0.12 -44.46
C THR D 259 -21.13 -0.69 -45.57
N VAL D 260 -20.79 -0.06 -46.69
CA VAL D 260 -20.19 -0.75 -47.82
C VAL D 260 -18.69 -0.98 -47.71
N PRO D 261 -18.27 -2.26 -47.61
CA PRO D 261 -16.85 -2.63 -47.50
C PRO D 261 -15.99 -2.06 -48.62
N ALA D 262 -14.73 -1.80 -48.32
CA ALA D 262 -13.77 -1.25 -49.27
C ALA D 262 -13.34 -2.28 -50.32
N ALA D 263 -13.81 -3.52 -50.14
CA ALA D 263 -13.49 -4.63 -51.06
C ALA D 263 -14.23 -4.45 -52.38
N VAL D 264 -15.44 -3.91 -52.28
CA VAL D 264 -16.30 -3.66 -53.44
C VAL D 264 -15.63 -2.59 -54.31
N PRO D 265 -15.30 -2.94 -55.56
CA PRO D 265 -14.65 -2.06 -56.55
C PRO D 265 -15.43 -0.81 -56.93
N GLY D 266 -16.75 -0.91 -57.04
CA GLY D 266 -17.50 0.28 -57.41
C GLY D 266 -18.95 0.33 -56.97
N ILE D 267 -19.45 1.56 -56.92
CA ILE D 267 -20.81 1.85 -56.54
C ILE D 267 -21.37 2.69 -57.69
N CYS D 268 -22.33 2.13 -58.41
CA CYS D 268 -22.95 2.80 -59.55
C CYS D 268 -24.39 3.14 -59.22
N PHE D 269 -24.67 4.43 -59.04
CA PHE D 269 -26.00 4.89 -58.67
C PHE D 269 -27.07 4.78 -59.74
N LEU D 270 -28.29 4.53 -59.29
CA LEU D 270 -29.44 4.41 -60.17
C LEU D 270 -30.08 5.78 -60.32
N SER D 271 -30.71 6.03 -61.46
CA SER D 271 -31.37 7.33 -61.73
C SER D 271 -32.59 7.61 -60.85
N GLY D 272 -33.47 6.62 -60.70
CA GLY D 272 -34.64 6.77 -59.84
C GLY D 272 -35.58 7.89 -60.20
N GLY D 273 -35.87 8.03 -61.49
CA GLY D 273 -36.77 9.08 -61.93
C GLY D 273 -36.19 10.48 -61.83
N MET D 274 -34.90 10.59 -61.50
CA MET D 274 -34.25 11.89 -61.42
C MET D 274 -34.05 12.50 -62.80
N SER D 275 -34.06 13.81 -62.85
CA SER D 275 -33.82 14.54 -64.09
C SER D 275 -32.40 14.26 -64.53
N GLU D 276 -32.08 14.53 -65.78
CA GLU D 276 -30.72 14.32 -66.27
C GLU D 276 -29.78 15.27 -65.53
N GLU D 277 -30.23 16.50 -65.34
CA GLU D 277 -29.43 17.52 -64.66
C GLU D 277 -29.15 17.14 -63.20
N ASP D 278 -30.18 16.73 -62.46
CA ASP D 278 -30.00 16.33 -61.08
C ASP D 278 -29.10 15.12 -60.95
N ALA D 279 -29.39 14.07 -61.71
CA ALA D 279 -28.60 12.85 -61.67
C ALA D 279 -27.11 13.15 -61.83
N THR D 280 -26.80 14.11 -62.70
CA THR D 280 -25.43 14.50 -62.94
C THR D 280 -24.87 15.37 -61.82
N LEU D 281 -25.65 16.37 -61.41
CA LEU D 281 -25.28 17.30 -60.35
C LEU D 281 -24.98 16.58 -59.04
N ASN D 282 -25.89 15.69 -58.66
CA ASN D 282 -25.77 14.90 -57.44
C ASN D 282 -24.56 13.98 -57.47
N LEU D 283 -24.28 13.37 -58.63
CA LEU D 283 -23.14 12.46 -58.76
C LEU D 283 -21.82 13.21 -58.73
N ASN D 284 -21.83 14.45 -59.20
CA ASN D 284 -20.63 15.28 -59.21
C ASN D 284 -20.35 15.64 -57.75
N ALA D 285 -21.38 16.12 -57.06
CA ALA D 285 -21.26 16.50 -55.66
C ALA D 285 -20.75 15.32 -54.82
N ILE D 286 -21.25 14.13 -55.11
CA ILE D 286 -20.84 12.92 -54.40
C ILE D 286 -19.33 12.66 -54.50
N ASN D 287 -18.78 12.92 -55.68
CA ASN D 287 -17.36 12.71 -55.88
C ASN D 287 -16.49 13.83 -55.31
N LEU D 288 -17.16 14.88 -54.84
CA LEU D 288 -16.47 16.02 -54.24
C LEU D 288 -16.66 16.02 -52.72
N CYS D 289 -17.44 15.07 -52.21
CA CYS D 289 -17.70 14.94 -50.77
C CYS D 289 -16.39 14.60 -50.06
N PRO D 290 -15.99 15.39 -49.04
CA PRO D 290 -14.76 15.16 -48.29
C PRO D 290 -14.73 14.00 -47.30
N LEU D 291 -15.51 12.94 -47.55
CA LEU D 291 -15.51 11.79 -46.66
C LEU D 291 -14.70 10.68 -47.31
N PRO D 292 -14.25 9.67 -46.53
CA PRO D 292 -13.47 8.57 -47.10
C PRO D 292 -14.33 7.83 -48.13
N LYS D 293 -13.76 7.59 -49.31
CA LYS D 293 -14.46 6.91 -50.40
C LYS D 293 -13.46 5.93 -51.01
N PRO D 294 -13.36 4.72 -50.45
CA PRO D 294 -12.43 3.71 -50.95
C PRO D 294 -12.82 3.05 -52.29
N TRP D 295 -14.01 3.35 -52.78
CA TRP D 295 -14.50 2.76 -54.04
C TRP D 295 -14.88 3.82 -55.09
N LYS D 296 -14.95 3.39 -56.34
CA LYS D 296 -15.34 4.26 -57.45
C LYS D 296 -16.81 4.60 -57.29
N LEU D 297 -17.16 5.88 -57.38
CA LEU D 297 -18.55 6.28 -57.28
C LEU D 297 -18.91 6.63 -58.72
N SER D 298 -19.64 5.74 -59.37
CA SER D 298 -20.03 5.91 -60.77
C SER D 298 -21.54 5.92 -60.98
N PHE D 299 -21.97 5.73 -62.23
CA PHE D 299 -23.38 5.74 -62.57
C PHE D 299 -23.86 4.51 -63.33
N SER D 300 -25.17 4.26 -63.24
CA SER D 300 -25.86 3.17 -63.91
C SER D 300 -27.24 3.77 -64.13
N TYR D 301 -27.29 4.74 -65.05
CA TYR D 301 -28.52 5.46 -65.33
C TYR D 301 -29.33 4.93 -66.49
N GLY D 302 -30.65 5.07 -66.38
CA GLY D 302 -31.55 4.66 -67.45
C GLY D 302 -32.07 5.93 -68.10
N ARG D 303 -33.15 6.47 -67.56
CA ARG D 303 -33.78 7.69 -68.07
C ARG D 303 -32.83 8.87 -68.03
N ALA D 304 -31.93 8.89 -67.05
CA ALA D 304 -30.97 9.98 -66.91
C ALA D 304 -30.00 10.00 -68.09
N LEU D 305 -29.90 8.89 -68.81
CA LEU D 305 -29.02 8.83 -69.97
C LEU D 305 -29.73 8.83 -71.32
N GLN D 306 -31.04 8.56 -71.33
CA GLN D 306 -31.81 8.47 -72.58
C GLN D 306 -32.96 9.47 -72.76
N ALA D 307 -33.35 10.15 -71.70
CA ALA D 307 -34.47 11.09 -71.76
C ALA D 307 -34.47 12.02 -72.98
N SER D 308 -33.44 12.84 -73.12
CA SER D 308 -33.37 13.77 -74.24
C SER D 308 -33.18 13.07 -75.60
N ALA D 309 -32.46 11.95 -75.61
CA ALA D 309 -32.22 11.21 -76.84
C ALA D 309 -33.56 10.71 -77.40
N LEU D 310 -34.40 10.23 -76.50
CA LEU D 310 -35.71 9.70 -76.83
C LEU D 310 -36.64 10.84 -77.31
N ALA D 311 -36.42 12.03 -76.79
CA ALA D 311 -37.21 13.20 -77.16
C ALA D 311 -36.75 13.77 -78.50
N ALA D 312 -35.44 13.68 -78.77
CA ALA D 312 -34.86 14.17 -80.01
C ALA D 312 -35.25 13.28 -81.18
N TRP D 313 -35.23 11.97 -80.94
CA TRP D 313 -35.58 10.97 -81.95
C TRP D 313 -37.02 11.12 -82.43
N GLY D 314 -37.95 11.23 -81.49
CA GLY D 314 -39.35 11.39 -81.84
C GLY D 314 -39.94 10.25 -82.68
N GLY D 315 -39.16 9.20 -82.90
CA GLY D 315 -39.64 8.09 -83.70
C GLY D 315 -39.46 8.34 -85.19
N LYS D 316 -38.55 9.25 -85.53
CA LYS D 316 -38.30 9.58 -86.91
C LYS D 316 -36.86 9.25 -87.27
N ALA D 317 -36.69 8.42 -88.29
CA ALA D 317 -35.37 8.00 -88.76
C ALA D 317 -34.44 9.17 -89.10
N GLU D 318 -35.01 10.28 -89.56
CA GLU D 318 -34.21 11.45 -89.91
C GLU D 318 -33.55 12.14 -88.70
N ASN D 319 -33.99 11.78 -87.50
CA ASN D 319 -33.43 12.37 -86.26
C ASN D 319 -32.34 11.49 -85.65
N LYS D 320 -31.74 10.60 -86.43
CA LYS D 320 -30.69 9.72 -85.92
C LYS D 320 -29.50 10.49 -85.35
N LYS D 321 -28.99 11.47 -86.10
CA LYS D 321 -27.85 12.26 -85.62
C LYS D 321 -28.19 12.97 -84.32
N ALA D 322 -29.32 13.67 -84.31
CA ALA D 322 -29.76 14.41 -83.14
C ALA D 322 -29.85 13.47 -81.93
N THR D 323 -30.44 12.31 -82.13
CA THR D 323 -30.59 11.32 -81.06
C THR D 323 -29.25 10.86 -80.51
N GLN D 324 -28.33 10.49 -81.40
CA GLN D 324 -27.00 10.04 -80.99
C GLN D 324 -26.21 11.08 -80.22
N GLU D 325 -26.34 12.34 -80.63
CA GLU D 325 -25.65 13.46 -79.98
C GLU D 325 -26.13 13.70 -78.55
N ALA D 326 -27.45 13.77 -78.37
CA ALA D 326 -28.04 14.00 -77.05
C ALA D 326 -27.60 12.91 -76.07
N PHE D 327 -27.47 11.68 -76.57
CA PHE D 327 -27.03 10.56 -75.75
C PHE D 327 -25.55 10.67 -75.44
N MET D 328 -24.73 10.84 -76.47
CA MET D 328 -23.29 10.96 -76.28
C MET D 328 -22.94 12.13 -75.36
N LYS D 329 -23.80 13.15 -75.32
CA LYS D 329 -23.58 14.30 -74.46
C LYS D 329 -23.77 13.92 -72.99
N ARG D 330 -24.87 13.22 -72.67
CA ARG D 330 -25.12 12.82 -71.29
C ARG D 330 -24.07 11.84 -70.80
N ALA D 331 -23.57 11.02 -71.71
CA ALA D 331 -22.54 10.04 -71.38
C ALA D 331 -21.25 10.72 -70.93
N VAL D 332 -20.79 11.69 -71.71
CA VAL D 332 -19.56 12.43 -71.39
C VAL D 332 -19.72 13.24 -70.10
N VAL D 333 -20.83 13.94 -70.00
CA VAL D 333 -21.15 14.76 -68.84
C VAL D 333 -21.16 13.96 -67.53
N ASN D 334 -21.62 12.72 -67.58
CA ASN D 334 -21.66 11.87 -66.39
C ASN D 334 -20.31 11.22 -66.10
N CYS D 335 -19.45 11.15 -67.11
CA CYS D 335 -18.11 10.59 -66.91
C CYS D 335 -17.25 11.57 -66.12
N GLN D 336 -17.39 12.85 -66.42
CA GLN D 336 -16.62 13.86 -65.71
C GLN D 336 -17.19 14.02 -64.32
N ALA D 337 -18.51 13.88 -64.18
CA ALA D 337 -19.17 13.99 -62.87
C ALA D 337 -18.72 12.83 -61.97
N ALA D 338 -18.40 11.70 -62.58
CA ALA D 338 -17.93 10.52 -61.85
C ALA D 338 -16.50 10.75 -61.39
N LYS D 339 -15.89 11.81 -61.90
CA LYS D 339 -14.51 12.18 -61.55
C LYS D 339 -14.56 13.50 -60.77
N GLY D 340 -15.77 13.99 -60.49
CA GLY D 340 -15.91 15.25 -59.77
C GLY D 340 -15.37 16.43 -60.56
N GLN D 341 -15.41 16.32 -61.89
CA GLN D 341 -14.91 17.36 -62.77
C GLN D 341 -16.01 18.09 -63.52
N TYR D 342 -17.26 17.77 -63.23
CA TYR D 342 -18.37 18.43 -63.92
C TYR D 342 -18.57 19.87 -63.46
N VAL D 343 -18.33 20.80 -64.37
CA VAL D 343 -18.49 22.22 -64.10
C VAL D 343 -19.88 22.67 -64.55
N HIS D 344 -20.73 23.05 -63.61
CA HIS D 344 -22.08 23.48 -63.96
C HIS D 344 -22.16 25.00 -64.01
N THR D 345 -22.30 25.54 -65.23
CA THR D 345 -22.40 26.98 -65.42
C THR D 345 -23.87 27.37 -65.64
N GLY D 346 -24.36 28.34 -64.89
CA GLY D 346 -25.73 28.77 -65.02
C GLY D 346 -26.70 27.95 -64.17
N SER D 347 -27.99 28.18 -64.36
CA SER D 347 -29.02 27.48 -63.60
C SER D 347 -30.39 27.52 -64.27
N SER D 348 -31.38 26.93 -63.61
CA SER D 348 -32.75 26.87 -64.10
C SER D 348 -33.71 27.05 -62.93
N GLY D 349 -35.00 27.08 -63.23
CA GLY D 349 -36.01 27.23 -62.19
C GLY D 349 -36.40 25.88 -61.60
N ALA D 350 -37.69 25.53 -61.70
CA ALA D 350 -38.21 24.27 -61.18
C ALA D 350 -39.62 24.02 -61.71
N ALA D 351 -40.54 23.64 -60.81
CA ALA D 351 -41.95 23.40 -61.12
C ALA D 351 -42.42 22.02 -61.60
N SER D 352 -43.74 21.84 -61.47
CA SER D 352 -44.49 20.64 -61.85
C SER D 352 -44.07 19.22 -61.45
N THR D 353 -44.19 18.93 -60.15
CA THR D 353 -43.90 17.59 -59.64
C THR D 353 -45.28 16.91 -59.63
N GLN D 354 -45.31 15.59 -59.81
CA GLN D 354 -46.58 14.86 -59.85
C GLN D 354 -47.22 14.62 -58.47
N SER D 355 -47.59 15.72 -57.81
CA SER D 355 -48.21 15.71 -56.48
C SER D 355 -47.85 14.64 -55.46
N LEU D 356 -48.78 13.71 -55.26
CA LEU D 356 -48.59 12.64 -54.29
C LEU D 356 -48.11 11.33 -54.89
N PHE D 357 -46.86 11.01 -54.60
CA PHE D 357 -46.24 9.78 -55.07
C PHE D 357 -46.54 8.74 -54.00
N THR D 358 -47.30 7.73 -54.39
N THR D 358 -47.30 7.73 -54.39
CA THR D 358 -47.70 6.67 -53.47
CA THR D 358 -47.69 6.66 -53.46
C THR D 358 -48.04 5.41 -54.27
C THR D 358 -48.00 5.39 -54.24
N ALA D 359 -48.39 5.59 -55.54
N ALA D 359 -48.44 5.54 -55.49
CA ALA D 359 -48.78 4.49 -56.42
CA ALA D 359 -48.81 4.42 -56.34
C ALA D 359 -47.59 3.83 -57.11
C ALA D 359 -47.62 3.86 -57.13
N SER D 360 -46.56 3.50 -56.33
N SER D 360 -46.61 3.35 -56.46
CA SER D 360 -45.37 2.88 -56.89
CA SER D 360 -45.45 2.83 -57.18
C SER D 360 -44.73 1.85 -55.99
C SER D 360 -44.87 1.49 -56.71
N TYR D 361 -43.73 1.19 -56.56
N TYR D 361 -43.57 1.48 -56.41
CA TYR D 361 -42.93 0.16 -55.94
CA TYR D 361 -42.81 0.31 -55.95
C TYR D 361 -42.16 -0.40 -57.10
C TYR D 361 -42.02 -0.36 -57.10
N THR D 362 -42.94 -0.63 -58.14
N THR D 362 -42.78 -1.02 -57.97
CA THR D 362 -42.46 -1.22 -59.37
CA THR D 362 -42.26 -1.81 -59.08
C THR D 362 -42.16 -0.22 -60.50
C THR D 362 -41.30 -1.16 -60.06
N TYR D 363 -40.89 0.05 -60.59
N TYR D 363 -41.14 0.15 -59.93
CA TYR D 363 -40.33 0.76 -61.72
CA TYR D 363 -40.25 0.96 -60.73
C TYR D 363 -39.35 -0.32 -62.32
C TYR D 363 -40.64 2.41 -60.60
S SO4 E . 9.08 -13.57 44.98
O1 SO4 E . 9.08 -12.44 44.09
O2 SO4 E . 8.87 -14.76 44.22
O3 SO4 E . 8.01 -13.43 45.93
O4 SO4 E . 10.33 -13.65 45.67
P6 2FP F . 12.84 -0.10 72.48
O6 2FP F . 12.81 -1.69 72.65
C6 2FP F . 12.47 -2.57 71.57
C5 2FP F . 13.68 -3.39 71.11
O5 2FP F . 13.36 -4.77 71.01
C4 2FP F . 14.25 -2.78 69.80
O4 2FP F . 15.44 -2.10 70.23
C3 2FP F . 14.47 -3.78 68.59
O3 2FP F . 13.24 -4.50 68.30
C2 2FP F . 15.58 -4.86 68.73
O2 2FP F . 15.45 -6.00 68.20
C1 2FP F . 16.88 -4.48 69.42
O1 2FP F . 17.63 -5.60 69.94
O61 2FP F . 14.22 0.32 71.85
O62 2FP F . 11.78 0.42 71.47
O63 2FP F . 12.57 0.65 73.81
P1 2FP F . 17.02 -6.59 71.04
O11 2FP F . 17.73 -6.38 72.39
O12 2FP F . 15.57 -6.28 71.37
O13 2FP F . 17.14 -8.06 70.62
S SO4 G . 22.35 17.45 45.19
O1 SO4 G . 23.24 17.08 44.14
O2 SO4 G . 22.75 16.78 46.38
O3 SO4 G . 21.02 17.02 44.87
O4 SO4 G . 22.32 18.87 45.37
P6 2FP H . 7.46 8.49 21.05
O6 2FP H . 8.32 9.83 21.32
C6 2FP H . 9.70 9.86 21.56
C5 2FP H . 10.04 9.41 22.98
O5 2FP H . 10.48 8.04 23.07
C4 2FP H . 11.04 10.42 23.58
O4 2FP H . 10.77 10.37 24.97
C3 2FP H . 12.58 10.16 23.41
O3 2FP H . 13.29 11.37 23.21
C2 2FP H . 13.12 9.19 22.30
O2 2FP H . 13.90 8.29 22.64
C1 2FP H . 12.71 9.38 20.84
O1 2FP H . 12.57 10.75 20.54
O61 2FP H . 7.85 7.41 22.12
O62 2FP H . 6.01 8.88 21.44
O63 2FP H . 7.62 7.85 19.63
P1 2FP H . 13.80 11.49 19.93
O11 2FP H . 15.02 11.41 20.88
O12 2FP H . 14.45 10.68 18.79
O13 2FP H . 13.67 13.03 19.70
P 13P I . 13.75 8.75 22.25
O1P 13P I . 15.14 8.15 22.70
O2P 13P I . 12.89 7.44 22.06
O3P 13P I . 13.15 9.64 23.37
O1 13P I . 13.90 9.54 20.87
C1 13P I . 12.79 10.21 20.31
C2 13P I . 13.28 11.42 19.56
O2 13P I . 13.89 11.29 18.51
C3 13P I . 13.00 12.81 20.12
O3 13P I . 13.61 13.81 19.33
O1 G3P J . 4.48 9.70 21.62
C1 G3P J . 5.66 9.66 21.89
C2 G3P J . 6.81 9.95 20.92
O2 G3P J . 7.93 9.06 21.23
C3 G3P J . 7.28 11.35 20.99
O1P G3P J . 7.06 11.92 19.72
O4P G3P J . 6.69 13.93 18.13
O2P G3P J . 7.47 14.30 20.59
O3P G3P J . 5.03 13.51 20.03
P G3P J . 6.56 13.41 19.61
S SO4 K . -8.61 -14.92 -50.40
O1 SO4 K . -8.98 -13.55 -50.61
O2 SO4 K . -7.20 -15.07 -50.10
O3 SO4 K . -8.90 -15.65 -51.59
O4 SO4 K . -9.38 -15.42 -49.31
P 13P L . -0.03 -8.92 -24.99
O1P 13P L . -0.29 -10.46 -24.79
O2P 13P L . 0.22 -8.77 -26.56
O3P 13P L . 1.32 -8.59 -24.32
O1 13P L . -1.20 -7.95 -24.46
C1 13P L . -1.31 -6.59 -24.85
C2 13P L . -2.39 -5.84 -24.10
O2 13P L . -3.54 -5.82 -24.53
C3 13P L . -2.04 -5.12 -22.82
O3 13P L . -1.92 -5.95 -21.69
S SO4 M . -24.98 11.42 -39.08
O1 SO4 M . -23.78 11.17 -38.35
O2 SO4 M . -25.56 12.64 -38.66
O3 SO4 M . -25.94 10.41 -38.85
O4 SO4 M . -24.69 11.48 -40.48
P 13P N . -35.08 4.67 -64.43
O1P 13P N . -34.62 5.77 -63.37
O2P 13P N . -34.59 5.30 -65.78
O3P 13P N . -36.62 4.53 -64.40
O1 13P N . -34.28 3.31 -64.19
C1 13P N . -33.17 2.92 -65.00
C2 13P N . -33.39 1.54 -65.55
O2 13P N . -33.09 0.55 -64.88
C3 13P N . -33.98 1.35 -66.93
O3 13P N . -34.14 2.56 -67.65
P 13P O . -34.89 4.80 -64.07
O1P 13P O . -36.09 4.77 -65.09
O2P 13P O . -35.38 4.54 -62.60
O3P 13P O . -34.42 6.28 -64.00
O1 13P O . -33.65 3.84 -64.55
C1 13P O . -32.67 3.18 -63.75
C2 13P O . -32.87 3.21 -62.24
O2 13P O . -32.77 4.27 -61.65
C3 13P O . -33.14 1.93 -61.48
O3 13P O . -33.12 0.77 -62.27
#